data_6L4T
#
_entry.id   6L4T
#
_cell.length_a   1.00
_cell.length_b   1.00
_cell.length_c   1.00
_cell.angle_alpha   90.00
_cell.angle_beta   90.00
_cell.angle_gamma   90.00
#
_symmetry.space_group_name_H-M   'P 1'
#
loop_
_entity.id
_entity.type
_entity.pdbx_description
1 polymer 'Fucoxanthin chlorophyll a/c-binding protein Lhcr12'
2 polymer 'Fucoxanthin chlorophyll a/c-binding protein Lhcr10'
3 polymer 'Fucoxanthin chlorophyll a/c-binding protein Lhcr4'
4 polymer 'Fucoxanthin chlorophyll a/c-binding protein Lhcr3'
5 polymer 'Fucoxanthin chlorophyll a/c-binding protein Lhcq13'
6 polymer 'Fucoxanthin chlorophyll a/c-binding protein Lhcq3'
7 polymer 'Fucoxanthin chlorophyll a/c-binding protein Lhcq11'
8 polymer 'Fucoxanthin chlorophyll a/c-binding protein Lhcq10'
9 polymer 'Fucoxanthin chlorophyll a/c-binding protein Lhcq8'
10 polymer 'Fucoxanthin chlorophyll a/c-binding protein Lhcq5'
11 non-polymer 'CHLOROPHYLL A'
12 non-polymer 'Chlorophyll c1'
13 non-polymer "(3S,3'R,5R,6S,7cis)-7',8'-didehydro-5,6-dihydro-5,6-epoxy-beta,beta-carotene-3,3'-diol"
14 non-polymer "(3S,3'S,5R,5'R,6S,6'R,8'R)-3,5'-dihydroxy-8-oxo-6',7'-didehydro-5,5',6,6',7,8-hexahydro-5,6-epoxy-beta,beta-caroten-3'- yl acetate"
15 non-polymer 1,2-DIPALMITOYL-PHOSPHATIDYL-GLYCEROLE
16 non-polymer 1,2-DISTEAROYL-MONOGALACTOSYL-DIGLYCERIDE
17 non-polymer DODECYL-BETA-D-MALTOSIDE
18 water water
#
loop_
_entity_poly.entity_id
_entity_poly.type
_entity_poly.pdbx_seq_one_letter_code
_entity_poly.pdbx_strand_id
1 'polypeptide(L)'
;MKLALLASLIASAAAFAPSSSTGAARASTALDAGKKSQALPFLPYPENLAGYVGDAGFDPFRFSDFAPMDFLREAEIKHG
RICMLAWLGFVAVDLGARIYPLPEAYEGLTAVTAHDALVQQGAMSQIFLWCSVFEAISTVSVIQMLYEESGREPGYFGFD
PLGFLNGKSEAEVNEMKLKEIKNGRLAMLAFSGVVTQAVLTQGPFPYV
;
6
2 'polypeptide(L)'
;LLQGFSRWLVFFVSIRIIRHPCRPPYHETYSSSNTFLSIQYIEQSHSARQTSLSLLLITPLTLVLYLAIYTILKMFKTAA
AITSLLAASASAFAPSSFNGRISTAVAAEKSQSLPFMNRPPLLDGSMAGDVGFDPLGLSNIDDVGIDLYWLREAEIKHCR
VAMLAVVGILQVEIFGPAPGCEMATDKCQMDAFWQIWGAHPQYIAFGLIMIMMIEMISGIATTQGRESGERAPGDFGLDP
LGYGKGDAAGYARLQAQEIANGRLAMFAAAGEIMQGCTTHQGALENLMTALRDNSF
;
7
3 'polypeptide(L)'
;LRSIHHLIASHRRLFKFIRHYTINKMKSALIATALLAGSAAAFTSNAGSQSTSALKAMPERLWDSMVDKTERSKAVPFLP
RAVNLDGSLPGDVGFDPFYLSSIPKDFSGFIQPPQWEEKGIPTLYWMREAELKHCRVAMLAWFGWLATDGAFGVTLRFPG
EIYSVENIPTAYEAHNALVSQGSMGFLLLAVGFIEFCTGAVLVEVAKGASDREAGDFKLDPLSFLKGKSEEEIKRMKTRE
IANGRLAMLAFGGVATQTALEGGNHAFPYF
;
8
4 'polypeptide(L)'
;MKSVAILAALFGSATAFVPSQVSRTAASTSVKASLADMVGAEGPEPIPFAPSKTSKNFDPVGFAERSPEWLPWYREAELK
HGRAAMLATVGFVVPEFIRVPGEQFSFEAIPKVIDAHDALPESMIQIFGWISFLEACTFPAMAGLGGKYDRKPGDFSFDP
LGLYPTDPEKQKQMQLAELKNGRLAMIAIGGMVTGAAVTGHGFPYLP
;
10
5 'polypeptide(L)'
;MKTAAIFALLAGSAAAFAPTTVSPRASTVAHMSSINEAFGISIETGNKCPPLGARILEDAQPSAIKWFQNAEIKHGRIAM
VATIGYLVQKLGVHFPLYLGPSGSNCFHPESETAWLLSSSTGVTFSDIAKAAPLDAIQMVPVAGWMQIFFVAGWFESVAY
YRQWVKNSPIPGDYGYDPLGFTKREGGWDSEELTSLRLKEIKNGRLAMMTIAAWVSDEMIPGALPVWHP
;
11
6 'polypeptide(L)'
;MKSVLFLALAGSAAAFAPSTQSRSNTLLKADLSSLPGSTAPVGPFDPLNLADSGSEETLAWFRASELKHGRVAMLATTGY
LVQGAGIHFPGMLSSDVSFESLSAMKPLEAWDAVPDAGKAQILGTIFIAEMITESKPVHYTKGGPMPTMVFPAIDFSGVD
AATLKRKQDSELNNGRLAMIAIMSFISAANIPGSVPALTNNPAF
;
12
7 'polypeptide(L)'
;MKLAILTTLLAGASAFTTPNARPAFATKLSMSEEAAAEEAPAADAPEEVVEPASPSYTCISKEAILSSPDTTEIGRVWDP
LGLAEIGSAETLAWYRHSEVKHGRIAMAAFVGWWAVGAGLRFPGELSHGLEFSSIPSKGLEAWDAVPGWGKAQMLLFAGL
IEFHDELFHTRRTEGGHYLRGGTPGKNMVPGLFDPFGFSKGKSEEELAKGRDREIKNGRLAMIGVAGLYCAATIPGSVPL
QPPC
;
13
8 'polypeptide(L)'
;MKIILSGLALLASSVAAFAPQSIISANANNKNANVVLEAAKDDLIAIAEKSNPVLKYYDPLQLGSTTIWGETNSATIGFL
RQSEIKHGRIAMAAFVGYIVQANGIHFPWPMSFDGTPFPADAGSPPEQWDALSDAAKWQIILFIGFLEWFSEAAGKHYMR
GGKPGAFPNFSDSDLIPHPVPLNLYDPFGFSKGKTEAQKADGLIKELNNGRLAMIGIMGFLAEQKVEGSVPLLKGVVPHY
DGEVMAPFM
;
14
9 'polypeptide(L)'
;MDNKIAGYNIIIHTIISSINMKFSLVVLSSLVVASSNGVTAFAPSSSTTSTSTTALSSSASKAELEAIAKKANPTLGYYD
PLSLADKDFWGKGNDATIAFLRQSEIKHGRIAMFAFVGYIVQSNFVFPWAQTLAGAPHPSADLSPEAQWDAIPLGAKWQI
FAVISALELWDECGGGGVLPHYTKGRKPGQYPPFTLFRDNVHFVLDLYDPFGFNKNMSEETKERRLVSELNNGRLAMLGI
FGFLCADTIPGSVPLLNDIAIPYSGQVMQPFEGQFSYFGSL
;
15
10 'polypeptide(L)'
;MKIATLFLALASSAAAFAPSQQVRSMTNEKMKPRQARNNFALNMKVDEMPGATAPLGKFDPLNLATLGSESTLAWFRAAE
LKHSRVAMLATTGYLVQAAGIHFPGMLSSDVSFESLSAMKPLDAWDAVPEGGKNQIYFTIFLAEFITECKGTHYTKGGPL
PTIVFPPIDFSTVNPEQLKTRQNRELNNGRLAMIAIMSFVAAANIPGSVPALAGNPMF
;
16
#
# COMPACT_ATOMS: atom_id res chain seq x y z
N LYS A 35 -4.39 59.58 -10.98
CA LYS A 35 -3.88 58.26 -10.65
C LYS A 35 -4.68 57.20 -11.37
N LYS A 36 -4.01 56.09 -11.72
CA LYS A 36 -4.62 54.91 -12.35
C LYS A 36 -5.28 55.28 -13.68
N SER A 37 -4.39 55.48 -14.67
CA SER A 37 -4.71 55.66 -16.09
C SER A 37 -5.87 54.80 -16.56
N GLN A 38 -6.76 55.42 -17.34
CA GLN A 38 -8.02 54.78 -17.69
C GLN A 38 -7.83 53.64 -18.69
N ALA A 39 -7.02 53.87 -19.72
CA ALA A 39 -6.77 52.86 -20.72
C ALA A 39 -5.97 51.69 -20.17
N LEU A 40 -5.06 51.98 -19.24
CA LEU A 40 -4.16 50.98 -18.66
C LEU A 40 -4.32 51.07 -17.15
N PRO A 41 -5.32 50.38 -16.58
CA PRO A 41 -5.62 50.55 -15.15
C PRO A 41 -4.57 49.98 -14.21
N PHE A 42 -3.64 49.19 -14.72
CA PHE A 42 -2.54 48.64 -13.95
C PHE A 42 -1.33 49.57 -13.94
N LEU A 43 -1.42 50.73 -14.57
CA LEU A 43 -0.35 51.68 -14.69
C LEU A 43 -0.77 53.03 -14.12
N PRO A 44 0.15 53.80 -13.54
CA PRO A 44 -0.21 55.13 -13.05
C PRO A 44 -0.46 56.10 -14.19
N TYR A 45 -1.16 57.17 -13.86
CA TYR A 45 -1.59 58.12 -14.88
C TYR A 45 -0.44 59.07 -15.21
N PRO A 46 -0.07 59.21 -16.49
CA PRO A 46 0.94 60.22 -16.87
C PRO A 46 0.34 61.61 -16.79
N GLU A 47 0.94 62.46 -15.95
CA GLU A 47 0.33 63.72 -15.57
C GLU A 47 0.43 64.81 -16.63
N ASN A 48 1.23 64.61 -17.67
CA ASN A 48 1.34 65.62 -18.71
C ASN A 48 0.23 65.56 -19.74
N LEU A 49 -0.63 64.55 -19.69
CA LEU A 49 -1.74 64.45 -20.62
C LEU A 49 -2.95 65.25 -20.16
N ALA A 50 -2.93 65.78 -18.95
CA ALA A 50 -4.10 66.43 -18.37
C ALA A 50 -4.37 67.76 -19.06
N GLY A 51 -5.57 67.90 -19.61
CA GLY A 51 -5.94 69.10 -20.33
C GLY A 51 -6.27 68.86 -21.78
N TYR A 52 -5.52 67.99 -22.44
CA TYR A 52 -5.73 67.73 -23.85
C TYR A 52 -6.89 66.77 -24.04
N VAL A 53 -7.47 66.80 -25.24
CA VAL A 53 -8.85 66.35 -25.40
C VAL A 53 -8.99 64.86 -25.74
N GLY A 54 -7.97 64.23 -26.31
CA GLY A 54 -8.06 62.82 -26.60
C GLY A 54 -7.60 61.93 -25.47
N ASP A 55 -7.69 62.45 -24.25
CA ASP A 55 -7.02 61.87 -23.09
C ASP A 55 -7.72 60.60 -22.66
N ALA A 56 -7.10 59.46 -22.92
CA ALA A 56 -7.48 58.19 -22.35
C ALA A 56 -6.46 57.71 -21.34
N GLY A 57 -5.50 58.56 -20.98
CA GLY A 57 -4.41 58.16 -20.11
C GLY A 57 -3.46 57.17 -20.74
N PHE A 58 -3.41 57.10 -22.06
CA PHE A 58 -2.63 56.11 -22.77
C PHE A 58 -1.30 56.74 -23.19
N ASP A 59 -0.31 56.63 -22.31
CA ASP A 59 1.08 56.92 -22.67
C ASP A 59 1.97 56.04 -21.82
N PRO A 60 2.05 54.74 -22.12
CA PRO A 60 2.89 53.86 -21.31
C PRO A 60 4.37 54.06 -21.52
N PHE A 61 4.78 54.52 -22.70
CA PHE A 61 6.20 54.70 -22.96
C PHE A 61 6.71 56.05 -22.48
N ARG A 62 5.81 56.90 -21.98
CA ARG A 62 6.11 58.21 -21.38
C ARG A 62 6.82 59.13 -22.36
N PHE A 63 6.26 59.24 -23.56
CA PHE A 63 6.79 60.17 -24.55
C PHE A 63 6.54 61.61 -24.13
N SER A 64 5.50 61.86 -23.33
CA SER A 64 5.21 63.21 -22.85
C SER A 64 6.22 63.71 -21.85
N ASP A 65 6.97 62.81 -21.20
CA ASP A 65 8.01 63.24 -20.29
C ASP A 65 9.30 63.63 -21.00
N PHE A 66 9.42 63.35 -22.30
CA PHE A 66 10.56 63.75 -23.09
C PHE A 66 10.26 64.93 -24.00
N ALA A 67 9.19 64.85 -24.74
CA ALA A 67 8.79 65.88 -25.68
C ALA A 67 7.71 66.78 -25.07
N PRO A 68 7.62 68.04 -25.50
CA PRO A 68 6.49 68.86 -25.07
C PRO A 68 5.19 68.36 -25.69
N MET A 69 4.12 68.42 -24.91
CA MET A 69 2.85 67.87 -25.36
C MET A 69 2.20 68.70 -26.45
N ASP A 70 2.59 69.96 -26.60
CA ASP A 70 2.13 70.72 -27.76
C ASP A 70 2.80 70.22 -29.04
N PHE A 71 4.05 69.76 -28.94
CA PHE A 71 4.72 69.16 -30.09
C PHE A 71 4.12 67.81 -30.43
N LEU A 72 3.78 67.02 -29.41
CA LEU A 72 3.23 65.69 -29.65
C LEU A 72 1.80 65.75 -30.17
N ARG A 73 1.01 66.71 -29.70
CA ARG A 73 -0.35 66.83 -30.20
C ARG A 73 -0.37 67.37 -31.63
N GLU A 74 0.51 68.32 -31.93
CA GLU A 74 0.61 68.83 -33.29
C GLU A 74 1.07 67.74 -34.26
N ALA A 75 1.95 66.85 -33.79
CA ALA A 75 2.35 65.72 -34.63
C ALA A 75 1.25 64.69 -34.77
N GLU A 76 0.35 64.59 -33.78
CA GLU A 76 -0.72 63.59 -33.88
C GLU A 76 -1.84 64.06 -34.81
N ILE A 77 -2.22 65.33 -34.73
CA ILE A 77 -3.26 65.83 -35.61
C ILE A 77 -2.75 65.92 -37.04
N LYS A 78 -1.48 66.26 -37.23
CA LYS A 78 -0.94 66.34 -38.59
C LYS A 78 -0.81 64.96 -39.21
N HIS A 79 -0.33 63.97 -38.46
CA HIS A 79 -0.32 62.60 -38.92
C HIS A 79 -1.73 62.10 -39.22
N GLY A 80 -2.70 62.50 -38.39
CA GLY A 80 -4.06 62.02 -38.59
C GLY A 80 -4.76 62.69 -39.75
N ARG A 81 -4.52 63.98 -39.96
CA ARG A 81 -5.14 64.69 -41.07
C ARG A 81 -4.61 64.22 -42.41
N ILE A 82 -3.35 63.77 -42.44
CA ILE A 82 -2.78 63.24 -43.67
C ILE A 82 -3.42 61.90 -44.02
N CYS A 83 -3.52 60.99 -43.04
CA CYS A 83 -4.09 59.68 -43.32
C CYS A 83 -5.59 59.70 -43.53
N MET A 84 -6.28 60.72 -43.02
CA MET A 84 -7.67 60.88 -43.42
C MET A 84 -7.76 61.18 -44.92
N LEU A 85 -6.88 62.04 -45.41
CA LEU A 85 -6.83 62.30 -46.85
C LEU A 85 -6.22 61.13 -47.60
N ALA A 86 -5.22 60.46 -47.00
CA ALA A 86 -4.52 59.41 -47.71
C ALA A 86 -5.35 58.14 -47.81
N TRP A 87 -6.22 57.88 -46.84
CA TRP A 87 -7.13 56.75 -46.99
C TRP A 87 -8.18 57.04 -48.05
N LEU A 88 -8.76 58.25 -48.02
CA LEU A 88 -9.75 58.61 -49.03
C LEU A 88 -9.10 58.79 -50.40
N GLY A 89 -7.83 59.14 -50.44
CA GLY A 89 -7.14 59.21 -51.71
C GLY A 89 -6.63 57.88 -52.22
N PHE A 90 -6.48 56.89 -51.33
CA PHE A 90 -6.11 55.56 -51.79
C PHE A 90 -7.33 54.80 -52.27
N VAL A 91 -8.40 54.78 -51.46
CA VAL A 91 -9.55 53.95 -51.79
C VAL A 91 -10.45 54.54 -52.85
N ALA A 92 -10.24 55.78 -53.26
CA ALA A 92 -11.01 56.32 -54.37
C ALA A 92 -10.33 56.11 -55.71
N VAL A 93 -9.00 56.18 -55.74
CA VAL A 93 -8.26 56.00 -57.00
C VAL A 93 -8.38 54.56 -57.49
N ASP A 94 -8.20 53.59 -56.60
CA ASP A 94 -8.28 52.20 -57.02
C ASP A 94 -9.72 51.71 -57.16
N LEU A 95 -10.70 52.52 -56.77
CA LEU A 95 -12.11 52.29 -57.11
C LEU A 95 -12.48 52.90 -58.45
N GLY A 96 -11.50 53.37 -59.22
CA GLY A 96 -11.73 53.81 -60.57
C GLY A 96 -11.90 55.31 -60.74
N ALA A 97 -11.98 56.08 -59.66
CA ALA A 97 -12.20 57.51 -59.78
C ALA A 97 -10.92 58.18 -60.25
N ARG A 98 -11.00 58.86 -61.38
CA ARG A 98 -9.89 59.60 -61.95
C ARG A 98 -10.30 61.06 -62.14
N ILE A 99 -9.31 61.93 -62.29
CA ILE A 99 -9.61 63.32 -62.60
C ILE A 99 -10.04 63.43 -64.06
N TYR A 100 -10.69 64.55 -64.38
CA TYR A 100 -11.20 64.79 -65.71
C TYR A 100 -10.83 66.19 -66.16
N PRO A 101 -10.17 66.36 -67.32
CA PRO A 101 -9.73 65.32 -68.25
C PRO A 101 -8.42 64.67 -67.79
N LEU A 102 -8.38 63.35 -67.87
CA LEU A 102 -7.23 62.61 -67.35
C LEU A 102 -6.03 62.80 -68.26
N PRO A 103 -4.87 63.14 -67.72
CA PRO A 103 -3.65 63.20 -68.53
C PRO A 103 -3.26 61.82 -69.02
N GLU A 104 -2.61 61.80 -70.18
CA GLU A 104 -2.20 60.53 -70.77
C GLU A 104 -1.05 59.88 -70.03
N ALA A 105 -0.30 60.65 -69.23
CA ALA A 105 0.71 60.05 -68.37
C ALA A 105 0.12 59.55 -67.06
N TYR A 106 -1.13 59.90 -66.75
CA TYR A 106 -1.82 59.40 -65.58
C TYR A 106 -2.54 58.07 -65.84
N GLU A 107 -2.58 57.62 -67.09
CA GLU A 107 -3.43 56.50 -67.45
C GLU A 107 -2.72 55.17 -67.22
N GLY A 108 -3.51 54.16 -66.86
CA GLY A 108 -2.96 52.85 -66.60
C GLY A 108 -2.26 52.72 -65.27
N LEU A 109 -2.71 53.44 -64.25
CA LEU A 109 -2.07 53.45 -62.95
C LEU A 109 -3.08 53.11 -61.87
N THR A 110 -2.68 52.25 -60.94
CA THR A 110 -3.43 52.03 -59.72
C THR A 110 -2.88 52.95 -58.64
N ALA A 111 -3.43 52.83 -57.43
CA ALA A 111 -2.98 53.67 -56.32
C ALA A 111 -1.59 53.29 -55.83
N VAL A 112 -1.14 52.07 -56.09
CA VAL A 112 0.21 51.65 -55.73
C VAL A 112 1.23 52.25 -56.69
N THR A 113 0.97 52.12 -57.99
CA THR A 113 1.92 52.50 -59.03
C THR A 113 1.99 54.02 -59.22
N ALA A 114 1.06 54.77 -58.65
CA ALA A 114 0.93 56.20 -58.96
C ALA A 114 2.04 57.05 -58.36
N HIS A 115 2.79 56.54 -57.38
CA HIS A 115 3.88 57.34 -56.86
C HIS A 115 5.06 57.36 -57.82
N ASP A 116 5.57 56.18 -58.18
CA ASP A 116 6.79 56.09 -58.96
C ASP A 116 6.61 56.55 -60.40
N ALA A 117 5.38 56.46 -60.92
CA ALA A 117 5.14 56.92 -62.28
C ALA A 117 5.03 58.43 -62.37
N LEU A 118 4.68 59.09 -61.27
CA LEU A 118 4.43 60.53 -61.30
C LEU A 118 5.51 61.34 -60.60
N VAL A 119 6.54 60.70 -60.06
CA VAL A 119 7.79 61.42 -59.82
C VAL A 119 8.49 61.68 -61.15
N GLN A 120 8.39 60.74 -62.08
CA GLN A 120 8.92 60.93 -63.41
C GLN A 120 8.13 62.00 -64.17
N GLN A 121 6.81 62.01 -64.00
CA GLN A 121 5.99 63.03 -64.65
C GLN A 121 6.11 64.38 -63.99
N GLY A 122 6.50 64.44 -62.72
CA GLY A 122 6.58 65.68 -62.00
C GLY A 122 5.33 66.05 -61.23
N ALA A 123 4.33 65.18 -61.19
CA ALA A 123 3.12 65.47 -60.43
C ALA A 123 3.38 65.42 -58.93
N MET A 124 4.26 64.53 -58.49
CA MET A 124 4.58 64.45 -57.07
C MET A 124 5.42 65.64 -56.64
N SER A 125 6.25 66.18 -57.52
CA SER A 125 7.04 67.36 -57.17
C SER A 125 6.21 68.62 -57.15
N GLN A 126 5.05 68.63 -57.81
CA GLN A 126 4.16 69.77 -57.72
C GLN A 126 3.44 69.80 -56.38
N ILE A 127 2.97 68.65 -55.91
CA ILE A 127 2.32 68.60 -54.60
C ILE A 127 3.36 68.74 -53.49
N PHE A 128 4.58 68.24 -53.70
CA PHE A 128 5.62 68.40 -52.70
C PHE A 128 6.07 69.85 -52.61
N LEU A 129 5.93 70.61 -53.70
CA LEU A 129 6.25 72.03 -53.67
C LEU A 129 5.29 72.79 -52.79
N TRP A 130 3.99 72.59 -52.98
CA TRP A 130 2.99 73.32 -52.22
C TRP A 130 2.81 72.77 -50.82
N CYS A 131 3.19 71.51 -50.57
CA CYS A 131 3.26 71.05 -49.19
C CYS A 131 4.46 71.64 -48.49
N SER A 132 5.57 71.85 -49.20
CA SER A 132 6.73 72.47 -48.59
C SER A 132 6.51 73.96 -48.36
N VAL A 133 5.64 74.59 -49.14
CA VAL A 133 5.32 75.99 -48.92
C VAL A 133 4.51 76.14 -47.64
N PHE A 134 3.52 75.28 -47.44
CA PHE A 134 2.69 75.33 -46.24
C PHE A 134 3.48 74.91 -45.01
N GLU A 135 4.36 73.92 -45.16
CA GLU A 135 5.11 73.44 -44.01
C GLU A 135 6.25 74.37 -43.62
N ALA A 136 6.71 75.23 -44.54
CA ALA A 136 7.71 76.23 -44.18
C ALA A 136 7.07 77.32 -43.33
N ILE A 137 5.81 77.67 -43.60
CA ILE A 137 5.11 78.62 -42.75
C ILE A 137 4.74 77.96 -41.42
N SER A 138 4.36 76.68 -41.46
CA SER A 138 4.01 76.00 -40.24
C SER A 138 5.23 75.62 -39.40
N THR A 139 6.43 75.67 -39.99
CA THR A 139 7.64 75.55 -39.19
C THR A 139 7.81 76.78 -38.30
N VAL A 140 7.44 77.96 -38.81
CA VAL A 140 7.49 79.18 -38.02
C VAL A 140 6.45 79.14 -36.92
N SER A 141 5.25 78.63 -37.22
CA SER A 141 4.17 78.62 -36.24
C SER A 141 4.37 77.56 -35.16
N VAL A 142 5.04 76.44 -35.48
CA VAL A 142 5.33 75.44 -34.47
C VAL A 142 6.42 75.93 -33.53
N ILE A 143 7.46 76.56 -34.09
CA ILE A 143 8.54 77.14 -33.28
C ILE A 143 8.02 78.27 -32.41
N GLN A 144 7.11 79.09 -32.95
CA GLN A 144 6.49 80.13 -32.16
C GLN A 144 5.56 79.57 -31.09
N MET A 145 4.99 78.38 -31.32
CA MET A 145 4.09 77.78 -30.35
C MET A 145 4.85 77.23 -29.14
N LEU A 146 5.99 76.61 -29.37
CA LEU A 146 6.74 75.98 -28.29
C LEU A 146 7.69 76.93 -27.59
N TYR A 147 8.25 77.90 -28.28
CA TYR A 147 9.35 78.69 -27.75
C TYR A 147 9.11 80.19 -27.74
N GLU A 148 8.03 80.69 -28.34
CA GLU A 148 7.73 82.10 -28.33
C GLU A 148 6.40 82.43 -27.68
N GLU A 149 5.64 81.42 -27.25
CA GLU A 149 4.40 81.55 -26.49
C GLU A 149 3.35 82.37 -27.23
N SER A 150 2.97 81.86 -28.40
CA SER A 150 1.92 82.50 -29.19
C SER A 150 0.53 82.20 -28.68
N GLY A 151 0.37 81.22 -27.80
CA GLY A 151 -0.94 80.81 -27.38
C GLY A 151 -1.71 80.05 -28.42
N ARG A 152 -1.04 79.55 -29.44
CA ARG A 152 -1.69 78.81 -30.52
C ARG A 152 -1.91 77.37 -30.09
N GLU A 153 -3.14 76.88 -30.27
CA GLU A 153 -3.42 75.49 -30.00
C GLU A 153 -2.72 74.61 -31.03
N PRO A 154 -2.29 73.42 -30.64
CA PRO A 154 -1.71 72.49 -31.61
C PRO A 154 -2.75 72.03 -32.62
N GLY A 155 -2.40 72.12 -33.90
CA GLY A 155 -3.31 71.77 -34.97
C GLY A 155 -4.25 72.86 -35.39
N TYR A 156 -4.16 74.04 -34.80
CA TYR A 156 -4.97 75.18 -35.19
C TYR A 156 -4.31 75.91 -36.35
N PHE A 157 -5.08 76.17 -37.40
CA PHE A 157 -4.62 77.00 -38.49
C PHE A 157 -5.62 78.09 -38.87
N GLY A 158 -6.72 78.22 -38.14
CA GLY A 158 -7.72 79.20 -38.49
C GLY A 158 -8.56 78.85 -39.68
N PHE A 159 -8.54 77.59 -40.12
CA PHE A 159 -9.22 77.18 -41.33
C PHE A 159 -10.59 76.65 -40.97
N ASP A 160 -11.60 77.52 -41.01
CA ASP A 160 -13.00 77.12 -40.86
C ASP A 160 -13.88 78.01 -41.72
N PRO A 161 -13.84 77.83 -43.05
CA PRO A 161 -14.62 78.72 -43.91
C PRO A 161 -16.10 78.39 -43.95
N LEU A 162 -16.46 77.12 -43.72
CA LEU A 162 -17.84 76.70 -43.83
C LEU A 162 -18.67 77.04 -42.59
N GLY A 163 -18.07 77.64 -41.58
CA GLY A 163 -18.85 78.11 -40.46
C GLY A 163 -19.26 77.05 -39.47
N PHE A 164 -18.32 76.25 -38.98
CA PHE A 164 -18.56 75.49 -37.78
C PHE A 164 -18.02 76.26 -36.59
N LEU A 165 -18.30 75.73 -35.38
CA LEU A 165 -17.96 76.36 -34.10
C LEU A 165 -18.52 77.77 -34.00
N ASN A 166 -19.79 77.96 -34.37
CA ASN A 166 -20.42 79.27 -34.42
C ASN A 166 -20.73 79.73 -33.00
N GLY A 167 -19.74 80.34 -32.36
CA GLY A 167 -19.88 80.78 -30.98
C GLY A 167 -20.16 79.68 -29.99
N LYS A 168 -19.77 78.45 -30.30
CA LYS A 168 -20.13 77.29 -29.51
C LYS A 168 -19.38 77.27 -28.19
N SER A 169 -19.92 76.51 -27.25
CA SER A 169 -19.25 76.32 -25.97
C SER A 169 -17.98 75.52 -26.18
N GLU A 170 -17.01 75.72 -25.28
CA GLU A 170 -15.74 75.04 -25.40
C GLU A 170 -15.86 73.56 -25.10
N ALA A 171 -16.90 73.14 -24.38
CA ALA A 171 -17.21 71.72 -24.27
C ALA A 171 -17.78 71.16 -25.55
N GLU A 172 -18.39 71.99 -26.39
CA GLU A 172 -18.85 71.58 -27.71
C GLU A 172 -17.75 71.68 -28.75
N VAL A 173 -16.79 72.59 -28.56
CA VAL A 173 -15.63 72.64 -29.44
C VAL A 173 -14.70 71.48 -29.16
N ASN A 174 -14.52 71.13 -27.88
CA ASN A 174 -13.71 69.97 -27.53
C ASN A 174 -14.38 68.67 -27.91
N GLU A 175 -15.70 68.67 -28.04
CA GLU A 175 -16.38 67.49 -28.58
C GLU A 175 -16.10 67.33 -30.06
N MET A 176 -15.80 68.43 -30.75
CA MET A 176 -15.41 68.34 -32.15
C MET A 176 -13.92 68.05 -32.31
N LYS A 177 -13.10 68.52 -31.38
CA LYS A 177 -11.67 68.19 -31.44
C LYS A 177 -11.43 66.73 -31.13
N LEU A 178 -12.27 66.12 -30.31
CA LEU A 178 -12.20 64.69 -30.10
C LEU A 178 -12.61 63.91 -31.34
N LYS A 179 -13.52 64.47 -32.14
CA LYS A 179 -13.93 63.79 -33.35
C LYS A 179 -12.86 63.86 -34.44
N GLU A 180 -12.06 64.94 -34.44
CA GLU A 180 -10.96 65.03 -35.39
C GLU A 180 -9.85 64.05 -35.05
N ILE A 181 -9.56 63.89 -33.76
CA ILE A 181 -8.44 63.05 -33.37
C ILE A 181 -8.81 61.58 -33.42
N LYS A 182 -10.05 61.23 -33.06
CA LYS A 182 -10.46 59.84 -33.07
C LYS A 182 -10.63 59.33 -34.50
N ASN A 183 -11.21 60.14 -35.38
CA ASN A 183 -11.22 59.78 -36.79
C ASN A 183 -9.84 59.88 -37.39
N GLY A 184 -9.00 60.77 -36.86
CA GLY A 184 -7.62 60.83 -37.30
C GLY A 184 -6.84 59.61 -36.90
N ARG A 185 -6.97 59.18 -35.64
CA ARG A 185 -6.30 57.98 -35.17
C ARG A 185 -6.81 56.73 -35.88
N LEU A 186 -8.09 56.71 -36.24
CA LEU A 186 -8.65 55.58 -36.96
C LEU A 186 -8.09 55.50 -38.37
N ALA A 187 -7.93 56.65 -39.03
CA ALA A 187 -7.45 56.68 -40.40
C ALA A 187 -5.97 56.33 -40.50
N MET A 188 -5.21 56.55 -39.43
CA MET A 188 -3.80 56.17 -39.45
C MET A 188 -3.63 54.67 -39.46
N LEU A 189 -4.49 53.96 -38.74
CA LEU A 189 -4.49 52.50 -38.82
C LEU A 189 -5.26 52.00 -40.03
N ALA A 190 -6.23 52.79 -40.50
CA ALA A 190 -6.96 52.40 -41.70
C ALA A 190 -6.10 52.51 -42.94
N PHE A 191 -5.35 53.60 -43.07
CA PHE A 191 -4.47 53.74 -44.22
C PHE A 191 -3.34 52.72 -44.17
N SER A 192 -2.87 52.41 -42.97
CA SER A 192 -1.77 51.47 -42.80
C SER A 192 -2.15 50.07 -43.25
N GLY A 193 -3.42 49.72 -43.13
CA GLY A 193 -3.90 48.46 -43.65
C GLY A 193 -4.15 48.48 -45.13
N VAL A 194 -4.70 49.59 -45.64
CA VAL A 194 -5.10 49.62 -47.04
C VAL A 194 -3.88 49.74 -47.96
N VAL A 195 -2.72 50.13 -47.43
CA VAL A 195 -1.52 50.21 -48.26
C VAL A 195 -0.61 49.00 -48.05
N THR A 196 -0.74 48.29 -46.93
CA THR A 196 0.01 47.06 -46.74
C THR A 196 -0.66 45.91 -47.46
N GLN A 197 -1.99 45.81 -47.33
CA GLN A 197 -2.75 44.80 -48.04
C GLN A 197 -2.80 45.07 -49.55
N ALA A 198 -2.54 46.30 -49.99
CA ALA A 198 -2.51 46.59 -51.41
C ALA A 198 -1.31 45.95 -52.08
N VAL A 199 -0.11 46.22 -51.58
CA VAL A 199 1.09 45.69 -52.20
C VAL A 199 1.36 44.24 -51.80
N LEU A 200 0.53 43.67 -50.92
CA LEU A 200 0.62 42.25 -50.64
C LEU A 200 -0.17 41.42 -51.64
N THR A 201 -1.25 41.97 -52.19
CA THR A 201 -2.14 41.21 -53.06
C THR A 201 -2.25 41.78 -54.47
N GLN A 202 -2.29 43.11 -54.60
CA GLN A 202 -2.59 43.83 -55.84
C GLN A 202 -3.90 43.36 -56.46
N GLY A 203 -4.95 43.36 -55.64
CA GLY A 203 -6.24 42.87 -56.06
C GLY A 203 -7.27 43.96 -56.25
N PRO A 204 -8.54 43.63 -56.04
CA PRO A 204 -9.61 44.62 -56.11
C PRO A 204 -9.68 45.43 -54.81
N PHE A 205 -10.63 46.37 -54.78
CA PHE A 205 -10.74 47.41 -53.76
C PHE A 205 -10.69 46.96 -52.29
N PRO A 206 -11.41 45.94 -51.82
CA PRO A 206 -11.41 45.66 -50.38
C PRO A 206 -10.10 45.13 -49.81
N TYR A 207 -9.05 44.98 -50.62
CA TYR A 207 -7.72 44.76 -50.09
C TYR A 207 -6.73 45.75 -50.66
N VAL A 208 -6.95 46.22 -51.88
CA VAL A 208 -5.98 47.13 -52.49
C VAL A 208 -6.29 48.54 -52.02
N GLU B 109 11.90 29.18 13.12
CA GLU B 109 10.71 28.73 12.38
C GLU B 109 11.11 27.99 11.12
N LYS B 110 10.49 26.83 10.91
CA LYS B 110 10.85 25.95 9.82
C LYS B 110 9.89 26.12 8.65
N SER B 111 10.40 25.84 7.45
CA SER B 111 9.58 25.86 6.26
C SER B 111 8.61 24.69 6.27
N GLN B 112 7.45 24.89 5.62
CA GLN B 112 6.45 23.83 5.58
C GLN B 112 6.86 22.72 4.61
N SER B 113 7.36 23.10 3.44
CA SER B 113 7.65 22.13 2.40
C SER B 113 8.92 21.36 2.71
N LEU B 114 9.91 22.03 3.30
CA LEU B 114 11.17 21.42 3.69
C LEU B 114 11.31 21.62 5.19
N PRO B 115 10.73 20.74 6.02
CA PRO B 115 10.71 20.97 7.46
C PRO B 115 12.05 20.81 8.16
N PHE B 116 13.08 20.35 7.46
CA PHE B 116 14.44 20.34 7.97
C PHE B 116 15.12 21.71 7.81
N MET B 117 14.54 22.60 7.02
CA MET B 117 15.13 23.90 6.70
C MET B 117 14.39 25.02 7.40
N ASN B 118 15.11 26.09 7.70
CA ASN B 118 14.48 27.30 8.22
C ASN B 118 13.66 27.97 7.13
N ARG B 119 12.69 28.76 7.56
CA ARG B 119 11.82 29.44 6.62
C ARG B 119 12.56 30.59 5.96
N PRO B 120 12.39 30.79 4.66
CA PRO B 120 12.97 31.98 4.00
C PRO B 120 12.33 33.24 4.53
N PRO B 121 13.14 34.29 4.78
CA PRO B 121 12.63 35.43 5.56
C PRO B 121 11.63 36.29 4.82
N LEU B 122 11.75 36.44 3.51
CA LEU B 122 10.80 37.28 2.78
C LEU B 122 9.52 36.53 2.42
N LEU B 123 9.47 35.23 2.65
CA LEU B 123 8.26 34.43 2.42
C LEU B 123 7.55 34.26 3.76
N ASP B 124 6.38 34.88 3.90
CA ASP B 124 5.67 34.87 5.16
C ASP B 124 4.22 34.40 5.00
N GLY B 125 3.92 33.66 3.94
CA GLY B 125 2.58 33.16 3.72
C GLY B 125 1.57 34.18 3.26
N SER B 126 2.01 35.41 2.95
CA SER B 126 1.07 36.42 2.48
C SER B 126 0.66 36.18 1.04
N MET B 127 1.53 35.57 0.23
CA MET B 127 1.21 35.25 -1.14
C MET B 127 0.37 33.97 -1.19
N ALA B 128 -0.02 33.59 -2.40
CA ALA B 128 -1.03 32.55 -2.56
C ALA B 128 -0.46 31.15 -2.32
N GLY B 129 0.51 30.74 -3.12
CA GLY B 129 1.02 29.38 -3.01
C GLY B 129 2.24 29.26 -2.13
N ASP B 130 2.27 29.99 -1.03
CA ASP B 130 3.45 30.09 -0.18
C ASP B 130 3.43 28.96 0.86
N VAL B 131 4.34 28.02 0.71
CA VAL B 131 4.59 27.05 1.77
C VAL B 131 6.07 27.10 2.12
N GLY B 132 6.71 28.23 1.80
CA GLY B 132 8.09 28.44 2.18
C GLY B 132 9.10 27.64 1.39
N PHE B 133 8.77 27.31 0.15
CA PHE B 133 9.65 26.46 -0.66
C PHE B 133 10.61 27.34 -1.43
N ASP B 134 11.71 27.70 -0.78
CA ASP B 134 12.82 28.38 -1.44
C ASP B 134 14.12 27.89 -0.82
N PRO B 135 14.58 26.69 -1.19
CA PRO B 135 15.83 26.19 -0.60
C PRO B 135 17.07 26.95 -1.05
N LEU B 136 17.10 27.41 -2.29
CA LEU B 136 18.25 28.16 -2.77
C LEU B 136 18.26 29.61 -2.30
N GLY B 137 17.18 30.06 -1.65
CA GLY B 137 17.14 31.43 -1.17
C GLY B 137 16.98 32.46 -2.24
N LEU B 138 16.30 32.11 -3.33
CA LEU B 138 16.21 33.01 -4.48
C LEU B 138 15.33 34.22 -4.21
N SER B 139 14.48 34.18 -3.18
CA SER B 139 13.69 35.34 -2.83
C SER B 139 14.51 36.44 -2.16
N ASN B 140 15.74 36.14 -1.75
CA ASN B 140 16.63 37.14 -1.16
C ASN B 140 17.46 37.88 -2.20
N ILE B 141 17.27 37.60 -3.49
CA ILE B 141 17.97 38.34 -4.54
C ILE B 141 17.43 39.75 -4.59
N ASP B 142 18.34 40.73 -4.60
CA ASP B 142 17.89 42.13 -4.71
C ASP B 142 18.84 42.96 -5.57
N ASP B 143 19.51 42.38 -6.58
CA ASP B 143 20.58 43.10 -7.25
C ASP B 143 20.29 43.45 -8.71
N VAL B 144 20.17 42.46 -9.59
CA VAL B 144 20.17 42.84 -11.01
C VAL B 144 18.73 43.00 -11.49
N GLY B 145 18.11 44.13 -11.15
CA GLY B 145 16.71 44.39 -11.42
C GLY B 145 15.70 43.34 -10.98
N ILE B 146 16.06 42.52 -9.99
CA ILE B 146 15.33 41.32 -9.65
C ILE B 146 15.14 41.29 -8.14
N ASP B 147 13.89 41.10 -7.71
CA ASP B 147 13.58 40.89 -6.30
C ASP B 147 12.40 39.93 -6.25
N LEU B 148 11.74 39.87 -5.10
CA LEU B 148 10.59 38.96 -4.95
C LEU B 148 9.41 39.42 -5.79
N TYR B 149 9.28 40.73 -6.02
CA TYR B 149 8.23 41.23 -6.91
C TYR B 149 8.45 40.77 -8.34
N TRP B 150 9.70 40.81 -8.81
CA TRP B 150 9.99 40.38 -10.17
C TRP B 150 9.81 38.88 -10.34
N LEU B 151 10.22 38.11 -9.33
CA LEU B 151 10.07 36.66 -9.41
C LEU B 151 8.63 36.23 -9.29
N ARG B 152 7.81 37.01 -8.59
CA ARG B 152 6.39 36.66 -8.48
C ARG B 152 5.66 36.98 -9.77
N GLU B 153 5.97 38.11 -10.38
CA GLU B 153 5.41 38.45 -11.69
C GLU B 153 5.88 37.47 -12.75
N ALA B 154 7.11 36.97 -12.63
CA ALA B 154 7.61 35.98 -13.56
C ALA B 154 6.94 34.62 -13.36
N GLU B 155 6.66 34.26 -12.11
CA GLU B 155 5.95 33.01 -11.85
C GLU B 155 4.53 33.07 -12.34
N ILE B 156 3.85 34.18 -12.09
CA ILE B 156 2.45 34.34 -12.45
C ILE B 156 2.30 34.42 -13.96
N LYS B 157 3.26 35.05 -14.65
CA LYS B 157 3.24 35.03 -16.10
C LYS B 157 3.57 33.65 -16.64
N HIS B 158 4.55 32.96 -16.04
CA HIS B 158 4.84 31.58 -16.42
C HIS B 158 3.67 30.66 -16.11
N CYS B 159 2.90 30.96 -15.07
CA CYS B 159 1.69 30.21 -14.76
C CYS B 159 0.64 30.37 -15.86
N ARG B 160 0.31 31.61 -16.20
CA ARG B 160 -0.78 31.90 -17.11
C ARG B 160 -0.43 31.57 -18.55
N VAL B 161 0.84 31.73 -18.94
CA VAL B 161 1.27 31.35 -20.29
C VAL B 161 1.20 29.84 -20.45
N ALA B 162 1.69 29.09 -19.46
CA ALA B 162 1.69 27.64 -19.55
C ALA B 162 0.30 27.05 -19.38
N MET B 163 -0.60 27.75 -18.68
CA MET B 163 -1.98 27.26 -18.57
C MET B 163 -2.69 27.34 -19.90
N LEU B 164 -2.49 28.43 -20.65
CA LEU B 164 -3.08 28.54 -21.97
C LEU B 164 -2.41 27.63 -22.99
N ALA B 165 -1.17 27.23 -22.76
CA ALA B 165 -0.48 26.36 -23.68
C ALA B 165 -0.96 24.92 -23.59
N VAL B 166 -1.42 24.50 -22.42
CA VAL B 166 -1.88 23.12 -22.27
C VAL B 166 -3.25 22.96 -22.94
N VAL B 167 -4.18 23.87 -22.65
CA VAL B 167 -5.48 23.80 -23.31
C VAL B 167 -5.39 24.22 -24.76
N GLY B 168 -4.35 24.94 -25.15
CA GLY B 168 -4.16 25.23 -26.56
C GLY B 168 -3.70 24.04 -27.37
N ILE B 169 -2.87 23.18 -26.76
CA ILE B 169 -2.47 21.94 -27.43
C ILE B 169 -3.63 20.95 -27.44
N LEU B 170 -4.31 20.81 -26.31
CA LEU B 170 -5.38 19.83 -26.19
C LEU B 170 -6.62 20.22 -26.98
N GLN B 171 -6.77 21.48 -27.37
CA GLN B 171 -7.89 21.86 -28.21
C GLN B 171 -7.69 21.38 -29.65
N VAL B 172 -6.46 21.50 -30.15
CA VAL B 172 -6.19 21.06 -31.52
C VAL B 172 -5.96 19.56 -31.59
N GLU B 173 -5.41 18.96 -30.54
CA GLU B 173 -5.18 17.53 -30.56
C GLU B 173 -6.45 16.72 -30.40
N ILE B 174 -7.52 17.32 -29.91
CA ILE B 174 -8.80 16.65 -29.76
C ILE B 174 -9.76 17.05 -30.87
N PHE B 175 -9.96 18.35 -31.07
CA PHE B 175 -10.99 18.84 -31.98
C PHE B 175 -10.44 19.28 -33.33
N GLY B 176 -9.14 19.41 -33.48
CA GLY B 176 -8.57 19.88 -34.71
C GLY B 176 -8.33 21.37 -34.68
N PRO B 177 -7.75 21.90 -35.76
CA PRO B 177 -7.45 23.33 -35.82
C PRO B 177 -8.72 24.17 -35.95
N ALA B 178 -8.58 25.49 -35.80
CA ALA B 178 -9.77 26.31 -36.01
C ALA B 178 -10.14 26.37 -37.50
N PRO B 179 -11.39 26.71 -37.82
CA PRO B 179 -11.75 26.94 -39.23
C PRO B 179 -10.99 28.10 -39.83
N GLY B 180 -10.46 27.87 -41.02
CA GLY B 180 -9.44 28.72 -41.60
C GLY B 180 -8.05 28.15 -41.47
N CYS B 181 -7.85 27.19 -40.59
CA CYS B 181 -6.53 26.61 -40.33
C CYS B 181 -6.50 25.12 -40.65
N GLU B 182 -7.34 24.69 -41.59
CA GLU B 182 -7.55 23.26 -41.84
C GLU B 182 -6.36 22.56 -42.49
N MET B 183 -5.34 23.31 -42.92
CA MET B 183 -4.16 22.71 -43.54
C MET B 183 -3.15 22.17 -42.53
N ALA B 184 -3.45 22.22 -41.23
CA ALA B 184 -2.47 21.74 -40.25
C ALA B 184 -2.43 20.23 -40.19
N THR B 185 -3.51 19.60 -39.72
CA THR B 185 -3.77 18.15 -39.71
C THR B 185 -2.71 17.32 -38.95
N ASP B 186 -1.81 17.95 -38.20
CA ASP B 186 -0.77 17.24 -37.48
C ASP B 186 -1.14 17.19 -36.00
N LYS B 187 -1.07 16.01 -35.41
CA LYS B 187 -1.35 15.90 -33.99
C LYS B 187 -0.19 16.43 -33.15
N CYS B 188 1.02 16.40 -33.68
CA CYS B 188 2.14 17.05 -33.00
C CYS B 188 1.99 18.55 -33.16
N GLN B 189 1.71 19.24 -32.05
CA GLN B 189 1.48 20.67 -32.12
C GLN B 189 2.76 21.45 -32.36
N MET B 190 3.91 20.87 -32.05
CA MET B 190 5.18 21.47 -32.47
C MET B 190 5.34 21.42 -33.98
N ASP B 191 4.80 20.39 -34.63
CA ASP B 191 4.84 20.29 -36.08
C ASP B 191 3.73 21.07 -36.75
N ALA B 192 2.55 21.16 -36.11
CA ALA B 192 1.44 21.90 -36.68
C ALA B 192 1.64 23.41 -36.65
N PHE B 193 2.61 23.91 -35.89
CA PHE B 193 2.97 25.32 -35.97
C PHE B 193 3.56 25.64 -37.33
N TRP B 194 4.38 24.75 -37.87
CA TRP B 194 5.11 25.04 -39.10
C TRP B 194 4.25 24.92 -40.34
N GLN B 195 3.06 24.34 -40.23
CA GLN B 195 2.15 24.31 -41.35
C GLN B 195 1.24 25.52 -41.39
N ILE B 196 0.95 26.12 -40.24
CA ILE B 196 0.24 27.39 -40.23
C ILE B 196 1.18 28.53 -40.58
N TRP B 197 2.43 28.43 -40.13
CA TRP B 197 3.45 29.39 -40.54
C TRP B 197 3.79 29.23 -42.02
N GLY B 198 3.64 28.03 -42.57
CA GLY B 198 3.82 27.86 -43.99
C GLY B 198 2.66 28.36 -44.82
N ALA B 199 1.47 28.45 -44.24
CA ALA B 199 0.27 28.84 -44.98
C ALA B 199 -0.17 30.27 -44.68
N HIS B 200 -0.41 30.58 -43.41
CA HIS B 200 -0.84 31.91 -43.00
C HIS B 200 0.11 32.45 -41.94
N PRO B 201 1.31 32.89 -42.32
CA PRO B 201 2.26 33.39 -41.32
C PRO B 201 1.94 34.78 -40.80
N GLN B 202 0.98 35.48 -41.41
CA GLN B 202 0.69 36.84 -41.01
C GLN B 202 -0.03 36.89 -39.67
N TYR B 203 -0.85 35.88 -39.36
CA TYR B 203 -1.60 35.90 -38.11
C TYR B 203 -0.71 35.58 -36.92
N ILE B 204 0.31 34.74 -37.11
CA ILE B 204 1.27 34.51 -36.04
C ILE B 204 2.17 35.73 -35.87
N ALA B 205 2.46 36.45 -36.96
CA ALA B 205 3.21 37.69 -36.83
C ALA B 205 2.36 38.83 -36.32
N PHE B 206 1.06 38.82 -36.59
CA PHE B 206 0.16 39.79 -35.97
C PHE B 206 0.01 39.53 -34.48
N GLY B 207 -0.02 38.25 -34.09
CA GLY B 207 -0.08 37.93 -32.68
C GLY B 207 1.22 38.22 -31.96
N LEU B 208 2.35 38.11 -32.65
CA LEU B 208 3.64 38.32 -31.99
C LEU B 208 3.90 39.80 -31.72
N ILE B 209 3.44 40.67 -32.61
CA ILE B 209 3.64 42.10 -32.39
C ILE B 209 2.61 42.63 -31.41
N MET B 210 1.41 42.07 -31.40
CA MET B 210 0.43 42.44 -30.38
C MET B 210 0.85 41.95 -29.00
N ILE B 211 1.57 40.82 -28.93
CA ILE B 211 2.18 40.41 -27.66
C ILE B 211 3.30 41.37 -27.28
N MET B 212 4.05 41.84 -28.29
CA MET B 212 5.17 42.75 -28.05
C MET B 212 4.70 44.09 -27.50
N MET B 213 3.56 44.59 -27.97
CA MET B 213 3.00 45.80 -27.39
C MET B 213 2.44 45.56 -26.00
N ILE B 214 1.84 44.38 -25.77
CA ILE B 214 1.32 44.06 -24.45
C ILE B 214 2.47 43.85 -23.46
N GLU B 215 3.49 43.11 -23.86
CA GLU B 215 4.56 42.75 -22.95
C GLU B 215 5.46 43.92 -22.60
N MET B 216 5.70 44.83 -23.55
CA MET B 216 6.47 46.02 -23.23
C MET B 216 5.70 46.96 -22.32
N ILE B 217 4.38 46.96 -22.42
CA ILE B 217 3.55 47.69 -21.45
C ILE B 217 3.56 46.96 -20.11
N SER B 218 3.53 45.62 -20.14
CA SER B 218 3.58 44.84 -18.92
C SER B 218 4.93 44.94 -18.23
N GLY B 219 6.00 45.17 -18.98
CA GLY B 219 7.29 45.39 -18.34
C GLY B 219 7.39 46.74 -17.67
N ILE B 220 6.66 47.73 -18.18
CA ILE B 220 6.62 49.03 -17.53
C ILE B 220 5.70 48.98 -16.31
N ALA B 221 4.60 48.23 -16.40
CA ALA B 221 3.70 48.08 -15.27
C ALA B 221 4.35 47.29 -14.14
N THR B 222 5.28 46.40 -14.45
CA THR B 222 5.97 45.65 -13.42
C THR B 222 6.97 46.54 -12.69
N THR B 223 7.76 47.31 -13.44
CA THR B 223 8.81 48.12 -12.82
C THR B 223 8.24 49.37 -12.16
N GLN B 224 7.17 49.94 -12.71
CA GLN B 224 6.53 51.05 -12.03
C GLN B 224 5.65 50.57 -10.88
N GLY B 225 5.12 49.35 -10.98
CA GLY B 225 4.38 48.78 -9.88
C GLY B 225 5.24 48.34 -8.72
N ARG B 226 6.54 48.20 -8.93
CA ARG B 226 7.48 47.77 -7.91
C ARG B 226 8.08 48.93 -7.13
N GLU B 227 8.47 50.01 -7.83
CA GLU B 227 8.98 51.19 -7.15
C GLU B 227 7.87 51.90 -6.39
N SER B 228 6.65 51.83 -6.89
CA SER B 228 5.48 52.26 -6.14
C SER B 228 4.99 51.09 -5.28
N GLY B 229 3.78 51.20 -4.76
CA GLY B 229 3.21 50.07 -4.04
C GLY B 229 1.79 49.80 -4.49
N GLU B 230 1.37 50.42 -5.59
CA GLU B 230 -0.02 50.41 -6.00
C GLU B 230 -0.34 49.32 -7.01
N ARG B 231 0.44 48.25 -7.05
CA ARG B 231 0.14 47.13 -7.93
C ARG B 231 0.73 45.86 -7.35
N ALA B 232 -0.12 44.86 -7.13
CA ALA B 232 0.36 43.54 -6.79
C ALA B 232 1.01 42.91 -8.02
N PRO B 233 1.97 42.02 -7.85
CA PRO B 233 2.60 41.39 -9.02
C PRO B 233 1.65 40.42 -9.69
N GLY B 234 1.54 40.53 -11.02
CA GLY B 234 0.59 39.77 -11.79
C GLY B 234 -0.78 40.39 -11.88
N ASP B 235 -1.02 41.51 -11.22
CA ASP B 235 -2.32 42.16 -11.20
C ASP B 235 -2.43 43.09 -12.41
N PHE B 236 -3.44 42.87 -13.23
CA PHE B 236 -3.70 43.72 -14.38
C PHE B 236 -5.10 44.32 -14.33
N GLY B 237 -5.86 44.09 -13.27
CA GLY B 237 -7.21 44.57 -13.21
C GLY B 237 -8.17 43.84 -14.13
N LEU B 238 -7.78 42.69 -14.68
CA LEU B 238 -8.65 41.91 -15.54
C LEU B 238 -9.53 41.04 -14.66
N ASP B 239 -10.54 41.67 -14.08
CA ASP B 239 -11.63 40.97 -13.41
C ASP B 239 -12.95 41.52 -13.92
N PRO B 240 -13.29 41.25 -15.19
CA PRO B 240 -14.49 41.86 -15.77
C PRO B 240 -15.79 41.26 -15.27
N LEU B 241 -15.75 40.02 -14.79
CA LEU B 241 -16.94 39.41 -14.22
C LEU B 241 -17.13 39.83 -12.78
N GLY B 242 -16.05 40.11 -12.07
CA GLY B 242 -16.16 40.64 -10.73
C GLY B 242 -16.10 39.60 -9.64
N TYR B 243 -15.09 38.73 -9.70
CA TYR B 243 -14.91 37.73 -8.67
C TYR B 243 -14.27 38.30 -7.42
N GLY B 244 -13.45 39.34 -7.57
CA GLY B 244 -12.79 39.96 -6.44
C GLY B 244 -13.64 40.93 -5.64
N LYS B 245 -14.86 41.21 -6.10
CA LYS B 245 -15.67 42.23 -5.45
C LYS B 245 -16.32 41.74 -4.16
N GLY B 246 -16.43 40.42 -3.98
CA GLY B 246 -17.03 39.88 -2.78
C GLY B 246 -16.39 38.57 -2.38
N ASP B 247 -16.63 38.19 -1.12
CA ASP B 247 -16.17 36.94 -0.50
C ASP B 247 -14.64 36.83 -0.55
N ALA B 248 -14.00 37.67 0.26
CA ALA B 248 -12.55 37.78 0.30
C ALA B 248 -11.86 36.47 0.65
N ALA B 249 -12.52 35.60 1.43
CA ALA B 249 -11.98 34.27 1.65
C ALA B 249 -12.09 33.42 0.39
N GLY B 250 -13.18 33.58 -0.35
CA GLY B 250 -13.32 32.89 -1.61
C GLY B 250 -12.47 33.48 -2.73
N TYR B 251 -12.08 34.74 -2.60
CA TYR B 251 -11.16 35.31 -3.57
C TYR B 251 -9.73 34.88 -3.32
N ALA B 252 -9.36 34.64 -2.05
CA ALA B 252 -8.04 34.11 -1.75
C ALA B 252 -7.91 32.66 -2.18
N ARG B 253 -9.03 31.93 -2.24
CA ARG B 253 -9.00 30.59 -2.79
C ARG B 253 -8.81 30.63 -4.30
N LEU B 254 -9.38 31.62 -4.97
CA LEU B 254 -9.16 31.80 -6.39
C LEU B 254 -7.73 32.22 -6.69
N GLN B 255 -7.13 33.02 -5.81
CA GLN B 255 -5.72 33.36 -5.96
C GLN B 255 -4.83 32.14 -5.77
N ALA B 256 -5.24 31.24 -4.87
CA ALA B 256 -4.47 30.03 -4.66
C ALA B 256 -4.72 29.02 -5.76
N GLN B 257 -5.92 28.99 -6.34
CA GLN B 257 -6.21 28.03 -7.40
C GLN B 257 -5.52 28.41 -8.71
N GLU B 258 -5.27 29.69 -8.92
CA GLU B 258 -4.51 30.11 -10.09
C GLU B 258 -3.06 29.68 -9.98
N ILE B 259 -2.48 29.84 -8.80
CA ILE B 259 -1.09 29.49 -8.57
C ILE B 259 -0.91 27.98 -8.58
N ALA B 260 -1.89 27.24 -8.05
CA ALA B 260 -1.78 25.79 -7.99
C ALA B 260 -2.00 25.15 -9.35
N ASN B 261 -2.93 25.66 -10.15
CA ASN B 261 -3.11 25.13 -11.50
C ASN B 261 -2.01 25.61 -12.44
N GLY B 262 -1.47 26.79 -12.20
CA GLY B 262 -0.41 27.29 -13.07
C GLY B 262 0.93 26.65 -12.81
N ARG B 263 1.22 26.29 -11.56
CA ARG B 263 2.45 25.59 -11.26
C ARG B 263 2.42 24.17 -11.78
N LEU B 264 1.23 23.57 -11.84
CA LEU B 264 1.09 22.25 -12.44
C LEU B 264 1.19 22.34 -13.96
N ALA B 265 0.59 23.37 -14.54
CA ALA B 265 0.62 23.53 -15.99
C ALA B 265 1.99 23.93 -16.52
N MET B 266 2.88 24.42 -15.66
CA MET B 266 4.23 24.73 -16.08
C MET B 266 4.99 23.47 -16.47
N PHE B 267 4.85 22.41 -15.66
CA PHE B 267 5.47 21.14 -16.02
C PHE B 267 4.77 20.51 -17.22
N ALA B 268 3.46 20.73 -17.35
CA ALA B 268 2.72 20.12 -18.44
C ALA B 268 3.04 20.79 -19.77
N ALA B 269 3.17 22.11 -19.77
CA ALA B 269 3.48 22.81 -21.02
C ALA B 269 4.93 22.60 -21.42
N ALA B 270 5.84 22.57 -20.43
CA ALA B 270 7.24 22.26 -20.73
C ALA B 270 7.39 20.83 -21.21
N GLY B 271 6.57 19.91 -20.68
CA GLY B 271 6.63 18.54 -21.15
C GLY B 271 6.10 18.37 -22.55
N GLU B 272 4.97 19.02 -22.85
CA GLU B 272 4.41 18.98 -24.19
C GLU B 272 5.30 19.64 -25.23
N ILE B 273 6.16 20.57 -24.83
CA ILE B 273 7.17 21.09 -25.74
C ILE B 273 8.25 20.05 -25.98
N MET B 274 8.79 19.49 -24.89
CA MET B 274 9.96 18.62 -25.03
C MET B 274 9.59 17.25 -25.59
N GLN B 275 8.49 16.68 -25.15
CA GLN B 275 8.09 15.40 -25.72
C GLN B 275 7.28 15.54 -26.99
N GLY B 276 7.08 16.76 -27.47
CA GLY B 276 6.62 16.98 -28.82
C GLY B 276 7.77 17.18 -29.77
N CYS B 277 8.86 17.79 -29.28
CA CYS B 277 10.04 18.03 -30.08
C CYS B 277 10.94 16.81 -30.19
N THR B 278 10.75 15.79 -29.37
CA THR B 278 11.57 14.58 -29.43
C THR B 278 10.83 13.36 -29.97
N THR B 279 9.51 13.31 -29.83
CA THR B 279 8.76 12.18 -30.36
C THR B 279 8.03 12.49 -31.65
N HIS B 280 7.76 13.78 -31.91
CA HIS B 280 7.09 14.27 -33.14
C HIS B 280 5.72 13.63 -33.35
N GLN B 281 5.01 13.38 -32.26
CA GLN B 281 3.75 12.65 -32.35
C GLN B 281 2.55 13.49 -31.93
N GLY B 282 2.59 14.08 -30.74
CA GLY B 282 1.42 14.73 -30.18
C GLY B 282 1.30 14.25 -28.76
N ALA B 283 0.74 15.11 -27.90
CA ALA B 283 0.76 14.87 -26.46
C ALA B 283 -0.16 13.73 -26.07
N LEU B 284 -1.35 13.66 -26.67
CA LEU B 284 -2.31 12.65 -26.25
C LEU B 284 -1.96 11.28 -26.80
N GLU B 285 -1.29 11.20 -27.94
CA GLU B 285 -0.82 9.91 -28.42
C GLU B 285 0.54 9.53 -27.85
N ASN B 286 1.29 10.51 -27.31
CA ASN B 286 2.41 10.15 -26.45
C ASN B 286 1.92 9.56 -25.15
N LEU B 287 0.74 9.98 -24.70
CA LEU B 287 0.15 9.43 -23.49
C LEU B 287 -0.41 8.04 -23.74
N MET B 288 -0.94 7.80 -24.94
CA MET B 288 -1.50 6.49 -25.25
C MET B 288 -0.42 5.46 -25.51
N THR B 289 0.71 5.85 -26.09
CA THR B 289 1.80 4.90 -26.26
C THR B 289 2.59 4.71 -24.97
N ALA B 290 2.45 5.62 -24.01
CA ALA B 290 3.05 5.39 -22.70
C ALA B 290 2.21 4.44 -21.86
N LEU B 291 0.91 4.38 -22.13
CA LEU B 291 0.03 3.49 -21.38
C LEU B 291 0.21 2.04 -21.81
N ARG B 292 0.32 1.79 -23.10
CA ARG B 292 0.48 0.43 -23.57
C ARG B 292 1.90 -0.08 -23.46
N ASP B 293 2.87 0.80 -23.18
CA ASP B 293 4.24 0.37 -22.98
C ASP B 293 4.53 -0.03 -21.54
N ASN B 294 3.97 0.69 -20.58
CA ASN B 294 4.25 0.47 -19.17
C ASN B 294 3.06 -0.12 -18.43
N SER B 295 2.23 -0.87 -19.14
CA SER B 295 1.12 -1.57 -18.51
C SER B 295 1.60 -2.91 -17.97
N PHE B 296 0.99 -3.32 -16.86
CA PHE B 296 1.34 -4.59 -16.24
C PHE B 296 0.08 -5.42 -15.99
N MET C 58 59.47 23.38 13.20
CA MET C 58 60.07 24.67 13.54
C MET C 58 59.03 25.76 13.85
N PRO C 59 57.86 25.78 13.21
CA PRO C 59 56.69 26.39 13.86
C PRO C 59 55.98 25.35 14.71
N GLU C 60 54.88 25.77 15.31
CA GLU C 60 54.07 24.85 16.10
C GLU C 60 53.33 23.90 15.16
N ARG C 61 53.40 22.61 15.45
CA ARG C 61 52.91 21.60 14.54
C ARG C 61 51.39 21.51 14.58
N LEU C 62 50.80 21.21 13.43
CA LEU C 62 49.36 20.98 13.35
C LEU C 62 48.96 19.63 13.91
N TRP C 63 49.94 18.78 14.25
CA TRP C 63 49.69 17.51 14.92
C TRP C 63 48.95 17.70 16.24
N ASP C 64 49.31 18.74 17.00
CA ASP C 64 48.69 18.95 18.30
C ASP C 64 47.27 19.48 18.18
N SER C 65 46.96 20.17 17.08
CA SER C 65 45.60 20.62 16.86
C SER C 65 44.67 19.51 16.40
N MET C 66 45.23 18.38 15.96
CA MET C 66 44.45 17.28 15.41
C MET C 66 44.13 16.21 16.43
N VAL C 67 45.04 15.94 17.35
CA VAL C 67 44.91 14.79 18.23
C VAL C 67 44.61 15.29 19.64
N ASP C 68 44.09 14.38 20.46
CA ASP C 68 43.78 14.74 21.83
C ASP C 68 44.99 14.64 22.74
N LYS C 69 45.95 13.76 22.39
CA LYS C 69 47.29 13.65 22.97
C LYS C 69 47.31 13.09 24.39
N THR C 70 46.14 12.95 25.01
CA THR C 70 46.01 12.34 26.31
C THR C 70 45.03 11.17 26.32
N GLU C 71 44.24 10.99 25.27
CA GLU C 71 43.37 9.86 25.10
C GLU C 71 43.73 9.12 23.83
N ARG C 72 43.62 7.80 23.88
CA ARG C 72 43.86 6.98 22.71
C ARG C 72 42.56 6.77 21.95
N SER C 73 42.69 6.51 20.65
CA SER C 73 41.56 6.07 19.87
C SER C 73 41.12 4.69 20.34
N LYS C 74 39.81 4.46 20.33
CA LYS C 74 39.31 3.20 20.86
C LYS C 74 39.47 2.07 19.86
N ALA C 75 39.27 2.35 18.57
CA ALA C 75 39.41 1.32 17.55
C ALA C 75 40.86 0.99 17.28
N VAL C 76 41.71 2.01 17.23
CA VAL C 76 43.14 1.86 17.00
C VAL C 76 43.87 2.35 18.24
N PRO C 77 44.24 1.45 19.15
CA PRO C 77 44.64 1.88 20.50
C PRO C 77 46.00 2.55 20.59
N PHE C 78 46.85 2.47 19.58
CA PHE C 78 48.13 3.16 19.66
C PHE C 78 48.09 4.58 19.13
N LEU C 79 47.05 4.95 18.49
CA LEU C 79 46.92 6.30 17.98
C LEU C 79 46.21 7.19 18.99
N PRO C 80 46.59 8.46 19.07
CA PRO C 80 45.83 9.38 19.91
C PRO C 80 44.50 9.72 19.28
N ARG C 81 43.54 10.09 20.11
CA ARG C 81 42.18 10.31 19.67
C ARG C 81 42.07 11.61 18.89
N ALA C 82 41.29 11.58 17.81
CA ALA C 82 41.02 12.79 17.04
C ALA C 82 40.17 13.76 17.86
N VAL C 83 40.38 15.06 17.62
CA VAL C 83 39.82 16.07 18.51
C VAL C 83 38.32 16.21 18.35
N ASN C 84 37.79 15.92 17.16
CA ASN C 84 36.37 16.08 16.94
C ASN C 84 35.57 14.84 17.31
N LEU C 85 36.20 13.68 17.40
CA LEU C 85 35.50 12.45 17.76
C LEU C 85 35.30 12.40 19.26
N ASP C 86 34.06 12.56 19.70
CA ASP C 86 33.75 12.65 21.12
C ASP C 86 32.98 11.45 21.64
N GLY C 87 32.59 10.52 20.76
CA GLY C 87 31.74 9.42 21.16
C GLY C 87 30.26 9.74 21.19
N SER C 88 29.87 10.99 20.91
CA SER C 88 28.47 11.37 20.97
C SER C 88 27.72 11.00 19.71
N LEU C 89 28.41 10.97 18.57
CA LEU C 89 27.79 10.52 17.33
C LEU C 89 27.53 9.01 17.39
N PRO C 90 26.53 8.51 16.66
CA PRO C 90 26.09 7.12 16.85
C PRO C 90 27.12 6.04 16.56
N GLY C 91 27.74 6.03 15.38
CA GLY C 91 28.65 4.94 15.08
C GLY C 91 30.08 5.18 15.52
N ASP C 92 30.26 6.09 16.47
CA ASP C 92 31.58 6.55 16.89
C ASP C 92 32.23 5.49 17.78
N VAL C 93 33.26 4.84 17.26
CA VAL C 93 34.19 4.08 18.09
C VAL C 93 35.59 4.68 18.02
N GLY C 94 35.69 5.95 17.63
CA GLY C 94 36.97 6.62 17.56
C GLY C 94 37.84 6.22 16.41
N PHE C 95 37.28 5.65 15.35
CA PHE C 95 38.06 5.17 14.23
C PHE C 95 38.29 6.34 13.27
N ASP C 96 39.48 6.94 13.36
CA ASP C 96 39.94 7.91 12.38
C ASP C 96 41.46 7.87 12.36
N PRO C 97 42.05 6.84 11.73
CA PRO C 97 43.51 6.73 11.75
C PRO C 97 44.23 7.70 10.82
N PHE C 98 43.53 8.35 9.91
CA PHE C 98 44.16 9.36 9.05
C PHE C 98 43.77 10.76 9.45
N TYR C 99 42.90 10.90 10.45
CA TYR C 99 42.52 12.17 11.07
C TYR C 99 41.86 13.10 10.07
N LEU C 100 40.91 12.56 9.32
CA LEU C 100 40.22 13.33 8.30
C LEU C 100 39.13 14.21 8.88
N SER C 101 38.66 13.93 10.10
CA SER C 101 37.76 14.85 10.78
C SER C 101 38.50 16.05 11.35
N SER C 102 39.81 15.96 11.49
CA SER C 102 40.62 17.03 12.02
C SER C 102 41.17 17.96 10.94
N ILE C 103 40.75 17.77 9.69
CA ILE C 103 41.15 18.65 8.60
C ILE C 103 40.44 19.99 8.80
N PRO C 104 41.16 21.10 8.91
CA PRO C 104 40.53 22.39 9.22
C PRO C 104 39.91 23.12 8.05
N LYS C 105 39.70 22.46 6.91
CA LYS C 105 39.04 23.11 5.80
C LYS C 105 37.54 23.17 6.04
N ASP C 106 36.91 24.18 5.46
CA ASP C 106 35.44 24.28 5.48
C ASP C 106 34.95 23.59 4.22
N PHE C 107 34.47 22.35 4.38
CA PHE C 107 34.09 21.54 3.24
C PHE C 107 32.74 21.89 2.66
N SER C 108 32.00 22.80 3.28
CA SER C 108 30.81 23.39 2.67
C SER C 108 31.15 24.41 1.60
N GLY C 109 32.44 24.69 1.37
CA GLY C 109 32.88 25.51 0.26
C GLY C 109 32.58 24.92 -1.10
N PHE C 110 32.43 23.60 -1.19
CA PHE C 110 32.09 22.97 -2.45
C PHE C 110 30.68 23.32 -2.91
N ILE C 111 29.77 23.54 -1.97
CA ILE C 111 28.40 23.91 -2.32
C ILE C 111 28.29 25.40 -2.56
N GLN C 112 28.69 26.19 -1.58
CA GLN C 112 28.72 27.62 -1.66
C GLN C 112 30.12 28.10 -1.32
N PRO C 113 30.76 28.91 -2.17
CA PRO C 113 32.17 29.21 -1.98
C PRO C 113 32.40 30.08 -0.76
N PRO C 114 33.59 30.02 -0.16
CA PRO C 114 33.84 30.80 1.06
C PRO C 114 33.87 32.29 0.85
N GLN C 115 34.07 32.74 -0.38
CA GLN C 115 34.08 34.16 -0.70
C GLN C 115 32.69 34.73 -0.88
N TRP C 116 31.66 33.88 -0.88
CA TRP C 116 30.28 34.39 -0.93
C TRP C 116 29.95 35.11 0.36
N GLU C 117 30.19 34.47 1.50
CA GLU C 117 30.07 35.08 2.81
C GLU C 117 30.89 34.27 3.79
N GLU C 118 31.13 34.86 4.96
CA GLU C 118 31.87 34.19 6.01
C GLU C 118 30.99 33.12 6.64
N LYS C 119 31.40 31.86 6.51
CA LYS C 119 30.68 30.75 7.11
C LYS C 119 31.66 29.61 7.32
N GLY C 120 31.24 28.63 8.12
CA GLY C 120 32.07 27.48 8.34
C GLY C 120 31.30 26.32 8.94
N ILE C 121 31.38 25.17 8.30
CA ILE C 121 30.72 23.96 8.80
C ILE C 121 31.79 23.20 9.57
N PRO C 122 31.44 22.48 10.64
CA PRO C 122 32.41 21.57 11.24
C PRO C 122 32.75 20.45 10.28
N THR C 123 34.00 20.01 10.33
CA THR C 123 34.46 18.96 9.43
C THR C 123 33.76 17.64 9.74
N LEU C 124 33.50 17.37 11.03
CA LEU C 124 32.80 16.16 11.39
C LEU C 124 31.33 16.20 10.96
N TYR C 125 30.72 17.40 10.94
CA TYR C 125 29.36 17.50 10.44
C TYR C 125 29.29 17.22 8.94
N TRP C 126 30.27 17.70 8.18
CA TRP C 126 30.27 17.45 6.75
C TRP C 126 30.54 15.99 6.46
N MET C 127 31.44 15.36 7.22
CA MET C 127 31.78 13.97 6.98
C MET C 127 30.62 13.05 7.33
N ARG C 128 29.86 13.40 8.38
CA ARG C 128 28.73 12.57 8.76
C ARG C 128 27.56 12.77 7.81
N GLU C 129 27.38 13.99 7.31
CA GLU C 129 26.39 14.20 6.25
C GLU C 129 26.80 13.46 4.97
N ALA C 130 28.09 13.36 4.71
CA ALA C 130 28.58 12.60 3.56
C ALA C 130 28.58 11.10 3.83
N GLU C 131 28.82 10.69 5.07
CA GLU C 131 28.77 9.27 5.40
C GLU C 131 27.33 8.77 5.37
N LEU C 132 26.40 9.55 5.88
CA LEU C 132 25.00 9.14 5.89
C LEU C 132 24.42 9.12 4.48
N LYS C 133 24.86 10.02 3.60
CA LYS C 133 24.40 9.95 2.23
C LYS C 133 25.03 8.76 1.51
N HIS C 134 26.30 8.47 1.79
CA HIS C 134 26.92 7.28 1.24
C HIS C 134 26.29 6.01 1.79
N CYS C 135 25.85 6.05 3.05
CA CYS C 135 25.20 4.88 3.65
C CYS C 135 23.85 4.61 3.00
N ARG C 136 23.03 5.64 2.86
CA ARG C 136 21.67 5.46 2.37
C ARG C 136 21.62 5.23 0.87
N VAL C 137 22.59 5.74 0.12
CA VAL C 137 22.64 5.45 -1.32
C VAL C 137 23.02 4.00 -1.54
N ALA C 138 24.08 3.54 -0.87
CA ALA C 138 24.61 2.21 -1.11
C ALA C 138 23.73 1.11 -0.53
N MET C 139 22.86 1.43 0.43
CA MET C 139 21.90 0.44 0.89
C MET C 139 20.86 0.18 -0.19
N LEU C 140 20.31 1.24 -0.77
CA LEU C 140 19.38 1.12 -1.88
C LEU C 140 20.05 0.57 -3.13
N ALA C 141 21.33 0.87 -3.31
CA ALA C 141 22.01 0.48 -4.54
C ALA C 141 22.38 -0.98 -4.53
N TRP C 142 22.86 -1.48 -3.39
CA TRP C 142 23.14 -2.91 -3.29
C TRP C 142 21.85 -3.71 -3.35
N PHE C 143 20.76 -3.18 -2.80
CA PHE C 143 19.48 -3.86 -2.89
C PHE C 143 18.94 -3.82 -4.32
N GLY C 144 19.06 -2.67 -4.97
CA GLY C 144 18.53 -2.54 -6.32
C GLY C 144 19.34 -3.27 -7.37
N TRP C 145 20.64 -3.45 -7.12
CA TRP C 145 21.42 -4.33 -7.98
C TRP C 145 20.95 -5.77 -7.86
N LEU C 146 20.73 -6.23 -6.64
CA LEU C 146 20.37 -7.63 -6.43
C LEU C 146 18.91 -7.90 -6.75
N ALA C 147 18.02 -6.92 -6.58
CA ALA C 147 16.62 -7.15 -6.89
C ALA C 147 16.39 -7.25 -8.40
N THR C 148 17.08 -6.43 -9.18
CA THR C 148 16.94 -6.49 -10.63
C THR C 148 17.74 -7.61 -11.25
N ASP C 149 18.60 -8.27 -10.49
CA ASP C 149 19.33 -9.44 -10.96
C ASP C 149 18.64 -10.74 -10.60
N GLY C 150 17.56 -10.69 -9.84
CA GLY C 150 16.89 -11.90 -9.44
C GLY C 150 17.54 -12.64 -8.30
N ALA C 151 18.25 -11.92 -7.43
CA ALA C 151 18.89 -12.56 -6.29
C ALA C 151 17.88 -12.98 -5.23
N PHE C 152 16.75 -12.28 -5.16
CA PHE C 152 15.71 -12.57 -4.20
C PHE C 152 14.55 -13.32 -4.86
N GLY C 153 14.86 -14.19 -5.81
CA GLY C 153 13.86 -14.98 -6.49
C GLY C 153 13.32 -14.31 -7.73
N VAL C 154 12.54 -13.25 -7.54
CA VAL C 154 11.95 -12.53 -8.65
C VAL C 154 13.01 -11.65 -9.30
N THR C 155 13.16 -11.75 -10.61
CA THR C 155 13.91 -10.77 -11.38
C THR C 155 13.02 -9.56 -11.52
N LEU C 156 13.11 -8.66 -10.53
CA LEU C 156 12.21 -7.52 -10.46
C LEU C 156 12.59 -6.49 -11.52
N ARG C 157 11.69 -6.26 -12.47
CA ARG C 157 11.91 -5.29 -13.52
C ARG C 157 10.69 -4.37 -13.61
N PHE C 158 10.88 -3.23 -14.27
CA PHE C 158 9.80 -2.33 -14.56
C PHE C 158 8.90 -2.94 -15.64
N PRO C 159 7.63 -2.51 -15.73
CA PRO C 159 6.74 -3.08 -16.75
C PRO C 159 7.12 -2.76 -18.18
N GLY C 160 7.96 -1.75 -18.43
CA GLY C 160 8.33 -1.43 -19.80
C GLY C 160 9.30 -2.43 -20.39
N GLU C 161 9.28 -2.52 -21.72
CA GLU C 161 10.14 -3.43 -22.45
C GLU C 161 11.57 -2.93 -22.53
N ILE C 162 11.79 -1.63 -22.26
CA ILE C 162 13.12 -1.06 -22.15
C ILE C 162 13.90 -1.71 -21.00
N TYR C 163 13.20 -2.03 -19.91
CA TYR C 163 13.80 -2.54 -18.70
C TYR C 163 13.71 -4.05 -18.57
N SER C 164 13.27 -4.73 -19.62
CA SER C 164 13.04 -6.17 -19.56
C SER C 164 14.36 -6.93 -19.54
N VAL C 165 14.27 -8.22 -19.25
CA VAL C 165 15.46 -9.05 -19.12
C VAL C 165 16.03 -9.38 -20.49
N GLU C 166 15.19 -9.43 -21.53
CA GLU C 166 15.68 -9.72 -22.87
C GLU C 166 16.41 -8.52 -23.48
N ASN C 167 16.22 -7.33 -22.94
CA ASN C 167 16.97 -6.15 -23.34
C ASN C 167 18.17 -5.91 -22.44
N ILE C 168 17.98 -5.99 -21.13
CA ILE C 168 19.03 -5.82 -20.15
C ILE C 168 19.14 -7.11 -19.36
N PRO C 169 20.11 -7.97 -19.68
CA PRO C 169 20.13 -9.31 -19.07
C PRO C 169 20.53 -9.32 -17.61
N THR C 170 21.53 -8.55 -17.22
CA THR C 170 21.91 -8.43 -15.83
C THR C 170 21.95 -6.96 -15.44
N ALA C 171 22.02 -6.71 -14.13
CA ALA C 171 22.16 -5.34 -13.64
C ALA C 171 23.55 -4.76 -13.92
N TYR C 172 24.50 -5.59 -14.34
CA TYR C 172 25.81 -5.09 -14.74
C TYR C 172 25.73 -4.22 -15.99
N GLU C 173 24.80 -4.52 -16.91
CA GLU C 173 24.71 -3.81 -18.17
C GLU C 173 23.66 -2.71 -18.17
N ALA C 174 23.03 -2.45 -17.03
CA ALA C 174 21.91 -1.52 -17.01
C ALA C 174 22.32 -0.06 -17.03
N HIS C 175 23.57 0.24 -16.66
CA HIS C 175 24.02 1.64 -16.67
C HIS C 175 24.20 2.12 -18.10
N ASN C 176 25.00 1.41 -18.89
CA ASN C 176 25.31 1.86 -20.24
C ASN C 176 24.14 1.68 -21.20
N ALA C 177 23.27 0.72 -20.94
CA ALA C 177 22.10 0.53 -21.78
C ALA C 177 21.04 1.60 -21.56
N LEU C 178 21.03 2.25 -20.40
CA LEU C 178 20.03 3.25 -20.10
C LEU C 178 20.58 4.67 -20.06
N VAL C 179 21.89 4.84 -20.10
CA VAL C 179 22.44 6.15 -20.48
C VAL C 179 22.15 6.38 -21.96
N SER C 180 22.28 5.33 -22.77
CA SER C 180 22.00 5.42 -24.20
C SER C 180 20.52 5.65 -24.47
N GLN C 181 19.64 4.99 -23.72
CA GLN C 181 18.21 5.16 -23.93
C GLN C 181 17.74 6.51 -23.39
N GLY C 182 18.01 6.77 -22.10
CA GLY C 182 17.68 8.06 -21.54
C GLY C 182 17.06 7.98 -20.16
N SER C 183 16.96 6.77 -19.60
CA SER C 183 16.43 6.65 -18.25
C SER C 183 17.40 7.16 -17.21
N MET C 184 18.71 7.06 -17.46
CA MET C 184 19.68 7.56 -16.51
C MET C 184 19.81 9.07 -16.57
N GLY C 185 19.51 9.67 -17.73
CA GLY C 185 19.48 11.11 -17.81
C GLY C 185 18.31 11.71 -17.07
N PHE C 186 17.18 11.00 -17.00
CA PHE C 186 16.06 11.48 -16.20
C PHE C 186 16.31 11.29 -14.72
N LEU C 187 16.96 10.20 -14.32
CA LEU C 187 17.33 10.03 -12.91
C LEU C 187 18.32 11.09 -12.46
N LEU C 188 19.20 11.55 -13.36
CA LEU C 188 20.12 12.62 -12.98
C LEU C 188 19.40 13.93 -12.75
N LEU C 189 18.30 14.18 -13.46
CA LEU C 189 17.49 15.35 -13.19
C LEU C 189 16.71 15.21 -11.89
N ALA C 190 16.16 14.03 -11.63
CA ALA C 190 15.34 13.84 -10.45
C ALA C 190 16.18 13.83 -9.18
N VAL C 191 17.37 13.24 -9.23
CA VAL C 191 18.27 13.26 -8.09
C VAL C 191 18.85 14.66 -7.90
N GLY C 192 19.17 15.32 -9.00
CA GLY C 192 19.69 16.68 -8.93
C GLY C 192 18.69 17.68 -8.42
N PHE C 193 17.41 17.45 -8.67
CA PHE C 193 16.40 18.31 -8.09
C PHE C 193 16.28 18.06 -6.59
N ILE C 194 16.43 16.81 -6.17
CA ILE C 194 16.36 16.49 -4.74
C ILE C 194 17.62 16.97 -4.03
N GLU C 195 18.78 16.82 -4.67
CA GLU C 195 20.02 17.25 -4.05
C GLU C 195 20.17 18.75 -3.97
N PHE C 196 19.47 19.50 -4.83
CA PHE C 196 19.49 20.96 -4.71
C PHE C 196 18.59 21.45 -3.59
N CYS C 197 17.45 20.80 -3.36
CA CYS C 197 16.57 21.24 -2.29
C CYS C 197 17.00 20.71 -0.93
N THR C 198 17.73 19.60 -0.88
CA THR C 198 18.20 19.08 0.40
C THR C 198 19.64 19.45 0.70
N GLY C 199 20.42 19.81 -0.30
CA GLY C 199 21.81 20.16 -0.08
C GLY C 199 22.04 21.57 0.39
N ALA C 200 21.04 22.44 0.30
CA ALA C 200 21.20 23.82 0.71
C ALA C 200 21.05 24.00 2.21
N VAL C 201 20.64 22.97 2.94
CA VAL C 201 20.59 23.07 4.40
C VAL C 201 21.99 23.05 5.00
N LEU C 202 22.98 22.53 4.28
CA LEU C 202 24.36 22.56 4.75
C LEU C 202 24.94 23.96 4.80
N VAL C 203 24.40 24.88 3.98
CA VAL C 203 24.79 26.27 4.10
C VAL C 203 24.15 26.91 5.31
N GLU C 204 22.90 26.53 5.62
CA GLU C 204 22.21 27.04 6.80
C GLU C 204 22.86 26.56 8.09
N VAL C 205 23.46 25.36 8.07
CA VAL C 205 24.17 24.87 9.24
C VAL C 205 25.52 25.57 9.37
N ALA C 206 26.19 25.82 8.24
CA ALA C 206 27.51 26.43 8.25
C ALA C 206 27.48 27.88 8.71
N LYS C 207 26.35 28.56 8.52
CA LYS C 207 26.18 29.92 9.01
C LYS C 207 25.68 29.96 10.44
N GLY C 208 25.51 28.81 11.09
CA GLY C 208 25.04 28.75 12.45
C GLY C 208 23.57 29.07 12.65
N ALA C 209 22.79 29.13 11.57
CA ALA C 209 21.38 29.48 11.67
C ALA C 209 20.48 28.28 11.90
N SER C 210 21.01 27.06 11.82
CA SER C 210 20.19 25.87 11.92
C SER C 210 20.75 24.96 13.00
N ASP C 211 19.85 24.37 13.79
CA ASP C 211 20.19 23.38 14.80
C ASP C 211 20.01 21.95 14.31
N ARG C 212 20.03 21.76 12.99
CA ARG C 212 19.70 20.48 12.39
C ARG C 212 20.89 19.54 12.46
N GLU C 213 20.63 18.29 12.89
CA GLU C 213 21.67 17.29 12.96
C GLU C 213 22.02 16.78 11.56
N ALA C 214 23.14 16.08 11.46
CA ALA C 214 23.65 15.68 10.15
C ALA C 214 22.84 14.50 9.63
N GLY C 215 22.36 14.61 8.40
CA GLY C 215 21.50 13.61 7.81
C GLY C 215 20.14 13.50 8.47
N ASP C 216 19.61 14.62 8.95
CA ASP C 216 18.45 14.62 9.82
C ASP C 216 17.34 15.47 9.23
N PHE C 217 16.92 15.13 8.02
CA PHE C 217 15.62 15.55 7.52
C PHE C 217 14.51 14.97 8.41
N LYS C 218 13.30 15.47 8.25
CA LYS C 218 12.24 14.94 9.11
C LYS C 218 11.50 13.79 8.44
N LEU C 219 12.23 12.85 7.87
CA LEU C 219 11.63 11.80 7.04
C LEU C 219 11.38 10.58 7.90
N ASP C 220 10.27 10.62 8.62
CA ASP C 220 9.77 9.49 9.40
C ASP C 220 8.29 9.37 9.09
N PRO C 221 7.93 8.85 7.91
CA PRO C 221 6.50 8.80 7.56
C PRO C 221 5.74 7.74 8.33
N LEU C 222 6.37 6.62 8.66
CA LEU C 222 5.76 5.63 9.53
C LEU C 222 6.00 5.93 11.00
N SER C 223 6.83 6.93 11.30
CA SER C 223 7.05 7.50 12.63
C SER C 223 7.52 6.46 13.64
N PHE C 224 8.63 5.79 13.31
CA PHE C 224 9.22 4.83 14.22
C PHE C 224 9.85 5.50 15.42
N LEU C 225 10.33 6.73 15.27
CA LEU C 225 11.07 7.42 16.30
C LEU C 225 10.30 8.63 16.84
N LYS C 226 8.97 8.53 16.88
CA LYS C 226 8.17 9.71 17.23
C LYS C 226 8.16 9.96 18.74
N GLY C 227 7.87 8.93 19.52
CA GLY C 227 7.87 9.07 20.96
C GLY C 227 9.04 8.43 21.66
N LYS C 228 10.08 8.05 20.94
CA LYS C 228 11.16 7.27 21.52
C LYS C 228 12.13 8.17 22.28
N SER C 229 12.85 7.56 23.22
CA SER C 229 13.80 8.29 24.03
C SER C 229 15.07 8.59 23.24
N GLU C 230 15.95 9.39 23.84
CA GLU C 230 17.20 9.76 23.19
C GLU C 230 18.19 8.61 23.12
N GLU C 231 18.01 7.58 23.94
CA GLU C 231 18.93 6.46 23.95
C GLU C 231 18.59 5.46 22.84
N GLU C 232 17.32 5.19 22.62
CA GLU C 232 16.93 4.25 21.58
C GLU C 232 16.83 4.91 20.21
N ILE C 233 16.76 6.24 20.16
CA ILE C 233 16.97 6.94 18.90
C ILE C 233 18.41 6.79 18.45
N LYS C 234 19.35 6.87 19.40
CA LYS C 234 20.77 6.70 19.09
C LYS C 234 21.07 5.27 18.66
N ARG C 235 20.35 4.29 19.20
CA ARG C 235 20.55 2.92 18.76
C ARG C 235 20.02 2.71 17.35
N MET C 236 18.90 3.34 17.01
CA MET C 236 18.37 3.24 15.65
C MET C 236 19.26 3.97 14.66
N LYS C 237 19.87 5.08 15.08
CA LYS C 237 20.80 5.78 14.19
C LYS C 237 22.09 4.99 14.02
N THR C 238 22.46 4.21 15.02
CA THR C 238 23.63 3.34 14.90
C THR C 238 23.34 2.16 13.98
N ARG C 239 22.12 1.64 13.99
CA ARG C 239 21.76 0.57 13.08
C ARG C 239 21.68 1.05 11.64
N GLU C 240 21.29 2.31 11.43
CA GLU C 240 21.37 2.90 10.11
C GLU C 240 22.81 3.02 9.66
N ILE C 241 23.69 3.41 10.58
CA ILE C 241 25.09 3.60 10.26
C ILE C 241 25.80 2.27 10.08
N ALA C 242 25.51 1.28 10.93
CA ALA C 242 26.20 0.00 10.85
C ALA C 242 25.77 -0.80 9.63
N ASN C 243 24.49 -0.76 9.29
CA ASN C 243 24.05 -1.43 8.07
C ASN C 243 24.45 -0.66 6.83
N GLY C 244 24.59 0.67 6.95
CA GLY C 244 25.01 1.45 5.81
C GLY C 244 26.48 1.28 5.51
N ARG C 245 27.31 1.20 6.55
CA ARG C 245 28.73 0.99 6.37
C ARG C 245 29.03 -0.36 5.73
N LEU C 246 28.24 -1.37 6.08
CA LEU C 246 28.43 -2.69 5.47
C LEU C 246 27.91 -2.72 4.04
N ALA C 247 26.79 -2.04 3.76
CA ALA C 247 26.27 -2.02 2.41
C ALA C 247 27.12 -1.17 1.47
N MET C 248 27.91 -0.25 2.00
CA MET C 248 28.89 0.44 1.18
C MET C 248 30.01 -0.50 0.76
N LEU C 249 30.48 -1.32 1.69
CA LEU C 249 31.46 -2.34 1.37
C LEU C 249 30.86 -3.45 0.53
N ALA C 250 29.57 -3.71 0.73
CA ALA C 250 28.87 -4.72 -0.07
C ALA C 250 28.72 -4.27 -1.51
N PHE C 251 28.42 -2.99 -1.73
CA PHE C 251 28.36 -2.49 -3.10
C PHE C 251 29.73 -2.44 -3.73
N GLY C 252 30.76 -2.24 -2.92
CA GLY C 252 32.11 -2.38 -3.43
C GLY C 252 32.43 -3.79 -3.87
N GLY C 253 31.84 -4.78 -3.21
CA GLY C 253 32.05 -6.15 -3.63
C GLY C 253 31.39 -6.47 -4.96
N VAL C 254 30.12 -6.09 -5.11
CA VAL C 254 29.36 -6.48 -6.29
C VAL C 254 29.86 -5.76 -7.53
N ALA C 255 30.14 -4.46 -7.43
CA ALA C 255 30.53 -3.68 -8.60
C ALA C 255 31.94 -3.99 -9.07
N THR C 256 32.76 -4.61 -8.24
CA THR C 256 34.13 -4.96 -8.58
C THR C 256 34.29 -6.40 -9.03
N GLN C 257 33.59 -7.33 -8.38
CA GLN C 257 33.68 -8.74 -8.76
C GLN C 257 33.02 -9.00 -10.10
N THR C 258 31.97 -8.26 -10.43
CA THR C 258 31.38 -8.39 -11.75
C THR C 258 32.20 -7.71 -12.83
N ALA C 259 33.06 -6.78 -12.46
CA ALA C 259 33.84 -6.02 -13.42
C ALA C 259 35.16 -6.67 -13.77
N LEU C 260 35.50 -7.79 -13.13
CA LEU C 260 36.72 -8.49 -13.43
C LEU C 260 36.63 -9.18 -14.79
N GLU C 261 37.79 -9.60 -15.30
CA GLU C 261 37.81 -10.36 -16.54
C GLU C 261 37.33 -11.79 -16.34
N GLY C 262 37.29 -12.27 -15.10
CA GLY C 262 36.69 -13.56 -14.84
C GLY C 262 35.20 -13.60 -15.10
N GLY C 263 34.51 -12.50 -14.83
CA GLY C 263 33.14 -12.34 -15.27
C GLY C 263 32.14 -12.56 -14.14
N ASN C 264 31.14 -13.41 -14.40
CA ASN C 264 29.98 -13.66 -13.53
C ASN C 264 29.24 -12.37 -13.21
N HIS C 265 28.58 -11.85 -14.24
CA HIS C 265 27.70 -10.70 -14.09
C HIS C 265 26.39 -11.05 -13.38
N ALA C 266 26.14 -12.32 -13.10
CA ALA C 266 24.93 -12.75 -12.40
C ALA C 266 25.23 -13.12 -10.96
N PHE C 267 24.18 -13.13 -10.15
CA PHE C 267 24.26 -13.53 -8.75
C PHE C 267 24.74 -14.98 -8.65
N PRO C 268 25.62 -15.31 -7.69
CA PRO C 268 26.15 -14.57 -6.56
C PRO C 268 27.43 -13.78 -6.79
N TYR C 269 27.73 -13.46 -8.05
CA TYR C 269 28.85 -12.60 -8.45
C TYR C 269 30.21 -13.13 -8.04
N PHE C 270 30.34 -14.43 -7.80
CA PHE C 270 31.67 -15.03 -7.72
C PHE C 270 31.72 -16.34 -8.51
N MET D 38 66.70 2.08 25.37
CA MET D 38 67.01 2.03 26.79
C MET D 38 67.09 0.60 27.29
N VAL D 39 66.34 -0.29 26.67
CA VAL D 39 66.18 -1.65 27.17
C VAL D 39 67.36 -2.54 26.77
N GLY D 40 67.59 -2.70 25.48
CA GLY D 40 68.48 -3.74 25.00
C GLY D 40 69.98 -3.56 25.15
N ALA D 41 70.43 -2.65 26.01
CA ALA D 41 71.85 -2.39 26.19
C ALA D 41 72.41 -3.17 27.39
N GLU D 42 72.20 -4.48 27.37
CA GLU D 42 72.84 -5.37 28.33
C GLU D 42 73.52 -6.51 27.59
N GLY D 43 73.95 -7.53 28.30
CA GLY D 43 74.63 -8.63 27.66
C GLY D 43 74.26 -9.99 28.23
N PRO D 44 75.28 -10.82 28.56
CA PRO D 44 76.71 -10.56 28.39
C PRO D 44 77.21 -10.69 26.95
N GLU D 45 76.72 -11.72 26.22
CA GLU D 45 76.69 -11.89 24.76
C GLU D 45 77.93 -11.37 24.04
N PRO D 46 79.04 -12.10 24.06
CA PRO D 46 80.27 -11.60 23.43
C PRO D 46 80.14 -11.52 21.91
N ILE D 47 80.72 -10.45 21.35
CA ILE D 47 80.60 -10.16 19.93
C ILE D 47 81.49 -11.09 19.13
N PRO D 48 80.94 -11.83 18.16
CA PRO D 48 81.77 -12.72 17.35
C PRO D 48 82.65 -11.95 16.38
N PHE D 49 83.85 -12.49 16.17
CA PHE D 49 84.91 -11.91 15.33
C PHE D 49 85.31 -10.51 15.81
N ALA D 50 85.23 -10.29 17.12
CA ALA D 50 85.70 -9.09 17.81
C ALA D 50 85.82 -9.46 19.28
N PRO D 51 86.91 -10.13 19.67
CA PRO D 51 86.93 -10.82 20.97
C PRO D 51 87.03 -9.91 22.19
N SER D 52 87.42 -8.65 22.01
CA SER D 52 87.53 -7.76 23.16
C SER D 52 86.20 -7.12 23.53
N LYS D 53 85.38 -6.77 22.54
CA LYS D 53 84.18 -6.01 22.79
C LYS D 53 83.03 -6.91 23.25
N THR D 54 82.07 -6.30 23.95
CA THR D 54 80.90 -6.97 24.48
C THR D 54 79.64 -6.23 24.04
N SER D 55 78.50 -6.89 24.22
CA SER D 55 77.21 -6.30 23.85
C SER D 55 76.70 -5.27 24.85
N LYS D 56 77.40 -5.05 25.96
CA LYS D 56 76.96 -4.08 26.96
C LYS D 56 77.17 -2.67 26.42
N ASN D 57 76.06 -1.97 26.19
CA ASN D 57 76.03 -0.62 25.60
C ASN D 57 76.76 -0.57 24.26
N PHE D 58 76.41 -1.51 23.39
CA PHE D 58 77.07 -1.66 22.10
C PHE D 58 76.61 -0.55 21.17
N ASP D 59 77.46 0.45 20.99
CA ASP D 59 77.26 1.49 19.98
C ASP D 59 78.61 2.04 19.58
N PRO D 60 79.36 1.31 18.74
CA PRO D 60 80.71 1.78 18.40
C PRO D 60 80.73 2.97 17.46
N VAL D 61 79.74 3.10 16.57
CA VAL D 61 79.65 4.31 15.75
C VAL D 61 79.18 5.49 16.60
N GLY D 62 78.26 5.25 17.50
CA GLY D 62 77.88 6.27 18.46
C GLY D 62 76.64 7.06 18.08
N PHE D 63 75.60 6.37 17.61
CA PHE D 63 74.37 7.05 17.26
C PHE D 63 73.64 7.60 18.47
N ALA D 64 73.84 7.01 19.66
CA ALA D 64 73.23 7.53 20.87
C ALA D 64 73.90 8.81 21.34
N GLU D 65 75.14 9.07 20.92
CA GLU D 65 75.85 10.28 21.26
C GLU D 65 75.73 11.35 20.18
N ARG D 66 75.77 10.96 18.92
CA ARG D 66 75.70 11.93 17.83
C ARG D 66 74.29 12.49 17.68
N SER D 67 73.29 11.62 17.59
CA SER D 67 71.91 12.03 17.34
C SER D 67 71.00 11.36 18.35
N PRO D 68 70.87 11.93 19.55
CA PRO D 68 70.00 11.32 20.56
C PRO D 68 68.52 11.55 20.30
N GLU D 69 68.16 12.52 19.48
CA GLU D 69 66.75 12.73 19.17
C GLU D 69 66.24 11.74 18.14
N TRP D 70 67.13 11.05 17.44
CA TRP D 70 66.76 9.99 16.51
C TRP D 70 66.65 8.64 17.18
N LEU D 71 66.84 8.57 18.49
CA LEU D 71 66.89 7.31 19.21
C LEU D 71 65.52 6.63 19.39
N PRO D 72 64.39 7.32 19.61
CA PRO D 72 63.10 6.61 19.52
C PRO D 72 62.70 6.24 18.10
N TRP D 73 63.26 6.90 17.07
CA TRP D 73 63.06 6.40 15.72
C TRP D 73 63.87 5.15 15.47
N TYR D 74 65.05 5.04 16.08
CA TYR D 74 65.90 3.88 15.85
C TYR D 74 65.33 2.64 16.50
N ARG D 75 64.70 2.79 17.66
CA ARG D 75 64.12 1.64 18.33
C ARG D 75 62.86 1.16 17.62
N GLU D 76 62.06 2.09 17.09
CA GLU D 76 60.91 1.73 16.28
C GLU D 76 61.33 1.05 14.99
N ALA D 77 62.47 1.45 14.43
CA ALA D 77 62.99 0.79 13.23
C ALA D 77 63.68 -0.53 13.56
N GLU D 78 64.27 -0.66 14.74
CA GLU D 78 64.89 -1.92 15.12
C GLU D 78 63.84 -2.97 15.43
N LEU D 79 62.77 -2.58 16.10
CA LEU D 79 61.70 -3.53 16.41
C LEU D 79 60.94 -3.93 15.16
N LYS D 80 60.73 -3.00 14.22
CA LYS D 80 60.04 -3.35 13.00
C LYS D 80 60.90 -4.22 12.10
N HIS D 81 62.20 -3.98 12.08
CA HIS D 81 63.12 -4.90 11.40
C HIS D 81 63.19 -6.23 12.13
N GLY D 82 63.12 -6.21 13.46
CA GLY D 82 63.24 -7.44 14.22
C GLY D 82 62.01 -8.32 14.11
N ARG D 83 60.82 -7.70 14.12
CA ARG D 83 59.59 -8.46 14.05
C ARG D 83 59.34 -9.00 12.65
N ALA D 84 59.74 -8.26 11.61
CA ALA D 84 59.57 -8.75 10.25
C ALA D 84 60.57 -9.84 9.93
N ALA D 85 61.78 -9.76 10.47
CA ALA D 85 62.76 -10.81 10.24
C ALA D 85 62.47 -12.06 11.04
N MET D 86 61.70 -11.95 12.13
CA MET D 86 61.33 -13.14 12.88
C MET D 86 60.30 -13.97 12.12
N LEU D 87 59.30 -13.32 11.53
CA LEU D 87 58.33 -14.02 10.71
C LEU D 87 58.92 -14.50 9.39
N ALA D 88 60.01 -13.89 8.94
CA ALA D 88 60.66 -14.33 7.72
C ALA D 88 61.47 -15.59 7.92
N THR D 89 62.01 -15.79 9.11
CA THR D 89 62.76 -17.01 9.39
C THR D 89 61.82 -18.22 9.47
N VAL D 90 60.63 -18.02 10.01
CA VAL D 90 59.62 -19.08 9.99
C VAL D 90 59.09 -19.25 8.56
N GLY D 91 58.93 -18.14 7.84
CA GLY D 91 58.44 -18.18 6.48
C GLY D 91 59.39 -18.65 5.43
N PHE D 92 60.63 -18.96 5.81
CA PHE D 92 61.59 -19.56 4.89
C PHE D 92 61.81 -21.04 5.14
N VAL D 93 61.27 -21.57 6.23
CA VAL D 93 61.45 -22.97 6.61
C VAL D 93 60.15 -23.75 6.54
N VAL D 94 59.04 -23.13 6.96
CA VAL D 94 57.74 -23.82 6.94
C VAL D 94 57.25 -24.14 5.53
N PRO D 95 57.35 -23.27 4.52
CA PRO D 95 56.98 -23.70 3.16
C PRO D 95 57.96 -24.66 2.49
N GLU D 96 58.98 -25.18 3.17
CA GLU D 96 59.74 -26.30 2.63
C GLU D 96 59.08 -27.64 2.88
N PHE D 97 58.13 -27.69 3.82
CA PHE D 97 57.43 -28.93 4.15
C PHE D 97 55.94 -28.84 3.87
N ILE D 98 55.27 -27.82 4.38
CA ILE D 98 53.83 -27.65 4.22
C ILE D 98 53.62 -26.64 3.10
N ARG D 99 52.53 -26.80 2.35
CA ARG D 99 52.07 -25.77 1.44
C ARG D 99 50.61 -25.46 1.72
N VAL D 100 50.23 -24.22 1.45
CA VAL D 100 48.81 -23.83 1.49
C VAL D 100 48.07 -24.58 0.39
N PRO D 101 46.83 -25.10 0.64
CA PRO D 101 46.19 -26.05 -0.29
C PRO D 101 45.92 -25.64 -1.73
N GLY D 102 46.27 -24.41 -2.13
CA GLY D 102 46.16 -24.05 -3.52
C GLY D 102 47.16 -24.82 -4.38
N GLU D 103 46.85 -24.92 -5.66
CA GLU D 103 47.67 -25.68 -6.59
C GLU D 103 48.71 -24.83 -7.32
N GLN D 104 48.69 -23.52 -7.16
CA GLN D 104 49.76 -22.67 -7.68
C GLN D 104 50.86 -22.45 -6.64
N PHE D 105 50.72 -23.03 -5.45
CA PHE D 105 51.72 -22.95 -4.40
C PHE D 105 52.38 -24.29 -4.16
N SER D 106 52.06 -25.30 -4.95
CA SER D 106 52.51 -26.65 -4.70
C SER D 106 53.99 -26.81 -5.05
N PHE D 107 54.55 -27.95 -4.64
CA PHE D 107 55.97 -28.22 -4.89
C PHE D 107 56.25 -28.45 -6.37
N GLU D 108 55.25 -28.87 -7.14
CA GLU D 108 55.44 -29.06 -8.57
C GLU D 108 55.53 -27.74 -9.30
N ALA D 109 54.82 -26.72 -8.82
CA ALA D 109 54.90 -25.40 -9.42
C ALA D 109 56.12 -24.64 -8.95
N ILE D 110 56.28 -24.51 -7.64
CA ILE D 110 57.39 -23.79 -7.02
C ILE D 110 58.13 -24.75 -6.10
N PRO D 111 59.22 -25.35 -6.58
CA PRO D 111 59.92 -26.37 -5.77
C PRO D 111 60.67 -25.80 -4.59
N LYS D 112 61.39 -24.69 -4.80
CA LYS D 112 62.17 -24.06 -3.74
C LYS D 112 61.50 -22.76 -3.31
N VAL D 113 61.61 -22.45 -2.01
CA VAL D 113 60.99 -21.27 -1.42
C VAL D 113 61.60 -19.99 -1.97
N ILE D 114 62.86 -20.04 -2.40
CA ILE D 114 63.58 -18.86 -2.88
C ILE D 114 63.01 -18.31 -4.19
N ASP D 115 62.15 -19.07 -4.87
CA ASP D 115 61.51 -18.64 -6.11
C ASP D 115 60.07 -18.19 -5.90
N ALA D 116 59.59 -18.13 -4.67
CA ALA D 116 58.19 -17.85 -4.42
C ALA D 116 57.84 -16.37 -4.54
N HIS D 117 58.81 -15.48 -4.42
CA HIS D 117 58.53 -14.05 -4.51
C HIS D 117 58.19 -13.65 -5.94
N ASP D 118 58.87 -14.23 -6.91
CA ASP D 118 58.68 -13.86 -8.31
C ASP D 118 57.62 -14.71 -9.00
N ALA D 119 57.46 -15.97 -8.59
CA ALA D 119 56.47 -16.84 -9.23
C ALA D 119 55.05 -16.56 -8.79
N LEU D 120 54.85 -15.75 -7.75
CA LEU D 120 53.51 -15.43 -7.26
C LEU D 120 53.34 -13.91 -7.16
N PRO D 121 53.26 -13.20 -8.29
CA PRO D 121 53.08 -11.75 -8.19
C PRO D 121 51.67 -11.33 -7.80
N GLU D 122 50.66 -12.16 -8.07
CA GLU D 122 49.30 -11.80 -7.73
C GLU D 122 49.02 -11.90 -6.25
N SER D 123 49.86 -12.60 -5.49
CA SER D 123 49.71 -12.66 -4.05
C SER D 123 50.64 -11.72 -3.32
N MET D 124 51.79 -11.39 -3.90
CA MET D 124 52.69 -10.41 -3.29
C MET D 124 52.09 -9.01 -3.32
N ILE D 125 51.24 -8.71 -4.31
CA ILE D 125 50.57 -7.43 -4.37
C ILE D 125 49.55 -7.32 -3.25
N GLN D 126 48.88 -8.42 -2.92
CA GLN D 126 47.88 -8.39 -1.86
C GLN D 126 48.52 -8.38 -0.48
N ILE D 127 49.74 -8.90 -0.32
CA ILE D 127 50.44 -8.71 0.93
C ILE D 127 50.92 -7.28 1.04
N PHE D 128 51.42 -6.72 -0.07
CA PHE D 128 51.90 -5.35 -0.09
C PHE D 128 50.75 -4.36 0.07
N GLY D 129 49.59 -4.68 -0.49
CA GLY D 129 48.47 -3.75 -0.43
C GLY D 129 47.87 -3.64 0.96
N TRP D 130 47.87 -4.72 1.73
CA TRP D 130 47.31 -4.69 3.06
C TRP D 130 48.32 -4.24 4.10
N ILE D 131 49.61 -4.45 3.86
CA ILE D 131 50.64 -3.88 4.73
C ILE D 131 50.67 -2.36 4.54
N SER D 132 50.45 -1.90 3.31
CA SER D 132 50.40 -0.46 3.01
C SER D 132 49.29 0.24 3.76
N PHE D 133 48.17 -0.45 3.99
CA PHE D 133 47.10 0.15 4.78
C PHE D 133 47.46 0.18 6.25
N LEU D 134 48.12 -0.86 6.75
CA LEU D 134 48.49 -0.88 8.16
C LEU D 134 49.64 0.08 8.45
N GLU D 135 50.57 0.23 7.50
CA GLU D 135 51.73 1.08 7.74
C GLU D 135 51.36 2.55 7.63
N ALA D 136 50.40 2.88 6.76
CA ALA D 136 49.91 4.25 6.68
C ALA D 136 49.09 4.63 7.90
N CYS D 137 48.55 3.65 8.62
CA CYS D 137 47.83 3.91 9.85
C CYS D 137 48.75 4.18 11.02
N THR D 138 50.05 3.93 10.86
CA THR D 138 51.04 4.26 11.88
C THR D 138 51.81 5.53 11.54
N PHE D 139 51.52 6.16 10.41
CA PHE D 139 52.10 7.46 10.10
C PHE D 139 51.77 8.56 11.12
N PRO D 140 50.57 8.68 11.70
CA PRO D 140 50.43 9.62 12.82
C PRO D 140 51.08 9.13 14.11
N ALA D 141 51.41 7.85 14.22
CA ALA D 141 52.21 7.40 15.35
C ALA D 141 53.68 7.72 15.13
N MET D 142 54.12 7.70 13.87
CA MET D 142 55.49 8.11 13.55
C MET D 142 55.67 9.61 13.62
N ALA D 143 54.59 10.37 13.39
CA ALA D 143 54.64 11.82 13.50
C ALA D 143 54.70 12.31 14.95
N GLY D 144 54.55 11.41 15.91
CA GLY D 144 54.66 11.78 17.31
C GLY D 144 55.66 10.95 18.08
N LEU D 145 56.72 10.51 17.41
CA LEU D 145 57.71 9.63 18.03
C LEU D 145 58.65 10.35 18.99
N GLY D 146 58.63 11.67 19.04
CA GLY D 146 59.46 12.37 20.00
C GLY D 146 58.79 12.41 21.35
N GLY D 147 58.62 13.60 21.90
CA GLY D 147 57.92 13.74 23.16
C GLY D 147 56.51 14.24 22.95
N LYS D 148 55.90 13.89 21.82
CA LYS D 148 54.60 14.42 21.48
C LYS D 148 53.51 13.78 22.31
N TYR D 149 53.40 12.45 22.28
CA TYR D 149 52.49 11.77 23.18
C TYR D 149 53.20 10.55 23.75
N ASP D 150 52.54 9.90 24.71
CA ASP D 150 53.19 8.99 25.65
C ASP D 150 53.40 7.58 25.09
N ARG D 151 53.37 7.38 23.79
CA ARG D 151 53.55 6.04 23.24
C ARG D 151 55.02 5.69 23.20
N LYS D 152 55.38 4.56 23.80
CA LYS D 152 56.75 4.08 23.71
C LYS D 152 57.03 3.58 22.30
N PRO D 153 58.26 3.72 21.81
CA PRO D 153 58.57 3.29 20.44
C PRO D 153 58.51 1.79 20.28
N GLY D 154 57.81 1.35 19.24
CA GLY D 154 57.58 -0.05 18.99
C GLY D 154 56.36 -0.63 19.66
N ASP D 155 55.76 0.09 20.60
CA ASP D 155 54.61 -0.39 21.34
C ASP D 155 53.34 -0.01 20.57
N PHE D 156 52.67 -1.01 20.01
CA PHE D 156 51.45 -0.79 19.25
C PHE D 156 50.20 -1.17 20.02
N SER D 157 50.32 -1.30 21.35
CA SER D 157 49.24 -1.71 22.26
C SER D 157 48.65 -3.07 21.89
N PHE D 158 49.45 -3.92 21.25
CA PHE D 158 48.98 -5.19 20.72
C PHE D 158 49.40 -6.28 21.69
N ASP D 159 48.46 -6.68 22.54
CA ASP D 159 48.64 -7.86 23.39
C ASP D 159 47.27 -8.48 23.65
N PRO D 160 46.74 -9.23 22.69
CA PRO D 160 45.43 -9.87 22.94
C PRO D 160 45.53 -11.04 23.91
N LEU D 161 46.65 -11.75 23.93
CA LEU D 161 46.76 -12.93 24.78
C LEU D 161 47.24 -12.61 26.18
N GLY D 162 47.44 -11.33 26.52
CA GLY D 162 47.79 -10.94 27.86
C GLY D 162 49.13 -11.41 28.37
N LEU D 163 50.07 -11.73 27.47
CA LEU D 163 51.31 -12.36 27.88
C LEU D 163 52.33 -11.39 28.45
N TYR D 164 52.09 -10.09 28.34
CA TYR D 164 52.98 -9.10 28.92
C TYR D 164 52.83 -9.12 30.43
N PRO D 165 53.90 -9.37 31.19
CA PRO D 165 53.76 -9.52 32.65
C PRO D 165 53.43 -8.21 33.32
N THR D 166 53.08 -8.30 34.61
CA THR D 166 52.59 -7.14 35.33
C THR D 166 53.72 -6.34 35.99
N ASP D 167 54.68 -7.03 36.59
CA ASP D 167 55.74 -6.31 37.28
C ASP D 167 56.77 -5.80 36.27
N PRO D 168 57.27 -4.57 36.45
CA PRO D 168 58.18 -4.00 35.46
C PRO D 168 59.58 -4.60 35.49
N GLU D 169 59.95 -5.32 36.56
CA GLU D 169 61.29 -5.90 36.62
C GLU D 169 61.47 -7.07 35.67
N LYS D 170 60.39 -7.69 35.24
CA LYS D 170 60.46 -8.71 34.20
C LYS D 170 59.65 -8.33 32.96
N GLN D 171 59.05 -7.15 32.94
CA GLN D 171 58.60 -6.58 31.66
C GLN D 171 59.79 -6.22 30.78
N LYS D 172 60.89 -5.79 31.39
CA LYS D 172 62.06 -5.38 30.62
C LYS D 172 62.77 -6.57 30.01
N GLN D 173 62.83 -7.69 30.73
CA GLN D 173 63.44 -8.87 30.15
C GLN D 173 62.52 -9.57 29.15
N MET D 174 61.21 -9.29 29.21
CA MET D 174 60.34 -9.65 28.11
C MET D 174 60.59 -8.76 26.90
N GLN D 175 60.84 -7.47 27.12
CA GLN D 175 61.27 -6.59 26.04
C GLN D 175 62.66 -6.94 25.54
N LEU D 176 63.54 -7.38 26.45
CA LEU D 176 64.88 -7.77 26.07
C LEU D 176 64.89 -9.02 25.22
N ALA D 177 63.96 -9.95 25.48
CA ALA D 177 63.91 -11.17 24.70
C ALA D 177 63.40 -10.91 23.29
N GLU D 178 62.50 -9.94 23.12
CA GLU D 178 62.04 -9.57 21.79
C GLU D 178 63.15 -8.94 20.99
N LEU D 179 64.04 -8.21 21.66
CA LEU D 179 65.16 -7.58 20.97
C LEU D 179 66.22 -8.60 20.58
N LYS D 180 66.57 -9.52 21.51
CA LYS D 180 67.60 -10.50 21.20
C LYS D 180 67.12 -11.51 20.16
N ASN D 181 65.86 -11.94 20.24
CA ASN D 181 65.35 -12.84 19.22
C ASN D 181 65.10 -12.10 17.92
N GLY D 182 64.80 -10.81 18.00
CA GLY D 182 64.59 -10.01 16.81
C GLY D 182 65.90 -9.65 16.13
N ARG D 183 66.95 -9.41 16.92
CA ARG D 183 68.26 -9.15 16.34
C ARG D 183 68.85 -10.40 15.73
N LEU D 184 68.58 -11.56 16.33
CA LEU D 184 69.13 -12.81 15.83
C LEU D 184 68.47 -13.22 14.52
N ALA D 185 67.16 -12.99 14.40
CA ALA D 185 66.48 -13.28 13.15
C ALA D 185 66.81 -12.27 12.07
N MET D 186 67.21 -11.07 12.45
CA MET D 186 67.75 -10.11 11.49
C MET D 186 69.04 -10.64 10.87
N ILE D 187 69.89 -11.26 11.68
CA ILE D 187 71.11 -11.87 11.16
C ILE D 187 70.80 -13.13 10.37
N ALA D 188 69.89 -13.95 10.90
CA ALA D 188 69.70 -15.29 10.36
C ALA D 188 68.98 -15.32 9.03
N ILE D 189 68.10 -14.37 8.76
CA ILE D 189 67.41 -14.37 7.48
C ILE D 189 68.35 -13.98 6.34
N GLY D 190 69.44 -13.27 6.64
CA GLY D 190 70.50 -13.13 5.66
C GLY D 190 71.27 -14.42 5.48
N GLY D 191 71.42 -15.21 6.56
CA GLY D 191 72.06 -16.50 6.44
C GLY D 191 71.19 -17.57 5.79
N MET D 192 69.87 -17.45 5.92
CA MET D 192 68.99 -18.43 5.30
C MET D 192 68.88 -18.21 3.80
N VAL D 193 68.83 -16.95 3.37
CA VAL D 193 68.61 -16.65 1.96
C VAL D 193 69.87 -16.94 1.15
N THR D 194 71.01 -16.40 1.57
CA THR D 194 72.26 -16.68 0.89
C THR D 194 72.76 -18.09 1.16
N GLY D 195 72.31 -18.72 2.24
CA GLY D 195 72.62 -20.13 2.44
C GLY D 195 71.87 -21.02 1.47
N ALA D 196 70.71 -20.58 1.00
CA ALA D 196 69.95 -21.30 -0.01
C ALA D 196 70.20 -20.80 -1.42
N ALA D 197 70.79 -19.61 -1.57
CA ALA D 197 71.13 -19.12 -2.90
C ALA D 197 72.47 -19.67 -3.37
N VAL D 198 73.44 -19.75 -2.46
CA VAL D 198 74.75 -20.28 -2.82
C VAL D 198 74.68 -21.79 -3.02
N THR D 199 74.16 -22.50 -2.03
CA THR D 199 73.93 -23.94 -2.12
C THR D 199 72.43 -24.18 -2.02
N GLY D 200 71.77 -24.39 -3.16
CA GLY D 200 70.35 -24.70 -3.15
C GLY D 200 70.11 -26.09 -2.59
N HIS D 201 69.63 -26.16 -1.36
CA HIS D 201 69.54 -27.42 -0.65
C HIS D 201 68.36 -27.35 0.33
N GLY D 202 68.34 -28.25 1.30
CA GLY D 202 67.29 -28.29 2.29
C GLY D 202 67.39 -27.20 3.34
N PHE D 203 67.00 -27.53 4.57
CA PHE D 203 67.02 -26.52 5.62
C PHE D 203 68.43 -26.12 6.07
N PRO D 204 69.26 -27.03 6.74
CA PRO D 204 70.36 -26.53 7.59
C PRO D 204 71.45 -25.77 6.86
N TYR D 205 72.22 -26.44 5.99
CA TYR D 205 72.57 -26.10 4.61
C TYR D 205 73.68 -27.05 4.17
N LEU D 206 74.10 -26.96 2.90
CA LEU D 206 75.26 -27.72 2.44
C LEU D 206 76.42 -26.79 2.13
N SER E 34 48.81 -16.78 40.29
CA SER E 34 47.36 -16.68 40.29
C SER E 34 46.75 -17.70 39.34
N ILE E 35 47.61 -18.37 38.55
CA ILE E 35 47.13 -19.43 37.68
C ILE E 35 46.84 -20.70 38.48
N ASN E 36 47.55 -20.90 39.60
CA ASN E 36 47.30 -22.07 40.44
C ASN E 36 46.10 -21.88 41.37
N GLU E 37 45.46 -20.71 41.34
CA GLU E 37 44.20 -20.49 42.04
C GLU E 37 43.08 -20.13 41.09
N ALA E 38 43.14 -20.61 39.85
CA ALA E 38 42.07 -20.38 38.89
C ALA E 38 41.01 -21.46 39.05
N PHE E 39 40.07 -21.54 38.10
CA PHE E 39 38.88 -22.36 38.33
C PHE E 39 39.11 -23.83 38.03
N GLY E 40 39.59 -24.15 36.83
CA GLY E 40 39.53 -25.50 36.31
C GLY E 40 40.44 -26.55 36.90
N ILE E 41 41.03 -26.29 38.05
CA ILE E 41 41.90 -27.24 38.73
C ILE E 41 41.06 -28.07 39.68
N SER E 42 41.40 -29.35 39.80
CA SER E 42 40.63 -30.26 40.64
C SER E 42 41.52 -31.43 41.07
N ILE E 43 40.89 -32.48 41.58
CA ILE E 43 41.59 -33.56 42.28
C ILE E 43 42.31 -34.51 41.34
N GLU E 44 42.10 -34.39 40.02
CA GLU E 44 42.78 -35.27 39.08
C GLU E 44 44.28 -35.01 39.03
N THR E 45 44.72 -33.79 39.34
CA THR E 45 46.12 -33.50 39.59
C THR E 45 46.36 -33.06 41.03
N GLY E 46 45.40 -33.28 41.92
CA GLY E 46 45.57 -32.92 43.31
C GLY E 46 45.45 -31.44 43.60
N ASN E 47 44.53 -30.75 42.90
CA ASN E 47 44.30 -29.30 43.00
C ASN E 47 45.56 -28.49 42.74
N LYS E 48 46.41 -29.00 41.84
CA LYS E 48 47.65 -28.35 41.44
C LYS E 48 47.63 -28.25 39.93
N CYS E 49 47.83 -27.05 39.42
CA CYS E 49 48.00 -26.87 37.99
C CYS E 49 49.28 -27.58 37.55
N PRO E 50 49.26 -28.28 36.42
CA PRO E 50 50.44 -29.01 35.99
C PRO E 50 51.58 -28.05 35.66
N PRO E 51 52.82 -28.44 35.94
CA PRO E 51 53.91 -27.45 36.00
C PRO E 51 54.32 -26.89 34.65
N LEU E 52 54.19 -27.65 33.57
CA LEU E 52 54.55 -27.13 32.27
C LEU E 52 53.50 -26.13 31.77
N GLY E 53 52.26 -26.28 32.23
CA GLY E 53 51.23 -25.32 31.87
C GLY E 53 51.19 -24.11 32.76
N ALA E 54 51.57 -24.27 34.03
CA ALA E 54 51.62 -23.12 34.93
C ALA E 54 52.84 -22.23 34.66
N ARG E 55 53.83 -22.77 33.95
CA ARG E 55 55.03 -22.00 33.64
C ARG E 55 54.77 -20.95 32.56
N ILE E 56 53.65 -21.06 31.85
CA ILE E 56 53.33 -20.10 30.81
C ILE E 56 52.51 -18.93 31.35
N LEU E 57 51.70 -19.15 32.38
CA LEU E 57 50.69 -18.17 32.78
C LEU E 57 50.91 -17.62 34.19
N GLU E 58 52.02 -17.93 34.84
CA GLU E 58 52.19 -17.47 36.22
C GLU E 58 52.68 -16.01 36.25
N ASP E 59 53.47 -15.62 35.27
CA ASP E 59 53.90 -14.22 35.14
C ASP E 59 53.14 -13.55 34.00
N ALA E 60 51.83 -13.45 34.18
CA ALA E 60 50.97 -12.91 33.12
C ALA E 60 49.77 -12.22 33.73
N GLN E 61 49.05 -11.49 32.88
CA GLN E 61 47.91 -10.71 33.32
C GLN E 61 46.71 -11.63 33.59
N PRO E 62 45.70 -11.14 34.33
CA PRO E 62 44.46 -11.91 34.46
C PRO E 62 43.69 -12.07 33.16
N SER E 63 43.93 -11.21 32.17
CA SER E 63 43.34 -11.42 30.85
C SER E 63 43.98 -12.58 30.11
N ALA E 64 45.22 -12.94 30.47
CA ALA E 64 45.84 -14.11 29.86
C ALA E 64 45.20 -15.40 30.37
N ILE E 65 44.78 -15.42 31.63
CA ILE E 65 44.10 -16.59 32.17
C ILE E 65 42.70 -16.71 31.57
N LYS E 66 42.01 -15.58 31.44
CA LYS E 66 40.68 -15.56 30.87
C LYS E 66 40.68 -15.96 29.40
N TRP E 67 41.76 -15.65 28.69
CA TRP E 67 41.89 -16.07 27.30
C TRP E 67 42.05 -17.58 27.19
N PHE E 68 42.95 -18.16 27.98
CA PHE E 68 43.25 -19.58 27.85
C PHE E 68 42.13 -20.44 28.43
N GLN E 69 41.44 -19.94 29.46
CA GLN E 69 40.29 -20.66 29.99
C GLN E 69 39.15 -20.69 28.98
N ASN E 70 38.93 -19.57 28.29
CA ASN E 70 37.91 -19.52 27.26
C ASN E 70 38.26 -20.43 26.08
N ALA E 71 39.55 -20.46 25.69
CA ALA E 71 39.96 -21.31 24.59
C ALA E 71 39.99 -22.79 24.96
N GLU E 72 40.13 -23.12 26.24
CA GLU E 72 40.06 -24.52 26.65
C GLU E 72 38.62 -25.02 26.61
N ILE E 73 37.69 -24.21 27.09
CA ILE E 73 36.28 -24.56 27.03
C ILE E 73 35.80 -24.62 25.58
N LYS E 74 36.21 -23.63 24.77
CA LYS E 74 35.78 -23.57 23.38
C LYS E 74 36.34 -24.72 22.56
N HIS E 75 37.56 -25.15 22.86
CA HIS E 75 38.07 -26.37 22.23
C HIS E 75 37.38 -27.60 22.77
N GLY E 76 37.01 -27.59 24.06
CA GLY E 76 36.25 -28.68 24.61
C GLY E 76 34.83 -28.77 24.11
N ARG E 77 34.26 -27.63 23.70
CA ARG E 77 32.91 -27.66 23.14
C ARG E 77 32.89 -28.26 21.75
N ILE E 78 33.87 -27.90 20.91
CA ILE E 78 33.94 -28.46 19.56
C ILE E 78 34.27 -29.94 19.63
N ALA E 79 35.17 -30.31 20.53
CA ALA E 79 35.53 -31.72 20.67
C ALA E 79 34.42 -32.54 21.31
N MET E 80 33.52 -31.93 22.06
CA MET E 80 32.41 -32.68 22.63
C MET E 80 31.39 -33.06 21.57
N VAL E 81 31.03 -32.13 20.69
CA VAL E 81 30.13 -32.46 19.59
C VAL E 81 30.82 -33.22 18.47
N ALA E 82 32.16 -33.34 18.53
CA ALA E 82 32.86 -34.09 17.49
C ALA E 82 32.92 -35.57 17.80
N THR E 83 32.96 -35.96 19.07
CA THR E 83 32.93 -37.38 19.40
C THR E 83 31.57 -37.99 19.10
N ILE E 84 30.50 -37.20 19.22
CA ILE E 84 29.18 -37.68 18.85
C ILE E 84 29.00 -37.62 17.33
N GLY E 85 29.54 -36.58 16.70
CA GLY E 85 29.55 -36.52 15.25
C GLY E 85 30.44 -37.57 14.60
N TYR E 86 31.45 -38.07 15.32
CA TYR E 86 32.22 -39.21 14.85
C TYR E 86 31.45 -40.50 15.04
N LEU E 87 30.74 -40.64 16.17
CA LEU E 87 29.96 -41.84 16.43
C LEU E 87 28.76 -41.93 15.49
N VAL E 88 28.19 -40.79 15.10
CA VAL E 88 27.21 -40.77 14.02
C VAL E 88 27.87 -41.16 12.70
N GLN E 89 29.12 -40.76 12.51
CA GLN E 89 29.82 -41.07 11.26
C GLN E 89 30.42 -42.46 11.25
N LYS E 90 30.91 -42.96 12.39
CA LYS E 90 31.42 -44.32 12.43
C LYS E 90 30.28 -45.33 12.33
N LEU E 91 29.10 -44.95 12.80
CA LEU E 91 27.88 -45.68 12.50
C LEU E 91 27.26 -45.11 11.24
N GLY E 92 26.02 -45.49 10.94
CA GLY E 92 25.32 -45.00 9.78
C GLY E 92 24.01 -44.30 10.08
N VAL E 93 24.00 -43.39 11.05
CA VAL E 93 22.75 -42.90 11.63
C VAL E 93 22.37 -41.60 10.93
N HIS E 94 22.68 -41.53 9.64
CA HIS E 94 22.38 -40.37 8.80
C HIS E 94 20.87 -40.11 8.69
N PHE E 95 20.56 -38.92 8.15
CA PHE E 95 19.19 -38.51 7.90
C PHE E 95 18.55 -39.35 6.78
N PRO E 96 17.24 -39.63 6.86
CA PRO E 96 16.29 -39.30 7.92
C PRO E 96 16.36 -40.25 9.10
N LEU E 97 16.08 -39.75 10.29
CA LEU E 97 16.11 -40.56 11.50
C LEU E 97 14.76 -41.22 11.70
N TYR E 98 14.77 -42.52 11.99
CA TYR E 98 13.54 -43.29 12.11
C TYR E 98 13.86 -44.56 12.89
N LEU E 99 13.32 -44.69 14.10
CA LEU E 99 13.70 -45.78 14.98
C LEU E 99 13.18 -47.14 14.55
N GLY E 100 12.20 -47.19 13.64
CA GLY E 100 11.77 -48.45 13.09
C GLY E 100 12.81 -49.02 12.17
N PRO E 101 12.69 -50.30 11.85
CA PRO E 101 13.64 -50.92 10.90
C PRO E 101 13.49 -50.33 9.52
N SER E 102 14.61 -50.35 8.79
CA SER E 102 14.79 -49.68 7.49
C SER E 102 14.47 -48.19 7.59
N GLY E 103 15.12 -47.53 8.55
CA GLY E 103 14.88 -46.12 8.77
C GLY E 103 16.09 -45.31 9.18
N SER E 104 17.28 -45.92 9.08
CA SER E 104 18.57 -45.32 9.41
C SER E 104 18.61 -44.85 10.87
N ASN E 105 18.33 -45.77 11.78
CA ASN E 105 18.51 -45.54 13.20
C ASN E 105 19.87 -46.10 13.64
N CYS E 106 20.11 -46.15 14.95
CA CYS E 106 21.38 -46.65 15.44
C CYS E 106 21.49 -48.17 15.30
N PHE E 107 20.37 -48.88 15.45
CA PHE E 107 20.40 -50.34 15.31
C PHE E 107 20.53 -50.74 13.85
N HIS E 108 19.57 -50.33 13.01
CA HIS E 108 19.62 -50.59 11.58
C HIS E 108 19.96 -49.28 10.86
N PRO E 109 21.19 -49.10 10.40
CA PRO E 109 21.62 -47.80 9.88
C PRO E 109 21.33 -47.56 8.39
N GLU E 110 20.45 -48.33 7.77
CA GLU E 110 20.10 -48.10 6.38
C GLU E 110 18.72 -47.47 6.29
N SER E 111 18.52 -46.68 5.23
CA SER E 111 17.26 -46.00 4.99
C SER E 111 16.70 -46.43 3.65
N GLU E 112 15.58 -45.82 3.27
CA GLU E 112 14.92 -46.10 2.01
C GLU E 112 14.62 -44.84 1.22
N THR E 113 15.02 -43.67 1.71
CA THR E 113 14.56 -42.42 1.12
C THR E 113 15.68 -41.56 0.53
N ALA E 114 16.85 -41.51 1.19
CA ALA E 114 18.06 -40.81 0.72
C ALA E 114 17.80 -39.32 0.49
N TRP E 115 17.63 -38.61 1.61
CA TRP E 115 16.99 -37.30 1.66
C TRP E 115 17.64 -36.14 0.92
N LEU E 116 18.73 -36.36 0.18
CA LEU E 116 19.28 -35.41 -0.80
C LEU E 116 19.70 -34.09 -0.16
N LEU E 117 20.82 -34.16 0.57
CA LEU E 117 21.45 -32.98 1.18
C LEU E 117 21.65 -31.84 0.18
N SER E 118 22.16 -32.13 -1.00
CA SER E 118 22.28 -31.11 -2.02
C SER E 118 21.54 -31.56 -3.27
N SER E 119 20.67 -30.69 -3.79
CA SER E 119 19.93 -31.01 -5.00
C SER E 119 20.72 -30.70 -6.26
N SER E 120 21.49 -29.59 -6.26
CA SER E 120 22.29 -29.26 -7.43
C SER E 120 23.49 -30.18 -7.57
N THR E 121 24.05 -30.62 -6.45
CA THR E 121 25.13 -31.61 -6.51
C THR E 121 24.58 -33.02 -6.71
N GLY E 122 23.49 -33.34 -6.01
CA GLY E 122 22.88 -34.65 -6.11
C GLY E 122 23.23 -35.59 -4.98
N VAL E 123 24.05 -35.17 -4.04
CA VAL E 123 24.51 -36.05 -2.97
C VAL E 123 23.45 -36.10 -1.87
N THR E 124 23.21 -37.29 -1.34
CA THR E 124 22.27 -37.53 -0.27
C THR E 124 23.02 -37.83 1.02
N PHE E 125 22.27 -37.90 2.11
CA PHE E 125 22.85 -38.35 3.37
C PHE E 125 23.17 -39.84 3.35
N SER E 126 22.56 -40.60 2.46
CA SER E 126 22.87 -42.02 2.34
C SER E 126 24.25 -42.23 1.73
N ASP E 127 24.70 -41.32 0.86
CA ASP E 127 26.02 -41.46 0.25
C ASP E 127 27.13 -41.15 1.25
N ILE E 128 26.97 -40.08 2.02
CA ILE E 128 27.99 -39.64 2.95
C ILE E 128 28.13 -40.58 4.14
N ALA E 129 27.09 -41.34 4.46
CA ALA E 129 27.17 -42.31 5.55
C ALA E 129 27.95 -43.56 5.20
N LYS E 130 28.32 -43.74 3.93
CA LYS E 130 28.95 -44.97 3.49
C LYS E 130 30.47 -44.87 3.37
N ALA E 131 31.02 -43.68 3.13
CA ALA E 131 32.38 -43.59 2.59
C ALA E 131 33.45 -43.84 3.66
N ALA E 132 33.57 -42.92 4.63
CA ALA E 132 34.63 -42.88 5.63
C ALA E 132 34.34 -41.74 6.59
N PRO E 133 34.93 -41.72 7.80
CA PRO E 133 34.83 -40.53 8.64
C PRO E 133 35.54 -39.33 8.04
N LEU E 134 36.75 -39.51 7.54
CA LEU E 134 37.50 -38.38 7.00
C LEU E 134 37.05 -38.00 5.60
N ASP E 135 36.47 -38.94 4.85
CA ASP E 135 35.94 -38.61 3.53
C ASP E 135 34.53 -38.04 3.57
N ALA E 136 33.89 -38.05 4.74
CA ALA E 136 32.55 -37.48 4.84
C ALA E 136 32.58 -35.97 4.74
N ILE E 137 33.67 -35.34 5.20
CA ILE E 137 33.78 -33.89 5.16
C ILE E 137 33.97 -33.42 3.72
N GLN E 138 34.71 -34.19 2.92
CA GLN E 138 34.97 -33.82 1.54
C GLN E 138 33.75 -33.98 0.65
N MET E 139 32.72 -34.70 1.09
CA MET E 139 31.49 -34.85 0.34
C MET E 139 30.48 -33.76 0.61
N VAL E 140 30.67 -32.97 1.67
CA VAL E 140 29.83 -31.80 1.90
C VAL E 140 30.21 -30.71 0.89
N PRO E 141 29.24 -30.10 0.20
CA PRO E 141 29.57 -29.06 -0.78
C PRO E 141 30.11 -27.80 -0.10
N VAL E 142 30.79 -26.99 -0.91
CA VAL E 142 31.42 -25.79 -0.36
C VAL E 142 30.38 -24.73 -0.06
N ALA E 143 29.23 -24.77 -0.74
CA ALA E 143 28.16 -23.84 -0.42
C ALA E 143 27.46 -24.22 0.88
N GLY E 144 27.56 -25.47 1.31
CA GLY E 144 27.05 -25.85 2.61
C GLY E 144 27.95 -25.46 3.75
N TRP E 145 29.26 -25.35 3.50
CA TRP E 145 30.17 -24.88 4.53
C TRP E 145 30.02 -23.39 4.77
N MET E 146 29.67 -22.62 3.74
CA MET E 146 29.48 -21.19 3.93
C MET E 146 28.17 -20.86 4.63
N GLN E 147 27.23 -21.82 4.69
CA GLN E 147 26.10 -21.64 5.59
C GLN E 147 26.48 -21.98 7.02
N ILE E 148 27.38 -22.95 7.20
CA ILE E 148 27.81 -23.33 8.53
C ILE E 148 28.74 -22.26 9.11
N PHE E 149 29.73 -21.84 8.33
CA PHE E 149 30.72 -20.89 8.82
C PHE E 149 30.15 -19.49 8.99
N PHE E 150 29.05 -19.16 8.32
CA PHE E 150 28.39 -17.88 8.59
C PHE E 150 27.63 -17.93 9.90
N VAL E 151 26.92 -19.03 10.15
CA VAL E 151 26.17 -19.17 11.40
C VAL E 151 27.11 -19.35 12.57
N ALA E 152 28.17 -20.15 12.39
CA ALA E 152 29.22 -20.23 13.39
C ALA E 152 29.98 -18.92 13.52
N GLY E 153 30.03 -18.13 12.44
CA GLY E 153 30.61 -16.82 12.52
C GLY E 153 29.75 -15.80 13.22
N TRP E 154 28.42 -15.93 13.10
CA TRP E 154 27.53 -15.07 13.87
C TRP E 154 27.62 -15.39 15.34
N PHE E 155 27.70 -16.68 15.67
CA PHE E 155 27.70 -17.10 17.06
C PHE E 155 28.98 -16.72 17.77
N GLU E 156 30.10 -16.70 17.06
CA GLU E 156 31.38 -16.39 17.67
C GLU E 156 31.56 -14.91 17.96
N SER E 157 30.87 -14.04 17.21
CA SER E 157 30.90 -12.63 17.51
C SER E 157 29.87 -12.23 18.57
N VAL E 158 28.82 -13.03 18.73
CA VAL E 158 27.96 -12.90 19.90
C VAL E 158 28.70 -13.40 21.14
N ALA E 159 29.45 -14.50 20.98
CA ALA E 159 30.25 -15.04 22.07
C ALA E 159 31.37 -14.10 22.46
N TYR E 160 31.90 -13.32 21.52
CA TYR E 160 32.94 -12.35 21.86
C TYR E 160 32.36 -11.16 22.59
N TYR E 161 31.16 -10.72 22.21
CA TYR E 161 30.57 -9.53 22.82
C TYR E 161 30.16 -9.78 24.26
N ARG E 162 29.60 -10.95 24.54
CA ARG E 162 29.11 -11.23 25.87
C ARG E 162 30.19 -11.67 26.84
N GLN E 163 31.36 -12.06 26.34
CA GLN E 163 32.44 -12.53 27.19
C GLN E 163 33.53 -11.48 27.40
N TRP E 164 33.95 -10.80 26.35
CA TRP E 164 35.07 -9.88 26.44
C TRP E 164 34.66 -8.41 26.45
N VAL E 165 33.76 -8.00 25.56
CA VAL E 165 33.35 -6.60 25.50
C VAL E 165 32.50 -6.25 26.72
N LYS E 166 31.39 -6.95 26.89
CA LYS E 166 30.72 -6.98 28.18
C LYS E 166 31.51 -7.96 29.04
N ASN E 167 32.34 -7.42 29.92
CA ASN E 167 33.38 -8.22 30.57
C ASN E 167 32.80 -9.21 31.57
N SER E 168 32.51 -10.42 31.11
CA SER E 168 31.90 -11.44 31.94
C SER E 168 32.94 -12.07 32.86
N PRO E 169 32.58 -12.33 34.12
CA PRO E 169 33.53 -12.97 35.04
C PRO E 169 33.59 -14.49 34.91
N ILE E 170 32.72 -15.09 34.11
CA ILE E 170 32.67 -16.54 33.95
C ILE E 170 33.30 -16.89 32.60
N PRO E 171 34.33 -17.72 32.56
CA PRO E 171 34.90 -18.12 31.27
C PRO E 171 33.94 -19.06 30.53
N GLY E 172 33.75 -18.80 29.26
CA GLY E 172 32.84 -19.58 28.45
C GLY E 172 31.40 -19.13 28.49
N ASP E 173 31.07 -18.15 29.32
CA ASP E 173 29.70 -17.64 29.41
C ASP E 173 29.40 -16.80 28.18
N TYR E 174 28.71 -17.39 27.20
CA TYR E 174 28.39 -16.70 25.97
C TYR E 174 26.91 -16.35 25.89
N GLY E 175 26.23 -16.33 27.04
CA GLY E 175 24.83 -15.94 27.09
C GLY E 175 23.86 -16.94 26.50
N TYR E 176 24.31 -18.13 26.15
CA TYR E 176 23.47 -19.14 25.53
C TYR E 176 22.99 -20.09 26.63
N ASP E 177 21.70 -20.02 26.92
CA ASP E 177 21.07 -20.90 27.90
C ASP E 177 19.61 -21.04 27.54
N PRO E 178 19.28 -21.97 26.62
CA PRO E 178 17.90 -22.09 26.16
C PRO E 178 16.90 -22.51 27.23
N LEU E 179 17.29 -23.35 28.16
CA LEU E 179 16.37 -23.86 29.17
C LEU E 179 16.46 -23.15 30.50
N GLY E 180 17.29 -22.12 30.61
CA GLY E 180 17.30 -21.31 31.81
C GLY E 180 17.95 -21.94 33.02
N PHE E 181 19.07 -22.63 32.84
CA PHE E 181 19.81 -23.15 33.99
C PHE E 181 20.47 -22.04 34.79
N THR E 182 20.91 -20.98 34.12
CA THR E 182 21.72 -19.95 34.76
C THR E 182 20.90 -18.97 35.58
N LYS E 183 19.58 -19.13 35.63
CA LYS E 183 18.73 -18.37 36.54
C LYS E 183 18.43 -19.14 37.82
N ARG E 184 19.40 -19.93 38.30
CA ARG E 184 19.14 -21.03 39.21
C ARG E 184 18.73 -20.55 40.60
N GLU E 185 19.65 -19.90 41.31
CA GLU E 185 19.38 -19.49 42.69
C GLU E 185 18.89 -18.04 42.83
N GLY E 186 19.53 -16.99 42.27
CA GLY E 186 20.77 -16.93 41.49
C GLY E 186 21.99 -16.71 42.37
N GLY E 187 23.16 -16.53 41.75
CA GLY E 187 23.34 -16.68 40.32
C GLY E 187 24.39 -17.72 39.99
N TRP E 188 25.54 -17.26 39.53
CA TRP E 188 26.68 -18.12 39.26
C TRP E 188 27.39 -18.58 40.51
N ASP E 189 27.18 -17.90 41.64
CA ASP E 189 27.82 -18.26 42.91
C ASP E 189 27.00 -19.28 43.69
N SER E 190 26.63 -20.36 43.02
CA SER E 190 25.90 -21.47 43.62
C SER E 190 26.60 -22.76 43.25
N GLU E 191 26.44 -23.77 44.10
CA GLU E 191 27.15 -25.03 43.91
C GLU E 191 26.66 -25.81 42.70
N GLU E 192 25.42 -25.60 42.28
CA GLU E 192 24.91 -26.30 41.11
C GLU E 192 25.56 -25.78 39.83
N LEU E 193 25.69 -24.47 39.70
CA LEU E 193 26.32 -23.91 38.51
C LEU E 193 27.84 -23.90 38.60
N THR E 194 28.41 -24.04 39.80
CA THR E 194 29.85 -24.19 39.92
C THR E 194 30.27 -25.60 39.51
N SER E 195 29.52 -26.61 39.96
CA SER E 195 29.83 -27.98 39.61
C SER E 195 29.55 -28.27 38.15
N LEU E 196 28.58 -27.58 37.56
CA LEU E 196 28.31 -27.74 36.14
C LEU E 196 29.41 -27.14 35.29
N ARG E 197 30.07 -26.08 35.77
CA ARG E 197 31.20 -25.51 35.04
C ARG E 197 32.39 -26.44 35.08
N LEU E 198 32.63 -27.10 36.21
CA LEU E 198 33.71 -28.07 36.28
C LEU E 198 33.37 -29.34 35.51
N LYS E 199 32.08 -29.69 35.44
CA LYS E 199 31.66 -30.83 34.63
C LYS E 199 31.84 -30.58 33.15
N GLU E 200 31.65 -29.33 32.72
CA GLU E 200 31.77 -29.00 31.31
C GLU E 200 33.23 -28.99 30.86
N ILE E 201 34.12 -28.44 31.68
CA ILE E 201 35.53 -28.37 31.35
C ILE E 201 36.14 -29.77 31.32
N LYS E 202 35.75 -30.62 32.28
CA LYS E 202 36.34 -31.94 32.37
C LYS E 202 35.82 -32.88 31.29
N ASN E 203 34.53 -32.80 30.98
CA ASN E 203 34.01 -33.59 29.86
C ASN E 203 34.49 -33.03 28.53
N GLY E 204 34.78 -31.73 28.47
CA GLY E 204 35.45 -31.18 27.32
C GLY E 204 36.91 -31.58 27.26
N ARG E 205 37.53 -31.81 28.42
CA ARG E 205 38.90 -32.30 28.45
C ARG E 205 38.97 -33.75 28.02
N LEU E 206 37.98 -34.56 28.39
CA LEU E 206 37.91 -35.95 27.95
C LEU E 206 37.69 -36.04 26.45
N ALA E 207 36.83 -35.17 25.92
CA ALA E 207 36.52 -35.23 24.50
C ALA E 207 37.63 -34.65 23.63
N MET E 208 38.53 -33.85 24.20
CA MET E 208 39.64 -33.31 23.43
C MET E 208 40.70 -34.37 23.15
N MET E 209 40.96 -35.24 24.12
CA MET E 209 41.87 -36.35 23.87
C MET E 209 41.23 -37.37 22.94
N THR E 210 39.91 -37.55 23.06
CA THR E 210 39.23 -38.65 22.40
C THR E 210 39.05 -38.40 20.91
N ILE E 211 38.79 -37.16 20.51
CA ILE E 211 38.70 -36.89 19.09
C ILE E 211 40.09 -36.78 18.50
N ALA E 212 41.10 -36.52 19.34
CA ALA E 212 42.47 -36.62 18.86
C ALA E 212 42.94 -38.06 18.80
N ALA E 213 42.35 -38.94 19.62
CA ALA E 213 42.72 -40.36 19.56
C ALA E 213 41.94 -41.10 18.50
N TRP E 214 40.75 -40.61 18.13
CA TRP E 214 39.94 -41.32 17.14
C TRP E 214 40.32 -40.96 15.72
N VAL E 215 40.66 -39.70 15.44
CA VAL E 215 41.05 -39.33 14.09
C VAL E 215 42.54 -39.52 13.85
N SER E 216 43.31 -39.81 14.90
CA SER E 216 44.68 -40.28 14.67
C SER E 216 44.67 -41.64 14.02
N ASP E 217 43.87 -42.58 14.56
CA ASP E 217 43.77 -43.92 14.01
C ASP E 217 43.11 -43.94 12.63
N GLU E 218 42.35 -42.89 12.29
CA GLU E 218 41.90 -42.74 10.92
C GLU E 218 43.06 -42.38 9.99
N MET E 219 44.07 -41.69 10.51
CA MET E 219 45.26 -41.34 9.76
C MET E 219 46.36 -42.38 9.90
N ILE E 220 46.66 -42.79 11.14
CA ILE E 220 47.75 -43.73 11.42
C ILE E 220 47.45 -44.51 12.69
N PRO E 221 47.53 -45.85 12.67
CA PRO E 221 47.15 -46.65 13.84
C PRO E 221 48.07 -46.44 15.04
N GLY E 222 47.58 -45.72 16.04
CA GLY E 222 48.37 -45.41 17.21
C GLY E 222 47.60 -45.54 18.52
N ALA E 223 46.65 -46.47 18.57
CA ALA E 223 45.85 -46.71 19.77
C ALA E 223 46.69 -47.47 20.78
N LEU E 224 47.54 -46.73 21.48
CA LEU E 224 48.53 -47.31 22.39
C LEU E 224 47.89 -47.75 23.70
N LEU F 32 -1.74 -5.16 20.89
CA LEU F 32 -2.52 -5.13 22.13
C LEU F 32 -3.75 -6.00 22.03
N SER F 33 -4.38 -6.27 23.17
CA SER F 33 -5.50 -7.20 23.25
C SER F 33 -6.86 -6.52 23.25
N SER F 34 -6.93 -5.22 23.51
CA SER F 34 -8.19 -4.49 23.37
C SER F 34 -8.50 -4.15 21.93
N LEU F 35 -7.52 -4.29 21.04
CA LEU F 35 -7.70 -4.08 19.63
C LEU F 35 -8.50 -5.24 19.04
N PRO F 36 -9.11 -5.06 17.85
CA PRO F 36 -9.94 -6.14 17.28
C PRO F 36 -9.21 -7.44 16.97
N GLY F 37 -8.10 -7.39 16.24
CA GLY F 37 -7.52 -8.57 15.60
C GLY F 37 -7.02 -9.67 16.53
N SER F 38 -6.95 -9.43 17.84
CA SER F 38 -6.56 -10.47 18.78
C SER F 38 -7.76 -11.36 19.07
N THR F 39 -7.63 -12.66 18.76
CA THR F 39 -8.72 -13.61 18.94
C THR F 39 -8.28 -14.80 19.80
N ALA F 40 -9.08 -15.87 19.79
CA ALA F 40 -8.93 -16.92 20.80
C ALA F 40 -7.64 -17.72 20.75
N PRO F 41 -7.19 -18.37 19.61
CA PRO F 41 -6.08 -19.32 19.72
C PRO F 41 -4.75 -18.66 20.05
N VAL F 42 -4.37 -17.61 19.32
CA VAL F 42 -3.20 -16.80 19.65
C VAL F 42 -3.63 -15.34 19.65
N GLY F 43 -3.79 -14.76 20.82
CA GLY F 43 -4.20 -13.38 20.93
C GLY F 43 -3.73 -12.72 22.20
N PRO F 44 -3.01 -11.59 22.08
CA PRO F 44 -2.50 -11.01 20.85
C PRO F 44 -1.21 -11.68 20.36
N PHE F 45 -1.08 -11.80 19.05
CA PHE F 45 0.02 -12.54 18.44
C PHE F 45 1.09 -11.56 17.98
N ASP F 46 2.18 -11.50 18.73
CA ASP F 46 3.33 -10.69 18.33
C ASP F 46 4.61 -11.28 18.92
N PRO F 47 5.10 -12.41 18.39
CA PRO F 47 6.32 -12.99 18.98
C PRO F 47 7.58 -12.18 18.69
N LEU F 48 7.67 -11.53 17.54
CA LEU F 48 8.81 -10.67 17.25
C LEU F 48 8.65 -9.27 17.81
N ASN F 49 7.52 -8.98 18.45
CA ASN F 49 7.24 -7.72 19.15
C ASN F 49 7.32 -6.52 18.21
N LEU F 50 6.68 -6.65 17.06
CA LEU F 50 6.73 -5.60 16.04
C LEU F 50 5.83 -4.43 16.36
N ALA F 51 4.96 -4.53 17.36
CA ALA F 51 4.07 -3.42 17.69
C ALA F 51 4.80 -2.30 18.42
N ASP F 52 5.81 -2.64 19.20
CA ASP F 52 6.61 -1.64 19.91
C ASP F 52 7.80 -1.15 19.10
N SER F 53 7.98 -1.64 17.88
CA SER F 53 9.11 -1.23 17.06
C SER F 53 9.00 0.21 16.60
N GLY F 54 7.79 0.76 16.54
CA GLY F 54 7.56 2.15 16.25
C GLY F 54 6.74 2.80 17.34
N SER F 55 5.98 3.81 16.94
CA SER F 55 5.10 4.53 17.85
C SER F 55 3.68 3.99 17.75
N GLU F 56 2.75 4.68 18.38
CA GLU F 56 1.33 4.34 18.22
C GLU F 56 0.81 4.72 16.86
N GLU F 57 1.48 5.65 16.17
CA GLU F 57 1.17 5.94 14.79
C GLU F 57 1.78 4.93 13.83
N THR F 58 2.76 4.16 14.27
CA THR F 58 3.28 3.06 13.46
C THR F 58 2.40 1.84 13.56
N LEU F 59 1.84 1.59 14.74
CA LEU F 59 0.91 0.47 14.90
C LEU F 59 -0.40 0.76 14.17
N ALA F 60 -0.84 2.01 14.20
CA ALA F 60 -2.06 2.39 13.47
C ALA F 60 -1.87 2.27 11.96
N TRP F 61 -0.64 2.44 11.48
CA TRP F 61 -0.36 2.13 10.09
C TRP F 61 -0.36 0.63 9.84
N PHE F 62 0.15 -0.14 10.79
CA PHE F 62 0.21 -1.60 10.64
C PHE F 62 -1.18 -2.22 10.64
N ARG F 63 -2.10 -1.66 11.41
CA ARG F 63 -3.46 -2.19 11.45
C ARG F 63 -4.20 -1.90 10.16
N ALA F 64 -4.00 -0.70 9.59
CA ALA F 64 -4.66 -0.37 8.34
C ALA F 64 -4.02 -1.09 7.17
N SER F 65 -2.75 -1.47 7.29
CA SER F 65 -2.11 -2.23 6.23
C SER F 65 -2.47 -3.70 6.29
N GLU F 66 -2.70 -4.23 7.49
CA GLU F 66 -3.21 -5.59 7.62
C GLU F 66 -4.64 -5.68 7.11
N LEU F 67 -5.45 -4.65 7.39
CA LEU F 67 -6.84 -4.67 6.95
C LEU F 67 -6.94 -4.53 5.44
N LYS F 68 -6.10 -3.69 4.83
CA LYS F 68 -6.15 -3.54 3.38
C LYS F 68 -5.53 -4.73 2.67
N HIS F 69 -4.49 -5.34 3.25
CA HIS F 69 -3.97 -6.58 2.69
C HIS F 69 -4.98 -7.70 2.81
N GLY F 70 -5.80 -7.68 3.86
CA GLY F 70 -6.82 -8.70 3.99
C GLY F 70 -7.94 -8.53 3.01
N ARG F 71 -8.45 -7.30 2.85
CA ARG F 71 -9.53 -7.04 1.93
C ARG F 71 -9.12 -7.26 0.47
N VAL F 72 -7.84 -7.03 0.15
CA VAL F 72 -7.37 -7.28 -1.21
C VAL F 72 -7.21 -8.77 -1.45
N ALA F 73 -6.67 -9.49 -0.48
CA ALA F 73 -6.44 -10.92 -0.67
C ALA F 73 -7.72 -11.73 -0.55
N MET F 74 -8.73 -11.21 0.15
CA MET F 74 -10.01 -11.92 0.19
C MET F 74 -10.69 -11.86 -1.16
N LEU F 75 -10.59 -10.73 -1.86
CA LEU F 75 -11.06 -10.65 -3.23
C LEU F 75 -10.14 -11.39 -4.19
N ALA F 76 -8.88 -11.57 -3.81
CA ALA F 76 -7.93 -12.25 -4.69
C ALA F 76 -8.08 -13.76 -4.60
N THR F 77 -8.33 -14.29 -3.40
CA THR F 77 -8.59 -15.71 -3.25
C THR F 77 -9.90 -16.10 -3.91
N THR F 78 -10.94 -15.28 -3.72
CA THR F 78 -12.23 -15.54 -4.34
C THR F 78 -12.17 -15.31 -5.84
N GLY F 79 -11.40 -14.32 -6.28
CA GLY F 79 -11.22 -14.11 -7.70
C GLY F 79 -10.42 -15.20 -8.38
N TYR F 80 -9.54 -15.87 -7.63
CA TYR F 80 -8.81 -16.99 -8.21
C TYR F 80 -9.67 -18.25 -8.28
N LEU F 81 -10.56 -18.44 -7.30
CA LEU F 81 -11.37 -19.65 -7.28
C LEU F 81 -12.56 -19.55 -8.21
N VAL F 82 -13.15 -18.36 -8.37
CA VAL F 82 -14.29 -18.19 -9.27
C VAL F 82 -13.82 -18.27 -10.71
N GLN F 83 -12.77 -17.53 -11.06
CA GLN F 83 -12.25 -17.58 -12.42
C GLN F 83 -11.55 -18.90 -12.70
N GLY F 84 -10.97 -19.54 -11.68
CA GLY F 84 -10.35 -20.83 -11.88
C GLY F 84 -11.34 -21.96 -12.03
N ALA F 85 -12.57 -21.77 -11.56
CA ALA F 85 -13.60 -22.80 -11.74
C ALA F 85 -14.12 -22.85 -13.16
N GLY F 86 -13.96 -21.76 -13.90
CA GLY F 86 -14.62 -21.60 -15.18
C GLY F 86 -15.80 -20.66 -15.13
N ILE F 87 -16.17 -20.18 -13.96
CA ILE F 87 -17.25 -19.21 -13.83
C ILE F 87 -16.80 -17.89 -14.42
N HIS F 88 -17.48 -17.45 -15.47
CA HIS F 88 -17.18 -16.16 -16.07
C HIS F 88 -18.48 -15.44 -16.38
N PHE F 89 -18.36 -14.14 -16.64
CA PHE F 89 -19.51 -13.35 -17.02
C PHE F 89 -19.95 -13.73 -18.44
N PRO F 90 -21.21 -13.50 -18.79
CA PRO F 90 -21.65 -13.77 -20.17
C PRO F 90 -21.35 -12.58 -21.07
N GLY F 91 -20.79 -12.86 -22.25
CA GLY F 91 -20.69 -11.89 -23.30
C GLY F 91 -19.25 -11.50 -23.59
N MET F 92 -19.04 -10.21 -23.85
CA MET F 92 -17.77 -9.69 -24.31
C MET F 92 -17.22 -8.70 -23.28
N LEU F 93 -15.93 -8.84 -22.97
CA LEU F 93 -15.28 -7.85 -22.12
C LEU F 93 -14.94 -6.59 -22.90
N SER F 94 -14.44 -6.75 -24.11
CA SER F 94 -14.13 -5.65 -24.99
C SER F 94 -14.78 -5.90 -26.35
N SER F 95 -14.45 -5.09 -27.35
CA SER F 95 -14.94 -5.35 -28.69
C SER F 95 -14.23 -6.53 -29.35
N ASP F 96 -13.05 -6.90 -28.84
CA ASP F 96 -12.29 -8.00 -29.41
C ASP F 96 -12.00 -9.13 -28.42
N VAL F 97 -12.20 -8.92 -27.12
CA VAL F 97 -11.87 -9.90 -26.11
C VAL F 97 -13.17 -10.34 -25.45
N SER F 98 -13.40 -11.64 -25.44
CA SER F 98 -14.57 -12.21 -24.78
C SER F 98 -14.21 -12.62 -23.36
N PHE F 99 -15.25 -12.78 -22.53
CA PHE F 99 -15.04 -13.34 -21.21
C PHE F 99 -14.70 -14.83 -21.28
N GLU F 100 -15.12 -15.50 -22.36
CA GLU F 100 -14.84 -16.92 -22.52
C GLU F 100 -13.37 -17.16 -22.83
N SER F 101 -12.77 -16.28 -23.63
CA SER F 101 -11.36 -16.44 -23.99
C SER F 101 -10.43 -16.19 -22.81
N LEU F 102 -10.87 -15.45 -21.80
CA LEU F 102 -10.07 -15.27 -20.60
C LEU F 102 -10.24 -16.41 -19.62
N SER F 103 -11.44 -17.00 -19.56
CA SER F 103 -11.69 -18.10 -18.64
C SER F 103 -11.03 -19.40 -19.06
N ALA F 104 -10.58 -19.51 -20.31
CA ALA F 104 -9.86 -20.70 -20.74
C ALA F 104 -8.46 -20.76 -20.18
N MET F 105 -7.91 -19.63 -19.73
CA MET F 105 -6.56 -19.57 -19.18
C MET F 105 -6.58 -19.70 -17.67
N LYS F 106 -5.40 -19.96 -17.11
CA LYS F 106 -5.20 -19.86 -15.68
C LYS F 106 -5.34 -18.39 -15.27
N PRO F 107 -5.80 -18.12 -14.04
CA PRO F 107 -6.22 -16.75 -13.71
C PRO F 107 -5.10 -15.72 -13.70
N LEU F 108 -3.89 -16.09 -13.27
CA LEU F 108 -2.76 -15.16 -13.30
C LEU F 108 -2.35 -14.83 -14.72
N GLU F 109 -2.62 -15.72 -15.67
CA GLU F 109 -2.38 -15.44 -17.08
C GLU F 109 -3.53 -14.72 -17.74
N ALA F 110 -4.69 -14.64 -17.08
CA ALA F 110 -5.83 -13.93 -17.64
C ALA F 110 -5.71 -12.42 -17.48
N TRP F 111 -4.87 -11.95 -16.56
CA TRP F 111 -4.68 -10.52 -16.39
C TRP F 111 -3.90 -9.92 -17.56
N ASP F 112 -3.02 -10.71 -18.17
CA ASP F 112 -2.23 -10.21 -19.29
C ASP F 112 -3.07 -9.96 -20.53
N ALA F 113 -4.20 -10.63 -20.67
CA ALA F 113 -5.05 -10.48 -21.84
C ALA F 113 -6.26 -9.59 -21.59
N VAL F 114 -6.35 -8.97 -20.42
CA VAL F 114 -7.28 -7.85 -20.24
C VAL F 114 -6.81 -6.68 -21.08
N PRO F 115 -7.69 -5.94 -21.76
CA PRO F 115 -7.26 -4.79 -22.54
C PRO F 115 -6.63 -3.70 -21.67
N ASP F 116 -5.68 -2.98 -22.27
CA ASP F 116 -4.98 -1.92 -21.55
C ASP F 116 -5.88 -0.74 -21.24
N ALA F 117 -6.93 -0.54 -22.03
CA ALA F 117 -7.95 0.43 -21.65
C ALA F 117 -8.81 -0.06 -20.50
N GLY F 118 -8.86 -1.38 -20.29
CA GLY F 118 -9.61 -1.93 -19.19
C GLY F 118 -8.84 -1.85 -17.89
N LYS F 119 -7.53 -2.08 -17.97
CA LYS F 119 -6.68 -1.93 -16.79
C LYS F 119 -6.57 -0.49 -16.35
N ALA F 120 -6.65 0.45 -17.30
CA ALA F 120 -6.67 1.87 -16.96
C ALA F 120 -7.95 2.26 -16.24
N GLN F 121 -9.06 1.58 -16.55
CA GLN F 121 -10.31 1.85 -15.84
C GLN F 121 -10.28 1.27 -14.44
N ILE F 122 -9.63 0.12 -14.28
CA ILE F 122 -9.53 -0.50 -12.96
C ILE F 122 -8.61 0.31 -12.06
N LEU F 123 -7.39 0.61 -12.54
CA LEU F 123 -6.41 1.31 -11.73
C LEU F 123 -6.80 2.76 -11.49
N GLY F 124 -7.54 3.37 -12.42
CA GLY F 124 -8.00 4.72 -12.20
C GLY F 124 -9.05 4.82 -11.12
N THR F 125 -9.92 3.80 -11.02
CA THR F 125 -10.92 3.79 -9.97
C THR F 125 -10.31 3.45 -8.62
N ILE F 126 -9.28 2.60 -8.60
CA ILE F 126 -8.57 2.31 -7.37
C ILE F 126 -7.77 3.52 -6.92
N PHE F 127 -7.24 4.31 -7.87
CA PHE F 127 -6.53 5.56 -7.55
C PHE F 127 -7.44 6.55 -6.85
N ILE F 128 -8.69 6.64 -7.27
CA ILE F 128 -9.63 7.56 -6.63
C ILE F 128 -10.00 7.03 -5.25
N ALA F 129 -10.15 5.71 -5.13
CA ALA F 129 -10.50 5.12 -3.84
C ALA F 129 -9.38 5.27 -2.82
N GLU F 130 -8.13 5.17 -3.26
CA GLU F 130 -7.02 5.35 -2.33
C GLU F 130 -6.82 6.82 -1.97
N MET F 131 -7.07 7.73 -2.89
CA MET F 131 -6.95 9.15 -2.58
C MET F 131 -8.07 9.63 -1.66
N ILE F 132 -9.25 9.03 -1.76
CA ILE F 132 -10.38 9.47 -0.94
C ILE F 132 -10.23 8.96 0.49
N THR F 133 -9.86 7.69 0.66
CA THR F 133 -9.72 7.11 1.99
C THR F 133 -8.51 7.62 2.73
N GLU F 134 -7.56 8.25 2.04
CA GLU F 134 -6.45 8.91 2.71
C GLU F 134 -6.77 10.33 3.10
N SER F 135 -7.67 11.00 2.37
CA SER F 135 -7.96 12.41 2.58
C SER F 135 -9.14 12.64 3.52
N LYS F 136 -9.37 11.74 4.47
CA LYS F 136 -10.34 11.97 5.51
C LYS F 136 -9.81 13.06 6.47
N PRO F 137 -10.71 13.74 7.20
CA PRO F 137 -10.25 14.84 8.06
C PRO F 137 -9.30 14.44 9.19
N VAL F 138 -9.38 13.21 9.69
CA VAL F 138 -8.39 12.68 10.62
C VAL F 138 -7.79 11.44 9.98
N HIS F 139 -6.45 11.34 10.00
CA HIS F 139 -5.85 10.16 9.43
C HIS F 139 -5.92 9.02 10.43
N TYR F 140 -6.03 7.79 9.91
CA TYR F 140 -6.08 6.61 10.77
C TYR F 140 -4.78 6.42 11.52
N THR F 141 -3.66 6.92 10.98
CA THR F 141 -2.41 6.94 11.71
C THR F 141 -2.46 7.89 12.90
N LYS F 142 -3.36 8.87 12.87
CA LYS F 142 -3.57 9.77 13.99
C LYS F 142 -4.91 9.51 14.67
N GLY F 143 -5.33 8.26 14.71
CA GLY F 143 -6.55 7.88 15.41
C GLY F 143 -7.83 8.08 14.65
N GLY F 144 -7.77 8.36 13.35
CA GLY F 144 -8.96 8.56 12.57
C GLY F 144 -9.54 7.25 12.09
N PRO F 145 -10.55 7.33 11.23
CA PRO F 145 -11.20 6.11 10.76
C PRO F 145 -10.37 5.37 9.72
N MET F 146 -10.54 4.06 9.70
CA MET F 146 -9.96 3.20 8.68
C MET F 146 -10.78 3.32 7.39
N PRO F 147 -10.21 2.91 6.21
CA PRO F 147 -10.93 3.05 4.94
C PRO F 147 -12.31 2.43 4.87
N THR F 148 -13.31 3.30 4.73
CA THR F 148 -14.70 2.92 4.60
C THR F 148 -15.11 2.99 3.14
N MET F 149 -16.37 2.67 2.86
CA MET F 149 -16.81 2.49 1.48
C MET F 149 -16.93 3.83 0.77
N VAL F 150 -16.38 3.88 -0.44
CA VAL F 150 -16.34 5.11 -1.23
C VAL F 150 -17.57 5.17 -2.10
N PHE F 151 -17.75 4.18 -2.96
CA PHE F 151 -18.96 4.11 -3.75
C PHE F 151 -19.49 2.68 -3.74
N PRO F 152 -20.70 2.44 -3.23
CA PRO F 152 -21.67 3.40 -2.70
C PRO F 152 -21.34 3.79 -1.24
N ALA F 153 -21.44 5.08 -0.92
CA ALA F 153 -20.91 5.60 0.35
C ALA F 153 -21.87 5.29 1.50
N ILE F 154 -21.97 4.01 1.84
CA ILE F 154 -22.84 3.58 2.91
C ILE F 154 -22.23 3.92 4.26
N ASP F 155 -23.05 4.45 5.16
CA ASP F 155 -22.60 4.87 6.48
C ASP F 155 -22.75 3.70 7.45
N PHE F 156 -21.63 3.21 7.96
CA PHE F 156 -21.61 2.12 8.93
C PHE F 156 -21.22 2.63 10.32
N SER F 157 -21.67 3.84 10.66
CA SER F 157 -21.19 4.47 11.89
C SER F 157 -21.87 3.90 13.12
N GLY F 158 -23.19 4.07 13.22
CA GLY F 158 -23.94 3.56 14.36
C GLY F 158 -24.46 2.16 14.12
N VAL F 159 -23.58 1.17 14.17
CA VAL F 159 -23.97 -0.18 13.75
C VAL F 159 -23.71 -1.14 14.92
N ASP F 160 -23.95 -0.64 16.15
CA ASP F 160 -23.91 -1.43 17.39
C ASP F 160 -22.54 -2.05 17.63
N ALA F 161 -21.59 -1.22 18.09
CA ALA F 161 -20.17 -1.50 18.28
C ALA F 161 -19.81 -2.83 18.94
N ALA F 162 -20.71 -3.43 19.72
CA ALA F 162 -20.50 -4.80 20.19
C ALA F 162 -20.52 -5.78 19.02
N THR F 163 -21.45 -5.61 18.09
CA THR F 163 -21.47 -6.44 16.89
C THR F 163 -20.34 -6.06 15.94
N LEU F 164 -20.06 -4.76 15.84
CA LEU F 164 -18.96 -4.29 15.01
C LEU F 164 -17.61 -4.78 15.51
N LYS F 165 -17.48 -5.01 16.83
CA LYS F 165 -16.26 -5.59 17.37
C LYS F 165 -16.09 -7.02 16.90
N ARG F 166 -17.15 -7.83 16.95
CA ARG F 166 -17.05 -9.21 16.52
C ARG F 166 -16.86 -9.32 15.02
N LYS F 167 -17.51 -8.44 14.25
CA LYS F 167 -17.36 -8.49 12.80
C LYS F 167 -16.02 -7.94 12.35
N GLN F 168 -15.37 -7.10 13.16
CA GLN F 168 -14.02 -6.67 12.81
C GLN F 168 -12.99 -7.74 13.11
N ASP F 169 -13.27 -8.63 14.08
CA ASP F 169 -12.38 -9.76 14.30
C ASP F 169 -12.51 -10.77 13.18
N SER F 170 -13.71 -10.91 12.63
CA SER F 170 -13.94 -11.85 11.56
C SER F 170 -13.49 -11.32 10.20
N GLU F 171 -13.44 -9.99 10.04
CA GLU F 171 -12.85 -9.43 8.83
C GLU F 171 -11.36 -9.69 8.79
N LEU F 172 -10.68 -9.49 9.92
CA LEU F 172 -9.23 -9.65 9.94
C LEU F 172 -8.84 -11.12 9.86
N ASN F 173 -9.60 -12.00 10.52
CA ASN F 173 -9.27 -13.43 10.49
C ASN F 173 -9.52 -14.03 9.11
N ASN F 174 -10.59 -13.60 8.44
CA ASN F 174 -10.76 -14.02 7.05
C ASN F 174 -9.76 -13.33 6.15
N GLY F 175 -9.29 -12.15 6.53
CA GLY F 175 -8.21 -11.54 5.79
C GLY F 175 -6.89 -12.24 5.99
N ARG F 176 -6.61 -12.68 7.23
CA ARG F 176 -5.37 -13.39 7.53
C ARG F 176 -5.28 -14.72 6.78
N LEU F 177 -6.40 -15.44 6.70
CA LEU F 177 -6.39 -16.74 6.03
C LEU F 177 -6.30 -16.57 4.52
N ALA F 178 -6.97 -15.56 3.97
CA ALA F 178 -6.93 -15.34 2.53
C ALA F 178 -5.61 -14.75 2.07
N MET F 179 -4.82 -14.17 2.98
CA MET F 179 -3.47 -13.76 2.62
C MET F 179 -2.54 -14.95 2.52
N ILE F 180 -2.77 -15.97 3.35
CA ILE F 180 -2.05 -17.23 3.21
C ILE F 180 -2.55 -17.99 1.99
N ALA F 181 -3.85 -17.88 1.71
CA ALA F 181 -4.46 -18.63 0.62
C ALA F 181 -3.99 -18.14 -0.74
N ILE F 182 -3.93 -16.83 -0.95
CA ILE F 182 -3.53 -16.33 -2.26
C ILE F 182 -2.03 -16.49 -2.46
N MET F 183 -1.24 -16.49 -1.38
CA MET F 183 0.18 -16.77 -1.53
C MET F 183 0.44 -18.23 -1.81
N SER F 184 -0.45 -19.11 -1.35
CA SER F 184 -0.39 -20.50 -1.76
C SER F 184 -0.80 -20.68 -3.20
N PHE F 185 -1.67 -19.81 -3.71
CA PHE F 185 -2.17 -19.95 -5.07
C PHE F 185 -1.12 -19.53 -6.09
N ILE F 186 -0.36 -18.49 -5.78
CA ILE F 186 0.76 -18.10 -6.63
C ILE F 186 1.89 -19.12 -6.54
N SER F 187 2.08 -19.71 -5.36
CA SER F 187 3.15 -20.68 -5.18
C SER F 187 2.84 -22.00 -5.87
N ALA F 188 1.56 -22.41 -5.87
CA ALA F 188 1.21 -23.66 -6.51
C ALA F 188 1.20 -23.53 -8.02
N ALA F 189 0.87 -22.34 -8.54
CA ALA F 189 0.87 -22.11 -9.97
C ALA F 189 2.27 -22.03 -10.56
N ASN F 190 3.28 -21.73 -9.74
CA ASN F 190 4.65 -21.60 -10.21
C ASN F 190 5.54 -22.74 -9.75
N ILE F 191 5.45 -23.15 -8.50
CA ILE F 191 6.28 -24.24 -7.97
C ILE F 191 5.37 -25.44 -7.71
N PRO F 192 5.34 -26.43 -8.60
CA PRO F 192 4.37 -27.53 -8.45
C PRO F 192 4.75 -28.46 -7.31
N GLY F 193 3.76 -28.79 -6.49
CA GLY F 193 3.97 -29.57 -5.30
C GLY F 193 4.27 -28.78 -4.05
N SER F 194 4.28 -27.44 -4.15
CA SER F 194 4.53 -26.62 -2.98
C SER F 194 3.35 -26.61 -2.02
N VAL F 195 2.13 -26.67 -2.55
CA VAL F 195 0.92 -26.84 -1.78
C VAL F 195 0.40 -28.25 -2.04
N PRO F 196 0.38 -29.15 -1.06
CA PRO F 196 0.00 -30.54 -1.33
C PRO F 196 -1.47 -30.73 -1.66
N ALA F 197 -2.34 -29.78 -1.35
CA ALA F 197 -3.74 -29.90 -1.71
C ALA F 197 -4.03 -29.46 -3.14
N LEU F 198 -3.12 -28.73 -3.76
CA LEU F 198 -3.30 -28.23 -5.12
C LEU F 198 -2.28 -28.82 -6.09
N THR F 199 -1.95 -30.10 -5.94
CA THR F 199 -0.95 -30.72 -6.80
C THR F 199 -1.51 -30.97 -8.18
N ASN F 200 -2.55 -31.80 -8.28
CA ASN F 200 -3.20 -32.08 -9.55
C ASN F 200 -4.49 -31.27 -9.73
N ASN F 201 -4.48 -30.03 -9.24
CA ASN F 201 -5.61 -29.12 -9.45
C ASN F 201 -5.48 -28.48 -10.82
N PRO F 202 -6.51 -28.54 -11.66
CA PRO F 202 -6.38 -28.03 -13.03
C PRO F 202 -6.31 -26.52 -13.14
N ALA F 203 -6.73 -25.77 -12.12
CA ALA F 203 -6.65 -24.32 -12.16
C ALA F 203 -5.28 -23.78 -11.75
N PHE F 204 -4.30 -24.65 -11.52
CA PHE F 204 -3.02 -24.24 -10.98
C PHE F 204 -1.85 -24.73 -11.84
N ILE G 60 -28.52 45.04 -8.95
CA ILE G 60 -29.15 43.72 -8.84
C ILE G 60 -28.28 42.83 -7.95
N SER G 61 -28.90 42.25 -6.92
CA SER G 61 -28.20 41.40 -5.97
C SER G 61 -28.38 39.93 -6.33
N LYS G 62 -27.78 39.05 -5.52
CA LYS G 62 -27.81 37.62 -5.81
C LYS G 62 -29.19 37.03 -5.59
N GLU G 63 -29.91 37.51 -4.57
CA GLU G 63 -31.25 37.00 -4.32
C GLU G 63 -32.26 37.52 -5.33
N ALA G 64 -31.97 38.62 -6.01
CA ALA G 64 -32.84 39.08 -7.09
C ALA G 64 -32.64 38.27 -8.37
N ILE G 65 -31.41 37.81 -8.61
CA ILE G 65 -31.14 36.98 -9.79
C ILE G 65 -31.74 35.59 -9.60
N LEU G 66 -31.59 35.03 -8.42
CA LEU G 66 -32.06 33.67 -8.14
C LEU G 66 -33.55 33.60 -7.81
N SER G 67 -34.26 34.73 -7.84
CA SER G 67 -35.70 34.72 -7.66
C SER G 67 -36.46 34.43 -8.94
N SER G 68 -35.76 34.24 -10.06
CA SER G 68 -36.37 33.92 -11.33
C SER G 68 -35.39 33.06 -12.12
N PRO G 69 -35.85 32.00 -12.79
CA PRO G 69 -37.23 31.51 -12.86
C PRO G 69 -37.60 30.65 -11.66
N ASP G 70 -38.81 30.09 -11.69
CA ASP G 70 -39.25 29.25 -10.58
C ASP G 70 -38.50 27.92 -10.58
N THR G 71 -38.41 27.32 -9.41
CA THR G 71 -37.61 26.13 -9.17
C THR G 71 -38.48 24.97 -8.72
N THR G 72 -39.59 24.74 -9.44
CA THR G 72 -40.50 23.67 -9.05
C THR G 72 -40.07 22.32 -9.64
N GLU G 73 -39.63 22.33 -10.90
CA GLU G 73 -39.40 21.09 -11.62
C GLU G 73 -38.13 20.36 -11.17
N ILE G 74 -37.25 21.05 -10.45
CA ILE G 74 -36.15 20.42 -9.73
C ILE G 74 -36.46 20.31 -8.25
N GLY G 75 -36.87 21.41 -7.64
CA GLY G 75 -37.23 21.42 -6.23
C GLY G 75 -36.55 22.55 -5.48
N ARG G 76 -35.29 22.82 -5.81
CA ARG G 76 -34.53 23.93 -5.27
C ARG G 76 -33.89 24.67 -6.43
N VAL G 77 -33.13 25.71 -6.10
CA VAL G 77 -32.19 26.27 -7.06
C VAL G 77 -31.12 25.24 -7.37
N TRP G 78 -30.99 24.88 -8.64
CA TRP G 78 -30.14 23.77 -9.04
C TRP G 78 -28.75 24.30 -9.34
N ASP G 79 -27.86 24.19 -8.35
CA ASP G 79 -26.46 24.57 -8.50
C ASP G 79 -25.62 23.48 -7.84
N PRO G 80 -25.36 22.38 -8.55
CA PRO G 80 -24.60 21.28 -7.94
C PRO G 80 -23.12 21.58 -7.75
N LEU G 81 -22.56 22.49 -8.54
CA LEU G 81 -21.15 22.85 -8.39
C LEU G 81 -20.93 24.06 -7.52
N GLY G 82 -22.00 24.72 -7.07
CA GLY G 82 -21.86 25.88 -6.20
C GLY G 82 -21.31 27.11 -6.89
N LEU G 83 -21.62 27.29 -8.17
CA LEU G 83 -21.04 28.37 -8.94
C LEU G 83 -21.64 29.73 -8.66
N ALA G 84 -22.81 29.78 -8.00
CA ALA G 84 -23.37 31.05 -7.56
C ALA G 84 -22.76 31.53 -6.25
N GLU G 85 -21.94 30.70 -5.60
CA GLU G 85 -21.28 31.07 -4.36
C GLU G 85 -19.88 31.62 -4.57
N ILE G 86 -19.36 31.56 -5.79
CA ILE G 86 -18.01 32.01 -6.08
C ILE G 86 -18.11 33.34 -6.81
N GLY G 87 -17.70 34.41 -6.16
CA GLY G 87 -17.74 35.73 -6.75
C GLY G 87 -18.72 36.66 -6.05
N SER G 88 -19.17 37.67 -6.76
CA SER G 88 -20.04 38.71 -6.22
C SER G 88 -21.39 38.63 -6.93
N ALA G 89 -22.25 39.61 -6.67
CA ALA G 89 -23.50 39.71 -7.40
C ALA G 89 -23.30 40.16 -8.84
N GLU G 90 -22.14 40.73 -9.15
CA GLU G 90 -21.84 41.14 -10.52
C GLU G 90 -21.58 39.93 -11.41
N THR G 91 -20.88 38.91 -10.89
CA THR G 91 -20.62 37.72 -11.69
C THR G 91 -21.82 36.79 -11.76
N LEU G 92 -22.83 36.98 -10.92
CA LEU G 92 -24.08 36.25 -11.09
C LEU G 92 -25.00 36.94 -12.09
N ALA G 93 -24.93 38.26 -12.17
CA ALA G 93 -25.68 38.98 -13.20
C ALA G 93 -25.11 38.70 -14.58
N TRP G 94 -23.82 38.40 -14.66
CA TRP G 94 -23.25 37.95 -15.93
C TRP G 94 -23.73 36.56 -16.29
N TYR G 95 -23.98 35.71 -15.29
CA TYR G 95 -24.47 34.37 -15.57
C TYR G 95 -25.90 34.39 -16.05
N ARG G 96 -26.74 35.26 -15.47
CA ARG G 96 -28.13 35.35 -15.88
C ARG G 96 -28.27 35.96 -17.26
N HIS G 97 -27.46 37.00 -17.55
CA HIS G 97 -27.54 37.63 -18.87
C HIS G 97 -27.02 36.72 -19.96
N SER G 98 -26.05 35.88 -19.65
CA SER G 98 -25.58 34.90 -20.62
C SER G 98 -26.44 33.65 -20.67
N GLU G 99 -27.24 33.37 -19.63
CA GLU G 99 -28.21 32.30 -19.75
C GLU G 99 -29.33 32.69 -20.70
N VAL G 100 -29.85 33.91 -20.58
CA VAL G 100 -30.92 34.34 -21.46
C VAL G 100 -30.41 34.64 -22.87
N LYS G 101 -29.13 35.00 -23.05
CA LYS G 101 -28.64 35.17 -24.39
C LYS G 101 -28.38 33.84 -25.07
N HIS G 102 -27.87 32.86 -24.31
CA HIS G 102 -27.72 31.50 -24.83
C HIS G 102 -29.08 30.88 -25.12
N GLY G 103 -30.08 31.20 -24.31
CA GLY G 103 -31.40 30.61 -24.52
C GLY G 103 -32.10 31.18 -25.73
N ARG G 104 -32.15 32.50 -25.84
CA ARG G 104 -32.90 33.17 -26.91
C ARG G 104 -32.26 32.95 -28.28
N ILE G 105 -30.98 32.62 -28.34
CA ILE G 105 -30.37 32.23 -29.61
C ILE G 105 -30.69 30.77 -29.93
N ALA G 106 -30.64 29.89 -28.91
CA ALA G 106 -30.88 28.47 -29.13
C ALA G 106 -32.34 28.17 -29.48
N MET G 107 -33.28 29.04 -29.10
CA MET G 107 -34.66 28.87 -29.54
C MET G 107 -34.78 29.10 -31.04
N ALA G 108 -34.24 30.23 -31.52
CA ALA G 108 -34.30 30.54 -32.94
C ALA G 108 -33.43 29.60 -33.77
N ALA G 109 -32.40 29.02 -33.16
CA ALA G 109 -31.58 28.04 -33.86
C ALA G 109 -32.28 26.71 -34.03
N PHE G 110 -33.25 26.38 -33.17
CA PHE G 110 -33.92 25.09 -33.28
C PHE G 110 -34.90 25.06 -34.45
N VAL G 111 -35.72 26.11 -34.57
CA VAL G 111 -36.70 26.16 -35.65
C VAL G 111 -36.02 26.34 -37.00
N GLY G 112 -34.89 27.06 -37.04
CA GLY G 112 -34.12 27.22 -38.26
C GLY G 112 -33.51 25.94 -38.77
N TRP G 113 -33.42 24.91 -37.93
CA TRP G 113 -33.08 23.57 -38.41
C TRP G 113 -34.25 22.97 -39.19
N TRP G 114 -35.44 22.96 -38.57
CA TRP G 114 -36.61 22.37 -39.23
C TRP G 114 -37.19 23.28 -40.30
N ALA G 115 -36.86 24.56 -40.30
CA ALA G 115 -37.33 25.44 -41.38
C ALA G 115 -36.60 25.15 -42.68
N VAL G 116 -35.36 24.67 -42.59
CA VAL G 116 -34.59 24.29 -43.77
C VAL G 116 -34.41 22.78 -43.89
N GLY G 117 -34.86 22.02 -42.90
CA GLY G 117 -34.75 20.57 -42.94
C GLY G 117 -35.95 19.91 -43.60
N GLY G 139 -28.78 20.52 -42.88
CA GLY G 139 -28.06 20.68 -41.64
C GLY G 139 -27.03 21.79 -41.68
N LEU G 140 -25.79 21.44 -41.39
CA LEU G 140 -24.70 22.41 -41.40
C LEU G 140 -24.20 22.73 -42.81
N GLU G 141 -24.65 22.01 -43.82
CA GLU G 141 -24.19 22.25 -45.18
C GLU G 141 -24.78 23.53 -45.77
N ALA G 142 -25.88 24.04 -45.22
CA ALA G 142 -26.42 25.31 -45.67
C ALA G 142 -25.53 26.47 -45.26
N TRP G 143 -24.83 26.33 -44.13
CA TRP G 143 -23.85 27.34 -43.73
C TRP G 143 -22.63 27.31 -44.63
N ASP G 144 -22.27 26.12 -45.15
CA ASP G 144 -21.18 26.02 -46.11
C ASP G 144 -21.53 26.62 -47.46
N ALA G 145 -22.82 26.71 -47.79
CA ALA G 145 -23.26 27.34 -49.02
C ALA G 145 -23.34 28.85 -48.92
N VAL G 146 -23.08 29.41 -47.75
CA VAL G 146 -23.10 30.86 -47.59
C VAL G 146 -21.77 31.42 -48.10
N PRO G 147 -21.79 32.44 -48.97
CA PRO G 147 -20.52 32.97 -49.51
C PRO G 147 -19.70 33.76 -48.50
N GLY G 148 -18.53 34.22 -48.93
CA GLY G 148 -17.67 35.00 -48.07
C GLY G 148 -18.23 36.37 -47.75
N TRP G 149 -18.98 36.96 -48.68
CA TRP G 149 -19.70 38.19 -48.36
C TRP G 149 -20.90 37.91 -47.47
N GLY G 150 -21.49 36.72 -47.58
CA GLY G 150 -22.67 36.38 -46.82
C GLY G 150 -22.40 36.12 -45.36
N LYS G 151 -21.30 35.42 -45.06
CA LYS G 151 -20.93 35.18 -43.67
C LYS G 151 -20.49 36.46 -42.98
N ALA G 152 -19.74 37.30 -43.67
CA ALA G 152 -19.27 38.55 -43.08
C ALA G 152 -20.38 39.59 -42.92
N GLN G 153 -21.47 39.46 -43.67
CA GLN G 153 -22.57 40.42 -43.54
C GLN G 153 -23.39 40.15 -42.29
N MET G 154 -23.74 38.90 -42.03
CA MET G 154 -24.60 38.57 -40.90
C MET G 154 -23.83 38.56 -39.58
N LEU G 155 -22.54 38.25 -39.62
CA LEU G 155 -21.74 38.20 -38.40
C LEU G 155 -21.45 39.59 -37.85
N LEU G 156 -21.36 40.58 -38.73
CA LEU G 156 -21.13 41.95 -38.28
C LEU G 156 -22.45 42.69 -38.03
N PHE G 157 -23.54 42.27 -38.69
CA PHE G 157 -24.85 42.80 -38.33
C PHE G 157 -25.27 42.34 -36.95
N ALA G 158 -24.98 41.07 -36.61
CA ALA G 158 -25.17 40.61 -35.24
C ALA G 158 -24.18 41.28 -34.30
N GLY G 159 -22.99 41.60 -34.79
CA GLY G 159 -22.06 42.37 -34.00
C GLY G 159 -22.49 43.81 -33.80
N LEU G 160 -23.19 44.37 -34.80
CA LEU G 160 -23.75 45.70 -34.64
C LEU G 160 -24.91 45.71 -33.64
N ILE G 161 -25.65 44.60 -33.56
CA ILE G 161 -26.70 44.46 -32.56
C ILE G 161 -26.08 44.40 -31.17
N GLU G 162 -25.11 43.51 -30.97
CA GLU G 162 -24.49 43.32 -29.66
C GLU G 162 -23.59 44.48 -29.26
N PHE G 163 -23.14 45.29 -30.21
CA PHE G 163 -22.40 46.51 -29.86
C PHE G 163 -23.34 47.51 -29.20
N HIS G 164 -24.41 47.88 -29.89
CA HIS G 164 -25.34 48.87 -29.37
C HIS G 164 -26.22 48.32 -28.25
N ASP G 165 -26.26 47.00 -28.07
CA ASP G 165 -26.97 46.42 -26.94
C ASP G 165 -26.32 46.81 -25.62
N GLU G 166 -25.01 46.58 -25.50
CA GLU G 166 -24.30 46.99 -24.31
C GLU G 166 -24.10 48.49 -24.25
N LEU G 167 -24.24 49.20 -25.37
CA LEU G 167 -24.16 50.65 -25.35
C LEU G 167 -25.44 51.25 -24.77
N PHE G 168 -26.61 50.82 -25.28
CA PHE G 168 -27.86 51.38 -24.81
C PHE G 168 -28.23 50.87 -23.42
N HIS G 169 -27.65 49.74 -23.00
CA HIS G 169 -27.71 49.34 -21.61
C HIS G 169 -27.05 50.38 -20.70
N THR G 170 -25.90 50.89 -21.11
CA THR G 170 -25.18 51.84 -20.26
C THR G 170 -25.76 53.23 -20.36
N ARG G 171 -26.13 53.67 -21.57
CA ARG G 171 -26.48 55.07 -21.78
C ARG G 171 -27.97 55.35 -21.67
N ARG G 172 -28.83 54.40 -22.04
CA ARG G 172 -30.25 54.66 -22.17
C ARG G 172 -31.11 53.90 -21.15
N THR G 173 -30.52 53.43 -20.07
CA THR G 173 -31.25 52.74 -19.01
C THR G 173 -31.16 53.57 -17.74
N GLU G 174 -32.25 53.56 -16.97
CA GLU G 174 -32.31 54.37 -15.76
C GLU G 174 -31.38 53.85 -14.67
N GLY G 175 -31.09 52.55 -14.66
CA GLY G 175 -30.21 51.99 -13.67
C GLY G 175 -28.77 51.89 -14.13
N GLY G 176 -28.58 51.56 -15.41
CA GLY G 176 -27.28 51.43 -16.00
C GLY G 176 -27.12 50.10 -16.68
N HIS G 177 -25.88 49.64 -16.78
CA HIS G 177 -25.56 48.35 -17.36
C HIS G 177 -26.09 47.23 -16.47
N TYR G 178 -26.22 46.04 -17.07
CA TYR G 178 -26.74 44.90 -16.32
C TYR G 178 -25.73 44.41 -15.28
N LEU G 179 -24.44 44.68 -15.48
CA LEU G 179 -23.45 44.44 -14.44
C LEU G 179 -23.30 45.61 -13.49
N ARG G 180 -23.96 46.74 -13.75
CA ARG G 180 -23.86 47.91 -12.90
C ARG G 180 -25.18 48.24 -12.21
N GLY G 181 -26.25 48.47 -12.98
CA GLY G 181 -27.53 48.79 -12.37
C GLY G 181 -28.75 48.32 -13.14
N GLY G 182 -28.55 47.65 -14.27
CA GLY G 182 -29.64 47.32 -15.16
C GLY G 182 -30.10 45.89 -15.04
N THR G 183 -31.17 45.60 -15.79
CA THR G 183 -31.73 44.25 -15.80
C THR G 183 -30.84 43.35 -16.64
N PRO G 184 -30.54 42.12 -16.17
CA PRO G 184 -29.77 41.19 -17.01
C PRO G 184 -30.55 40.58 -18.16
N GLY G 185 -31.83 40.90 -18.33
CA GLY G 185 -32.56 40.45 -19.50
C GLY G 185 -33.05 41.54 -20.42
N LYS G 186 -32.68 42.80 -20.18
CA LYS G 186 -33.41 43.92 -20.78
C LYS G 186 -33.12 44.07 -22.27
N ASN G 187 -31.89 43.81 -22.70
CA ASN G 187 -31.49 43.64 -24.11
C ASN G 187 -31.87 44.85 -24.98
N MET G 188 -31.33 46.00 -24.61
CA MET G 188 -31.83 47.27 -25.13
C MET G 188 -31.21 47.59 -26.49
N VAL G 189 -31.92 47.20 -27.55
CA VAL G 189 -31.78 47.82 -28.87
C VAL G 189 -33.18 48.02 -29.42
N PRO G 190 -33.54 49.24 -29.85
CA PRO G 190 -34.92 49.50 -30.29
C PRO G 190 -35.17 48.92 -31.68
N GLY G 191 -36.13 48.00 -31.76
CA GLY G 191 -36.54 47.38 -33.00
C GLY G 191 -36.23 45.90 -33.11
N LEU G 192 -35.26 45.41 -32.34
CA LEU G 192 -34.96 43.98 -32.35
C LEU G 192 -36.07 43.17 -31.68
N PHE G 193 -36.73 43.75 -30.67
CA PHE G 193 -37.80 43.04 -29.99
C PHE G 193 -39.15 43.22 -30.68
N ASP G 194 -39.46 44.41 -31.16
CA ASP G 194 -40.74 44.65 -31.80
C ASP G 194 -40.61 45.61 -32.99
N GLU G 206 -47.73 40.13 -15.49
CA GLU G 206 -47.89 39.17 -16.58
C GLU G 206 -46.62 39.08 -17.40
N LEU G 207 -45.74 40.07 -17.25
CA LEU G 207 -44.48 40.09 -17.97
C LEU G 207 -43.35 39.42 -17.20
N ALA G 208 -43.34 39.55 -15.87
CA ALA G 208 -42.39 38.81 -15.05
C ALA G 208 -42.69 37.32 -15.07
N LYS G 209 -43.96 36.96 -15.23
CA LYS G 209 -44.33 35.56 -15.48
C LYS G 209 -43.85 35.11 -16.85
N GLY G 210 -43.78 36.03 -17.82
CA GLY G 210 -43.20 35.72 -19.11
C GLY G 210 -41.70 35.67 -19.10
N ARG G 211 -41.05 36.28 -18.10
CA ARG G 211 -39.61 36.13 -17.94
C ARG G 211 -39.26 34.70 -17.54
N ASP G 212 -40.09 34.10 -16.70
CA ASP G 212 -39.85 32.73 -16.28
C ASP G 212 -40.13 31.75 -17.41
N ARG G 213 -41.01 32.11 -18.33
CA ARG G 213 -41.30 31.30 -19.49
C ARG G 213 -40.33 31.54 -20.63
N GLU G 214 -39.45 32.53 -20.51
CA GLU G 214 -38.42 32.76 -21.53
C GLU G 214 -37.16 31.98 -21.21
N ILE G 215 -36.74 31.99 -19.94
CA ILE G 215 -35.55 31.25 -19.53
C ILE G 215 -35.80 29.75 -19.62
N LYS G 216 -37.01 29.31 -19.28
CA LYS G 216 -37.31 27.88 -19.30
C LYS G 216 -37.45 27.36 -20.72
N ASN G 217 -38.07 28.15 -21.61
CA ASN G 217 -38.21 27.72 -23.00
C ASN G 217 -36.90 27.79 -23.76
N GLY G 218 -35.95 28.58 -23.28
CA GLY G 218 -34.63 28.64 -23.86
C GLY G 218 -33.68 27.64 -23.24
N ARG G 219 -33.96 27.23 -22.00
CA ARG G 219 -33.20 26.14 -21.40
C ARG G 219 -33.44 24.83 -22.13
N LEU G 220 -34.67 24.62 -22.61
CA LEU G 220 -34.98 23.39 -23.33
C LEU G 220 -34.35 23.38 -24.70
N ALA G 221 -34.35 24.53 -25.38
CA ALA G 221 -33.77 24.60 -26.72
C ALA G 221 -32.26 24.49 -26.69
N MET G 222 -31.64 24.93 -25.58
CA MET G 222 -30.21 24.73 -25.41
C MET G 222 -29.87 23.26 -25.35
N ILE G 223 -30.69 22.47 -24.67
CA ILE G 223 -30.55 21.02 -24.71
C ILE G 223 -30.97 20.48 -26.07
N GLY G 224 -31.96 21.12 -26.71
CA GLY G 224 -32.46 20.62 -27.98
C GLY G 224 -31.51 20.83 -29.13
N VAL G 225 -30.87 22.00 -29.21
CA VAL G 225 -29.94 22.23 -30.29
C VAL G 225 -28.61 21.50 -30.00
N ALA G 226 -28.32 21.24 -28.73
CA ALA G 226 -27.22 20.33 -28.40
C ALA G 226 -27.55 18.91 -28.82
N GLY G 227 -28.84 18.56 -28.85
CA GLY G 227 -29.24 17.34 -29.53
C GLY G 227 -29.09 17.40 -31.03
N LEU G 228 -29.54 18.48 -31.67
CA LEU G 228 -29.47 18.58 -33.12
C LEU G 228 -28.07 18.85 -33.64
N TYR G 229 -27.08 19.05 -32.78
CA TYR G 229 -25.70 19.06 -33.22
C TYR G 229 -25.01 17.74 -32.95
N CYS G 230 -25.39 17.04 -31.89
CA CYS G 230 -24.70 15.82 -31.51
C CYS G 230 -25.45 14.59 -32.01
N ALA G 231 -26.75 14.49 -31.72
CA ALA G 231 -27.53 13.33 -32.16
C ALA G 231 -27.72 13.33 -33.68
N ALA G 232 -27.86 14.50 -34.28
CA ALA G 232 -28.06 14.56 -35.72
C ALA G 232 -26.76 14.35 -36.48
N THR G 233 -25.63 14.83 -35.96
CA THR G 233 -24.42 14.86 -36.76
C THR G 233 -23.29 13.99 -36.22
N ILE G 234 -22.80 14.22 -35.01
CA ILE G 234 -21.41 13.85 -34.72
C ILE G 234 -21.26 12.36 -34.40
N PRO G 235 -21.94 11.72 -33.37
CA PRO G 235 -22.22 10.28 -33.52
C PRO G 235 -23.65 10.00 -33.92
N GLY G 236 -23.96 8.74 -34.22
CA GLY G 236 -25.30 8.37 -34.63
C GLY G 236 -26.32 8.21 -33.51
N SER G 237 -26.08 7.25 -32.60
CA SER G 237 -27.11 6.79 -31.67
C SER G 237 -27.05 7.47 -30.32
N VAL G 238 -27.27 8.78 -30.30
CA VAL G 238 -27.36 9.56 -29.07
C VAL G 238 -28.71 9.52 -28.34
N PRO G 239 -29.87 9.89 -28.94
CA PRO G 239 -30.94 10.45 -28.08
C PRO G 239 -31.73 9.48 -27.19
N LEU G 240 -32.25 8.31 -27.59
CA LEU G 240 -32.43 7.70 -28.91
C LEU G 240 -33.74 8.18 -29.56
N GLN G 241 -34.37 9.16 -28.90
CA GLN G 241 -35.51 9.93 -29.40
C GLN G 241 -36.75 9.07 -29.62
N LYS H 41 -37.45 5.75 14.40
CA LYS H 41 -36.78 4.58 14.95
C LYS H 41 -37.60 3.97 16.08
N ASP H 42 -38.09 4.82 16.97
CA ASP H 42 -39.01 4.35 18.00
C ASP H 42 -40.35 3.94 17.42
N ASP H 43 -40.77 4.58 16.32
CA ASP H 43 -42.01 4.21 15.66
C ASP H 43 -41.81 2.97 14.78
N LEU H 44 -40.61 2.79 14.22
CA LEU H 44 -40.35 1.66 13.34
C LEU H 44 -40.39 0.34 14.08
N ILE H 45 -39.95 0.33 15.35
CA ILE H 45 -40.11 -0.85 16.19
C ILE H 45 -41.57 -1.09 16.51
N ALA H 46 -42.33 -0.02 16.72
CA ALA H 46 -43.75 -0.15 17.04
C ALA H 46 -44.58 -0.59 15.84
N ILE H 47 -44.09 -0.33 14.62
CA ILE H 47 -44.77 -0.83 13.43
C ILE H 47 -44.53 -2.33 13.25
N ALA H 48 -43.27 -2.74 13.35
CA ALA H 48 -42.90 -4.11 13.10
C ALA H 48 -43.33 -5.07 14.20
N GLU H 49 -43.71 -4.56 15.37
CA GLU H 49 -44.32 -5.43 16.39
C GLU H 49 -45.74 -5.81 16.04
N LYS H 50 -46.50 -4.90 15.42
CA LYS H 50 -47.85 -5.24 15.00
C LYS H 50 -47.87 -6.05 13.71
N SER H 51 -46.79 -6.01 12.92
CA SER H 51 -46.71 -6.88 11.75
C SER H 51 -46.43 -8.32 12.15
N ASN H 52 -45.72 -8.51 13.26
CA ASN H 52 -45.40 -9.84 13.75
C ASN H 52 -45.14 -9.77 15.25
N PRO H 53 -46.01 -10.37 16.08
CA PRO H 53 -45.74 -10.40 17.52
C PRO H 53 -44.72 -11.45 17.93
N VAL H 54 -44.36 -12.38 17.05
CA VAL H 54 -43.22 -13.25 17.31
C VAL H 54 -41.92 -12.56 16.96
N LEU H 55 -41.78 -12.17 15.70
CA LEU H 55 -40.60 -11.47 15.19
C LEU H 55 -40.85 -9.98 15.37
N LYS H 56 -40.38 -9.44 16.51
CA LYS H 56 -40.73 -8.06 16.86
C LYS H 56 -40.01 -7.06 15.98
N TYR H 57 -38.68 -7.03 16.03
CA TYR H 57 -37.89 -6.16 15.17
C TYR H 57 -36.76 -6.98 14.58
N TYR H 58 -36.76 -7.15 13.26
CA TYR H 58 -35.77 -7.99 12.59
C TYR H 58 -34.86 -7.10 11.74
N ASP H 59 -33.58 -7.10 12.07
CA ASP H 59 -32.59 -6.35 11.32
C ASP H 59 -31.22 -7.00 11.46
N PRO H 60 -30.88 -7.96 10.58
CA PRO H 60 -29.54 -8.54 10.61
C PRO H 60 -28.45 -7.54 10.25
N LEU H 61 -28.64 -6.83 9.14
CA LEU H 61 -27.63 -5.88 8.68
C LEU H 61 -27.63 -4.59 9.46
N GLN H 62 -28.64 -4.36 10.31
CA GLN H 62 -28.86 -3.10 11.05
C GLN H 62 -28.88 -1.90 10.09
N LEU H 63 -29.61 -2.07 8.99
CA LEU H 63 -29.74 -1.00 8.01
C LEU H 63 -30.61 0.14 8.53
N GLY H 64 -31.46 -0.12 9.53
CA GLY H 64 -32.31 0.92 10.07
C GLY H 64 -31.59 1.98 10.88
N SER H 65 -30.30 1.80 11.17
CA SER H 65 -29.53 2.76 11.95
C SER H 65 -28.48 3.48 11.12
N THR H 66 -28.67 3.59 9.81
CA THR H 66 -27.72 4.28 8.95
C THR H 66 -28.32 5.58 8.41
N THR H 67 -27.44 6.42 7.89
CA THR H 67 -27.81 7.54 7.04
C THR H 67 -27.35 7.25 5.62
N ILE H 68 -27.85 8.01 4.66
CA ILE H 68 -27.42 7.87 3.27
C ILE H 68 -26.75 9.16 2.76
N TRP H 69 -27.51 10.26 2.69
CA TRP H 69 -26.98 11.50 2.13
C TRP H 69 -26.61 12.49 3.23
N GLY H 70 -26.30 12.01 4.43
CA GLY H 70 -25.96 12.88 5.52
C GLY H 70 -27.11 13.69 6.05
N GLU H 71 -28.34 13.18 5.97
CA GLU H 71 -29.48 13.95 6.46
C GLU H 71 -29.56 13.89 8.00
N THR H 72 -29.88 12.71 8.52
CA THR H 72 -29.90 12.27 9.92
C THR H 72 -30.41 10.83 9.85
N ASN H 73 -30.40 10.15 10.99
CA ASN H 73 -30.92 8.78 10.99
C ASN H 73 -32.43 8.75 10.85
N SER H 74 -33.12 9.74 11.40
CA SER H 74 -34.59 9.73 11.39
C SER H 74 -35.16 10.12 10.03
N ALA H 75 -34.38 10.75 9.16
CA ALA H 75 -34.88 11.11 7.84
C ALA H 75 -34.69 9.99 6.83
N THR H 76 -33.59 9.23 6.96
CA THR H 76 -33.38 8.08 6.10
C THR H 76 -34.20 6.89 6.53
N ILE H 77 -34.68 6.88 7.77
CA ILE H 77 -35.58 5.81 8.18
C ILE H 77 -36.97 6.02 7.60
N GLY H 78 -37.28 7.24 7.15
CA GLY H 78 -38.45 7.45 6.31
C GLY H 78 -38.18 7.15 4.86
N PHE H 79 -36.93 7.26 4.43
CA PHE H 79 -36.54 6.80 3.10
C PHE H 79 -36.66 5.29 3.00
N LEU H 80 -36.18 4.58 4.02
CA LEU H 80 -36.25 3.12 4.01
C LEU H 80 -37.68 2.61 4.11
N ARG H 81 -38.53 3.34 4.83
CA ARG H 81 -39.94 2.96 4.90
C ARG H 81 -40.64 3.21 3.57
N GLN H 82 -40.33 4.33 2.92
CA GLN H 82 -40.96 4.64 1.64
C GLN H 82 -40.49 3.68 0.55
N SER H 83 -39.20 3.29 0.59
CA SER H 83 -38.69 2.38 -0.41
C SER H 83 -39.19 0.96 -0.22
N GLU H 84 -39.45 0.56 1.03
CA GLU H 84 -40.03 -0.76 1.27
C GLU H 84 -41.49 -0.80 0.85
N ILE H 85 -42.23 0.27 1.16
CA ILE H 85 -43.64 0.35 0.77
C ILE H 85 -43.77 0.43 -0.74
N LYS H 86 -42.89 1.19 -1.40
CA LYS H 86 -42.94 1.30 -2.86
C LYS H 86 -42.53 -0.01 -3.54
N HIS H 87 -41.56 -0.72 -2.96
CA HIS H 87 -41.16 -2.01 -3.51
C HIS H 87 -42.28 -3.04 -3.39
N GLY H 88 -42.98 -3.04 -2.27
CA GLY H 88 -44.05 -3.98 -2.05
C GLY H 88 -45.31 -3.65 -2.82
N ARG H 89 -45.59 -2.35 -2.98
CA ARG H 89 -46.76 -1.92 -3.72
C ARG H 89 -46.62 -2.24 -5.21
N ILE H 90 -45.41 -2.04 -5.75
CA ILE H 90 -45.15 -2.37 -7.15
C ILE H 90 -45.22 -3.88 -7.37
N ALA H 91 -44.61 -4.65 -6.48
CA ALA H 91 -44.62 -6.09 -6.61
C ALA H 91 -45.99 -6.70 -6.36
N MET H 92 -46.86 -6.02 -5.61
CA MET H 92 -48.23 -6.49 -5.46
C MET H 92 -48.99 -6.32 -6.77
N ALA H 93 -48.86 -5.16 -7.41
CA ALA H 93 -49.46 -4.95 -8.71
C ALA H 93 -48.77 -5.79 -9.79
N ALA H 94 -47.50 -6.12 -9.60
CA ALA H 94 -46.82 -6.97 -10.56
C ALA H 94 -47.28 -8.42 -10.48
N PHE H 95 -47.68 -8.87 -9.29
CA PHE H 95 -48.10 -10.26 -9.13
C PHE H 95 -49.47 -10.50 -9.76
N VAL H 96 -50.42 -9.59 -9.52
CA VAL H 96 -51.70 -9.66 -10.19
C VAL H 96 -51.53 -9.38 -11.68
N GLY H 97 -50.68 -8.42 -12.02
CA GLY H 97 -50.37 -8.14 -13.40
C GLY H 97 -49.63 -9.26 -14.13
N TYR H 98 -48.97 -10.14 -13.37
CA TYR H 98 -48.35 -11.30 -14.00
C TYR H 98 -49.40 -12.32 -14.41
N ILE H 99 -50.28 -12.70 -13.48
CA ILE H 99 -51.20 -13.81 -13.72
C ILE H 99 -52.29 -13.40 -14.70
N VAL H 100 -52.53 -12.10 -14.84
CA VAL H 100 -53.43 -11.64 -15.90
C VAL H 100 -52.73 -11.73 -17.25
N GLN H 101 -51.50 -11.24 -17.33
CA GLN H 101 -50.78 -11.20 -18.60
C GLN H 101 -50.07 -12.50 -18.96
N ALA H 102 -50.04 -13.49 -18.04
CA ALA H 102 -49.53 -14.80 -18.40
C ALA H 102 -50.62 -15.66 -19.02
N ASN H 103 -51.84 -15.59 -18.49
CA ASN H 103 -52.99 -16.17 -19.16
C ASN H 103 -53.37 -15.30 -20.36
N GLY H 104 -54.31 -15.79 -21.15
CA GLY H 104 -54.69 -15.00 -22.30
C GLY H 104 -55.75 -13.99 -21.92
N ILE H 105 -55.30 -12.79 -21.58
CA ILE H 105 -56.20 -11.66 -21.32
C ILE H 105 -55.67 -10.51 -22.18
N HIS H 106 -56.17 -10.42 -23.41
CA HIS H 106 -55.87 -9.32 -24.31
C HIS H 106 -57.16 -8.53 -24.49
N PHE H 107 -57.20 -7.31 -23.93
CA PHE H 107 -58.54 -6.75 -23.95
C PHE H 107 -58.72 -5.81 -25.14
N PRO H 108 -59.87 -5.91 -25.80
CA PRO H 108 -60.25 -4.86 -26.76
C PRO H 108 -60.59 -3.58 -26.02
N TRP H 109 -60.27 -2.43 -26.62
CA TRP H 109 -59.80 -2.28 -27.99
C TRP H 109 -58.32 -1.90 -28.04
N PRO H 110 -57.61 -2.34 -29.09
CA PRO H 110 -56.24 -1.88 -29.26
C PRO H 110 -56.18 -0.40 -29.65
N MET H 111 -55.37 0.35 -28.91
CA MET H 111 -55.27 1.79 -29.06
C MET H 111 -53.98 2.09 -29.83
N SER H 112 -54.10 2.10 -31.15
CA SER H 112 -53.02 2.48 -32.04
C SER H 112 -53.64 3.03 -33.31
N PHE H 113 -52.80 3.53 -34.21
CA PHE H 113 -53.29 4.14 -35.44
C PHE H 113 -53.19 3.21 -36.64
N ASP H 114 -52.65 2.01 -36.46
CA ASP H 114 -52.47 1.07 -37.55
C ASP H 114 -52.94 -0.34 -37.25
N GLY H 115 -53.14 -0.70 -35.98
CA GLY H 115 -53.32 -2.09 -35.62
C GLY H 115 -52.55 -2.37 -34.34
N THR H 116 -51.57 -3.29 -34.41
CA THR H 116 -50.52 -3.66 -33.45
C THR H 116 -51.08 -3.82 -32.04
N PRO H 117 -51.81 -4.91 -31.76
CA PRO H 117 -52.46 -5.04 -30.44
C PRO H 117 -51.49 -5.33 -29.31
N PHE H 118 -52.01 -5.54 -28.10
CA PHE H 118 -51.17 -5.82 -26.95
C PHE H 118 -50.50 -7.17 -27.14
N PRO H 119 -49.17 -7.24 -27.12
CA PRO H 119 -48.46 -8.38 -27.71
C PRO H 119 -48.49 -9.66 -26.88
N ALA H 120 -49.69 -10.13 -26.55
CA ALA H 120 -49.86 -11.38 -25.81
C ALA H 120 -49.70 -12.62 -26.67
N ASP H 121 -49.33 -12.46 -27.94
CA ASP H 121 -49.09 -13.59 -28.83
C ASP H 121 -47.64 -14.07 -28.77
N ALA H 122 -47.13 -14.30 -27.57
CA ALA H 122 -45.86 -14.99 -27.41
C ALA H 122 -45.93 -16.25 -26.55
N GLY H 123 -46.48 -16.26 -25.31
CA GLY H 123 -47.08 -15.22 -24.48
C GLY H 123 -46.06 -14.74 -23.46
N SER H 124 -46.07 -15.35 -22.25
CA SER H 124 -44.88 -15.40 -21.37
C SER H 124 -44.40 -14.03 -20.94
N PRO H 125 -45.05 -13.40 -19.95
CA PRO H 125 -45.12 -11.90 -19.83
C PRO H 125 -43.77 -11.16 -19.79
N PRO H 126 -42.65 -11.75 -19.34
CA PRO H 126 -41.37 -11.08 -19.64
C PRO H 126 -41.03 -10.98 -21.12
N GLU H 127 -41.39 -11.96 -21.95
CA GLU H 127 -41.31 -11.76 -23.40
C GLU H 127 -42.30 -10.73 -23.89
N GLN H 128 -43.43 -10.58 -23.20
CA GLN H 128 -44.49 -9.68 -23.65
C GLN H 128 -44.09 -8.23 -23.51
N TRP H 129 -43.26 -7.89 -22.51
CA TRP H 129 -42.78 -6.53 -22.35
C TRP H 129 -41.84 -6.14 -23.49
N ASP H 130 -41.05 -7.10 -23.99
CA ASP H 130 -40.12 -6.81 -25.08
C ASP H 130 -40.85 -6.53 -26.38
N ALA H 131 -42.00 -7.15 -26.58
CA ALA H 131 -42.68 -7.11 -27.86
C ALA H 131 -43.71 -5.99 -27.98
N LEU H 132 -43.72 -5.05 -27.04
CA LEU H 132 -44.60 -3.88 -27.16
C LEU H 132 -44.26 -3.03 -28.37
N SER H 133 -43.09 -2.40 -28.28
CA SER H 133 -42.52 -1.45 -29.23
C SER H 133 -41.19 -1.07 -28.61
N ASP H 134 -40.45 -0.15 -29.21
CA ASP H 134 -39.45 0.52 -28.41
C ASP H 134 -39.98 1.84 -27.88
N ALA H 135 -40.81 2.52 -28.68
CA ALA H 135 -41.35 3.83 -28.31
C ALA H 135 -42.54 3.75 -27.38
N ALA H 136 -43.16 2.58 -27.20
CA ALA H 136 -44.25 2.48 -26.24
C ALA H 136 -43.74 2.38 -24.81
N LYS H 137 -42.49 1.94 -24.63
CA LYS H 137 -41.95 1.77 -23.28
C LYS H 137 -41.62 3.11 -22.63
N TRP H 138 -41.27 4.13 -23.42
CA TRP H 138 -41.04 5.44 -22.81
C TRP H 138 -42.33 6.09 -22.36
N GLN H 139 -43.47 5.74 -22.94
CA GLN H 139 -44.73 6.29 -22.47
C GLN H 139 -45.16 5.68 -21.15
N ILE H 140 -44.86 4.39 -20.94
CA ILE H 140 -45.19 3.76 -19.67
C ILE H 140 -44.24 4.23 -18.57
N ILE H 141 -42.97 4.37 -18.90
CA ILE H 141 -41.95 4.69 -17.90
C ILE H 141 -42.06 6.14 -17.45
N LEU H 142 -42.27 7.07 -18.39
CA LEU H 142 -42.38 8.48 -18.03
C LEU H 142 -43.69 8.82 -17.35
N PHE H 143 -44.75 8.03 -17.55
CA PHE H 143 -45.99 8.31 -16.84
C PHE H 143 -45.87 7.91 -15.37
N ILE H 144 -45.24 6.77 -15.10
CA ILE H 144 -44.90 6.40 -13.73
C ILE H 144 -43.93 7.41 -13.14
N GLY H 145 -43.03 7.93 -13.99
CA GLY H 145 -42.08 8.95 -13.57
C GLY H 145 -42.68 10.26 -13.15
N PHE H 146 -43.89 10.57 -13.61
CA PHE H 146 -44.58 11.73 -13.03
C PHE H 146 -45.10 11.40 -11.64
N LEU H 147 -45.64 10.19 -11.45
CA LEU H 147 -46.12 9.79 -10.14
C LEU H 147 -44.98 9.64 -9.15
N GLU H 148 -43.81 9.24 -9.65
CA GLU H 148 -42.60 9.26 -8.84
C GLU H 148 -42.19 10.70 -8.54
N TRP H 149 -42.39 11.60 -9.52
CA TRP H 149 -42.07 13.02 -9.31
C TRP H 149 -43.08 13.67 -8.37
N PHE H 150 -44.37 13.37 -8.52
CA PHE H 150 -45.39 14.05 -7.75
C PHE H 150 -45.39 13.59 -6.30
N SER H 151 -44.94 12.36 -6.03
CA SER H 151 -44.82 11.91 -4.65
C SER H 151 -43.66 12.57 -3.94
N GLU H 152 -42.71 13.14 -4.68
CA GLU H 152 -41.59 13.86 -4.11
C GLU H 152 -41.85 15.35 -3.93
N ALA H 153 -42.45 15.99 -4.92
CA ALA H 153 -42.58 17.45 -4.91
C ALA H 153 -43.72 17.91 -4.02
N ALA H 154 -44.84 17.20 -4.05
CA ALA H 154 -46.07 17.73 -3.47
C ALA H 154 -46.10 17.54 -1.96
N GLY H 155 -47.30 17.69 -1.38
CA GLY H 155 -47.57 18.22 -0.05
C GLY H 155 -46.62 17.98 1.11
N LYS H 156 -46.19 16.74 1.34
CA LYS H 156 -45.33 16.46 2.46
C LYS H 156 -44.46 15.26 2.15
N HIS H 157 -43.18 15.35 2.48
CA HIS H 157 -42.18 14.38 2.07
C HIS H 157 -41.85 13.42 3.19
N TYR H 158 -41.47 12.21 2.80
CA TYR H 158 -41.23 11.12 3.74
C TYR H 158 -39.92 11.25 4.49
N MET H 159 -39.00 12.10 4.00
CA MET H 159 -37.75 12.39 4.69
C MET H 159 -37.86 13.62 5.58
N ARG H 160 -39.06 13.88 6.10
CA ARG H 160 -39.43 15.04 6.89
C ARG H 160 -40.46 14.51 7.87
N GLY H 161 -41.35 15.38 8.37
CA GLY H 161 -42.63 14.91 8.86
C GLY H 161 -43.24 13.96 7.85
N GLY H 162 -43.49 12.72 8.25
CA GLY H 162 -43.42 11.63 7.31
C GLY H 162 -44.71 11.20 6.64
N LYS H 163 -45.30 10.12 7.16
CA LYS H 163 -46.32 9.27 6.55
C LYS H 163 -45.84 8.81 5.17
N PRO H 164 -44.91 7.86 5.10
CA PRO H 164 -44.46 7.38 3.80
C PRO H 164 -45.49 6.47 3.15
N GLY H 165 -45.48 6.48 1.83
CA GLY H 165 -46.48 5.79 1.05
C GLY H 165 -47.72 6.60 0.78
N ALA H 166 -47.95 7.67 1.52
CA ALA H 166 -49.11 8.54 1.33
C ALA H 166 -48.93 9.33 0.06
N PHE H 167 -49.62 8.93 -1.00
CA PHE H 167 -49.55 9.67 -2.24
C PHE H 167 -50.34 10.97 -2.09
N PRO H 168 -49.74 12.12 -2.39
CA PRO H 168 -50.49 13.38 -2.33
C PRO H 168 -51.54 13.45 -3.42
N ASN H 169 -52.67 14.04 -3.08
CA ASN H 169 -53.78 14.10 -4.02
C ASN H 169 -53.53 15.15 -5.09
N PHE H 170 -54.02 14.87 -6.29
CA PHE H 170 -53.84 15.77 -7.43
C PHE H 170 -54.66 17.04 -7.30
N SER H 171 -55.72 17.04 -6.47
CA SER H 171 -56.58 18.20 -6.33
C SER H 171 -55.89 19.36 -5.61
N ASP H 172 -54.94 19.07 -4.74
CA ASP H 172 -54.21 20.10 -4.01
C ASP H 172 -52.87 20.39 -4.67
N SER H 173 -52.03 21.16 -3.97
CA SER H 173 -50.61 21.43 -4.20
C SER H 173 -50.31 22.35 -5.38
N ASP H 174 -51.32 22.65 -6.21
CA ASP H 174 -51.33 23.75 -7.18
C ASP H 174 -50.22 23.68 -8.23
N LEU H 175 -49.62 22.51 -8.45
CA LEU H 175 -48.50 22.38 -9.37
C LEU H 175 -48.93 21.96 -10.77
N ILE H 176 -49.98 21.17 -10.89
CA ILE H 176 -50.44 20.64 -12.16
C ILE H 176 -51.49 21.59 -12.76
N PRO H 177 -51.34 21.99 -14.02
CA PRO H 177 -52.22 23.03 -14.57
C PRO H 177 -53.45 22.55 -15.34
N HIS H 178 -53.84 21.26 -15.26
CA HIS H 178 -54.92 20.80 -16.14
C HIS H 178 -56.30 21.34 -15.73
N PRO H 179 -56.86 21.03 -14.53
CA PRO H 179 -56.70 20.09 -13.40
C PRO H 179 -57.31 18.75 -13.80
N VAL H 180 -57.10 17.69 -13.01
CA VAL H 180 -57.59 16.37 -13.38
C VAL H 180 -58.75 15.99 -12.47
N PRO H 181 -59.71 15.15 -12.94
CA PRO H 181 -60.88 14.84 -12.10
C PRO H 181 -60.60 14.00 -10.86
N LEU H 182 -59.90 12.89 -11.03
CA LEU H 182 -59.75 11.90 -9.97
C LEU H 182 -58.39 11.98 -9.30
N ASN H 183 -58.28 11.34 -8.15
CA ASN H 183 -57.03 11.18 -7.43
C ASN H 183 -56.52 9.75 -7.59
N LEU H 184 -55.26 9.55 -7.20
CA LEU H 184 -54.65 8.23 -7.39
C LEU H 184 -55.11 7.24 -6.32
N TYR H 185 -55.27 7.72 -5.08
CA TYR H 185 -55.63 6.83 -3.97
C TYR H 185 -57.14 6.63 -3.87
N ASP H 186 -57.92 7.71 -3.77
CA ASP H 186 -59.37 7.61 -3.64
C ASP H 186 -60.01 8.34 -4.82
N PRO H 187 -60.11 7.69 -5.99
CA PRO H 187 -60.81 8.34 -7.09
C PRO H 187 -62.31 8.36 -6.91
N PHE H 188 -62.90 7.26 -6.44
CA PHE H 188 -64.33 7.21 -6.21
C PHE H 188 -64.69 7.55 -4.77
N GLY H 189 -63.70 7.82 -3.93
CA GLY H 189 -63.95 8.19 -2.55
C GLY H 189 -64.00 7.03 -1.58
N PHE H 190 -63.82 5.80 -2.04
CA PHE H 190 -63.84 4.63 -1.18
C PHE H 190 -62.49 4.51 -0.47
N SER H 191 -62.47 4.57 0.87
CA SER H 191 -63.65 4.81 1.70
C SER H 191 -63.30 5.84 2.76
N LYS H 192 -63.82 7.06 2.62
CA LYS H 192 -63.66 8.06 3.66
C LYS H 192 -64.71 7.84 4.73
N GLY H 193 -64.33 8.04 5.99
CA GLY H 193 -65.20 7.74 7.10
C GLY H 193 -64.60 6.68 8.00
N LYS H 194 -63.64 5.93 7.47
CA LYS H 194 -62.89 4.96 8.28
C LYS H 194 -62.03 5.69 9.30
N THR H 195 -62.00 5.16 10.52
CA THR H 195 -61.28 5.83 11.59
C THR H 195 -59.77 5.61 11.45
N GLU H 196 -59.03 6.30 12.31
CA GLU H 196 -57.57 6.24 12.26
C GLU H 196 -57.04 4.86 12.64
N ALA H 197 -57.68 4.20 13.61
CA ALA H 197 -57.30 2.84 13.97
C ALA H 197 -57.70 1.82 12.91
N GLN H 198 -58.66 2.16 12.05
CA GLN H 198 -59.00 1.29 10.93
C GLN H 198 -58.00 1.39 9.79
N LYS H 199 -57.37 2.56 9.64
CA LYS H 199 -56.39 2.76 8.59
C LYS H 199 -54.95 2.60 9.04
N ALA H 200 -54.69 2.70 10.35
CA ALA H 200 -53.37 2.36 10.86
C ALA H 200 -53.09 0.88 10.70
N ASP H 201 -54.12 0.05 10.84
CA ASP H 201 -54.01 -1.39 10.62
C ASP H 201 -53.91 -1.74 9.14
N GLY H 202 -54.24 -0.80 8.25
CA GLY H 202 -54.19 -1.08 6.82
C GLY H 202 -52.77 -1.18 6.28
N LEU H 203 -51.91 -0.23 6.67
CA LEU H 203 -50.52 -0.28 6.21
C LEU H 203 -49.77 -1.47 6.77
N ILE H 204 -50.20 -1.99 7.92
CA ILE H 204 -49.53 -3.14 8.50
C ILE H 204 -49.87 -4.40 7.73
N LYS H 205 -51.07 -4.50 7.18
CA LYS H 205 -51.38 -5.59 6.26
C LYS H 205 -51.11 -5.22 4.81
N GLU H 206 -50.72 -3.97 4.54
CA GLU H 206 -50.11 -3.63 3.26
C GLU H 206 -48.63 -3.96 3.25
N LEU H 207 -47.94 -3.77 4.38
CA LEU H 207 -46.53 -4.12 4.46
C LEU H 207 -46.32 -5.63 4.38
N ASN H 208 -47.18 -6.41 5.02
CA ASN H 208 -46.99 -7.85 5.01
C ASN H 208 -47.44 -8.47 3.69
N ASN H 209 -48.52 -7.96 3.10
CA ASN H 209 -48.86 -8.37 1.75
C ASN H 209 -47.91 -7.79 0.71
N GLY H 210 -47.17 -6.74 1.05
CA GLY H 210 -46.16 -6.19 0.16
C GLY H 210 -44.84 -6.91 0.24
N ARG H 211 -44.49 -7.40 1.43
CA ARG H 211 -43.27 -8.16 1.60
C ARG H 211 -43.37 -9.53 0.92
N LEU H 212 -44.55 -10.13 0.93
CA LEU H 212 -44.72 -11.44 0.34
C LEU H 212 -44.75 -11.37 -1.18
N ALA H 213 -45.34 -10.30 -1.73
CA ALA H 213 -45.37 -10.16 -3.18
C ALA H 213 -44.02 -9.77 -3.76
N MET H 214 -43.14 -9.19 -2.94
CA MET H 214 -41.74 -9.03 -3.36
C MET H 214 -41.10 -10.40 -3.58
N ILE H 215 -41.34 -11.33 -2.66
CA ILE H 215 -40.89 -12.70 -2.84
C ILE H 215 -41.69 -13.40 -3.92
N GLY H 216 -42.95 -12.99 -4.11
CA GLY H 216 -43.81 -13.67 -5.06
C GLY H 216 -43.44 -13.40 -6.51
N ILE H 217 -43.23 -12.13 -6.85
CA ILE H 217 -42.93 -11.81 -8.25
C ILE H 217 -41.50 -12.16 -8.62
N MET H 218 -40.58 -12.22 -7.65
CA MET H 218 -39.22 -12.64 -7.97
C MET H 218 -39.13 -14.16 -8.14
N GLY H 219 -39.99 -14.92 -7.46
CA GLY H 219 -40.01 -16.36 -7.66
C GLY H 219 -40.49 -16.76 -9.03
N PHE H 220 -41.31 -15.91 -9.66
CA PHE H 220 -41.67 -16.13 -11.06
C PHE H 220 -40.48 -15.83 -11.97
N LEU H 221 -39.85 -14.67 -11.78
CA LEU H 221 -38.79 -14.25 -12.70
C LEU H 221 -37.48 -14.99 -12.48
N ALA H 222 -37.30 -15.62 -11.32
CA ALA H 222 -36.13 -16.47 -11.14
C ALA H 222 -36.23 -17.72 -11.99
N GLU H 223 -37.42 -18.32 -12.06
CA GLU H 223 -37.64 -19.47 -12.92
C GLU H 223 -37.73 -19.09 -14.39
N GLN H 224 -37.86 -17.80 -14.72
CA GLN H 224 -37.69 -17.38 -16.11
C GLN H 224 -36.24 -17.36 -16.57
N LYS H 225 -35.29 -17.48 -15.64
CA LYS H 225 -33.87 -17.48 -16.00
C LYS H 225 -33.06 -18.61 -15.39
N VAL H 226 -33.56 -19.28 -14.35
CA VAL H 226 -32.93 -20.49 -13.85
C VAL H 226 -33.99 -21.44 -13.29
N GLU H 227 -34.03 -22.66 -13.82
CA GLU H 227 -35.00 -23.65 -13.37
C GLU H 227 -34.49 -24.34 -12.11
N GLY H 228 -35.43 -24.72 -11.26
CA GLY H 228 -35.08 -25.23 -9.94
C GLY H 228 -34.71 -24.17 -8.95
N SER H 229 -34.89 -22.89 -9.29
CA SER H 229 -34.61 -21.81 -8.37
C SER H 229 -35.62 -21.77 -7.24
N VAL H 230 -36.90 -21.83 -7.56
CA VAL H 230 -37.95 -22.10 -6.59
C VAL H 230 -38.40 -23.54 -6.81
N PRO H 231 -38.58 -24.33 -5.75
CA PRO H 231 -38.85 -25.76 -5.94
C PRO H 231 -40.28 -26.07 -6.38
N LEU H 232 -41.25 -25.30 -5.90
CA LEU H 232 -42.65 -25.62 -6.17
C LEU H 232 -43.18 -25.01 -7.46
N LEU H 233 -42.36 -24.24 -8.19
CA LEU H 233 -42.79 -23.66 -9.46
C LEU H 233 -42.08 -24.27 -10.65
N LYS H 234 -41.68 -25.53 -10.55
CA LYS H 234 -41.05 -26.21 -11.66
C LYS H 234 -42.07 -26.57 -12.72
N GLY H 235 -41.74 -26.30 -13.99
CA GLY H 235 -42.58 -26.63 -15.10
C GLY H 235 -43.64 -25.60 -15.46
N VAL H 236 -44.01 -24.74 -14.51
CA VAL H 236 -45.06 -23.77 -14.77
C VAL H 236 -44.50 -22.56 -15.54
N VAL H 237 -43.26 -22.18 -15.24
CA VAL H 237 -42.68 -20.94 -15.71
C VAL H 237 -41.84 -21.18 -16.97
N PRO H 238 -42.09 -20.46 -18.08
CA PRO H 238 -41.56 -20.87 -19.38
C PRO H 238 -40.17 -20.38 -19.79
N HIS H 239 -39.31 -19.95 -18.85
CA HIS H 239 -37.87 -19.72 -19.08
C HIS H 239 -37.60 -18.64 -20.13
N TYR H 240 -37.87 -17.39 -19.73
CA TYR H 240 -37.69 -16.23 -20.62
C TYR H 240 -36.26 -16.08 -21.11
N ASP H 241 -35.28 -16.44 -20.28
CA ASP H 241 -33.83 -16.61 -20.60
C ASP H 241 -33.20 -15.42 -21.34
N GLY H 242 -33.69 -14.21 -21.09
CA GLY H 242 -33.10 -13.02 -21.68
C GLY H 242 -32.44 -12.15 -20.64
N GLU H 243 -32.96 -10.96 -20.43
CA GLU H 243 -32.56 -10.11 -19.31
C GLU H 243 -33.79 -9.38 -18.79
N VAL H 244 -34.25 -9.77 -17.61
CA VAL H 244 -35.48 -9.20 -17.08
C VAL H 244 -35.20 -7.82 -16.48
N MET H 245 -33.96 -7.53 -16.11
CA MET H 245 -33.59 -6.26 -15.47
C MET H 245 -33.10 -5.23 -16.47
N ALA H 246 -33.60 -5.25 -17.69
CA ALA H 246 -33.27 -4.26 -18.70
C ALA H 246 -34.52 -3.96 -19.53
N PRO H 247 -34.89 -2.69 -19.67
CA PRO H 247 -36.01 -2.34 -20.55
C PRO H 247 -35.80 -2.65 -22.04
N PHE H 248 -34.78 -2.06 -22.68
CA PHE H 248 -34.87 -1.93 -24.15
C PHE H 248 -34.01 -2.91 -24.96
N LYS I 62 -25.93 -25.72 38.72
CA LYS I 62 -24.95 -26.76 38.94
C LYS I 62 -25.39 -27.70 40.05
N ALA I 63 -25.83 -27.12 41.17
CA ALA I 63 -26.28 -27.93 42.29
C ALA I 63 -27.63 -28.59 42.01
N GLU I 64 -28.48 -27.93 41.22
CA GLU I 64 -29.77 -28.51 40.87
C GLU I 64 -29.64 -29.65 39.88
N LEU I 65 -28.53 -29.73 39.13
CA LEU I 65 -28.29 -30.89 38.29
C LEU I 65 -27.90 -32.09 39.15
N GLU I 66 -27.11 -31.87 40.20
CA GLU I 66 -26.78 -32.95 41.11
C GLU I 66 -27.98 -33.40 41.93
N ALA I 67 -28.98 -32.54 42.11
CA ALA I 67 -30.21 -32.93 42.79
C ALA I 67 -31.02 -33.90 41.94
N ILE I 68 -30.91 -33.82 40.61
CA ILE I 68 -31.62 -34.74 39.74
C ILE I 68 -30.98 -36.13 39.82
N ALA I 69 -29.65 -36.18 39.94
CA ALA I 69 -28.96 -37.45 40.08
C ALA I 69 -29.21 -38.11 41.43
N LYS I 70 -29.63 -37.35 42.43
CA LYS I 70 -30.08 -37.94 43.69
C LYS I 70 -31.38 -38.71 43.49
N LYS I 71 -32.20 -38.29 42.53
CA LYS I 71 -33.47 -38.93 42.23
C LYS I 71 -33.37 -39.95 41.10
N ALA I 72 -32.31 -39.91 40.30
CA ALA I 72 -32.23 -40.76 39.10
C ALA I 72 -31.75 -42.16 39.45
N ASN I 73 -30.60 -42.27 40.11
CA ASN I 73 -30.00 -43.57 40.40
C ASN I 73 -29.11 -43.40 41.63
N PRO I 74 -29.64 -43.65 42.83
CA PRO I 74 -28.80 -43.51 44.04
C PRO I 74 -27.79 -44.64 44.23
N THR I 75 -27.91 -45.73 43.47
CA THR I 75 -26.88 -46.76 43.49
C THR I 75 -25.60 -46.26 42.81
N LEU I 76 -25.73 -45.69 41.62
CA LEU I 76 -24.57 -45.18 40.90
C LEU I 76 -24.26 -43.75 41.32
N GLY I 77 -25.21 -42.84 41.16
CA GLY I 77 -25.05 -41.49 41.65
C GLY I 77 -24.66 -40.50 40.58
N TYR I 78 -24.29 -39.30 41.05
CA TYR I 78 -23.87 -38.23 40.16
C TYR I 78 -22.53 -38.58 39.54
N TYR I 79 -22.46 -38.45 38.21
CA TYR I 79 -21.40 -39.13 37.47
C TYR I 79 -21.12 -38.38 36.17
N ASP I 80 -20.07 -37.57 36.17
CA ASP I 80 -19.54 -36.98 34.94
C ASP I 80 -18.09 -37.39 34.78
N PRO I 81 -17.78 -38.34 33.88
CA PRO I 81 -16.37 -38.70 33.67
C PRO I 81 -15.58 -37.63 32.97
N LEU I 82 -16.19 -36.96 31.98
CA LEU I 82 -15.52 -35.87 31.28
C LEU I 82 -15.53 -34.57 32.06
N SER I 83 -16.28 -34.51 33.16
CA SER I 83 -16.41 -33.34 34.03
C SER I 83 -16.87 -32.11 33.25
N LEU I 84 -17.90 -32.30 32.42
CA LEU I 84 -18.45 -31.20 31.63
C LEU I 84 -19.41 -30.33 32.42
N ALA I 85 -19.70 -30.68 33.68
CA ALA I 85 -20.58 -29.86 34.49
C ALA I 85 -19.90 -28.61 35.02
N ASP I 86 -18.58 -28.52 34.88
CA ASP I 86 -17.84 -27.35 35.32
C ASP I 86 -17.11 -26.64 34.19
N LYS I 87 -17.31 -27.06 32.95
CA LYS I 87 -16.70 -26.40 31.81
C LYS I 87 -17.60 -25.29 31.30
N ASP I 88 -17.14 -24.55 30.29
CA ASP I 88 -17.94 -23.55 29.64
C ASP I 88 -17.79 -23.69 28.13
N PHE I 89 -18.88 -23.44 27.41
CA PHE I 89 -18.89 -23.55 25.96
C PHE I 89 -19.13 -22.18 25.36
N TRP I 90 -18.39 -21.86 24.30
CA TRP I 90 -18.44 -20.61 23.53
C TRP I 90 -18.15 -19.37 24.39
N GLY I 91 -17.49 -19.53 25.53
CA GLY I 91 -17.26 -18.41 26.42
C GLY I 91 -18.51 -17.82 27.04
N LYS I 92 -19.61 -18.57 27.09
CA LYS I 92 -20.88 -18.07 27.57
C LYS I 92 -21.14 -18.43 29.03
N GLY I 93 -20.12 -18.91 29.75
CA GLY I 93 -20.25 -19.21 31.15
C GLY I 93 -20.60 -20.66 31.42
N ASN I 94 -20.61 -21.01 32.70
CA ASN I 94 -20.90 -22.37 33.12
C ASN I 94 -22.39 -22.62 33.30
N ASP I 95 -23.13 -21.63 33.81
CA ASP I 95 -24.56 -21.82 34.05
C ASP I 95 -25.37 -21.83 32.77
N ALA I 96 -24.84 -21.25 31.69
CA ALA I 96 -25.43 -21.46 30.38
C ALA I 96 -25.00 -22.79 29.78
N THR I 97 -23.78 -23.22 30.10
CA THR I 97 -23.29 -24.52 29.64
C THR I 97 -24.01 -25.67 30.35
N ILE I 98 -24.35 -25.47 31.63
CA ILE I 98 -25.03 -26.52 32.39
C ILE I 98 -26.47 -26.68 31.93
N ALA I 99 -27.05 -25.68 31.28
CA ALA I 99 -28.40 -25.77 30.77
C ALA I 99 -28.47 -26.13 29.29
N PHE I 100 -27.41 -25.84 28.53
CA PHE I 100 -27.29 -26.42 27.20
C PHE I 100 -27.14 -27.93 27.28
N LEU I 101 -26.44 -28.43 28.29
CA LEU I 101 -26.24 -29.87 28.43
C LEU I 101 -27.50 -30.57 28.89
N ARG I 102 -28.32 -29.92 29.71
CA ARG I 102 -29.58 -30.53 30.13
C ARG I 102 -30.58 -30.56 28.99
N GLN I 103 -30.69 -29.46 28.23
CA GLN I 103 -31.60 -29.40 27.10
C GLN I 103 -31.19 -30.37 25.98
N SER I 104 -29.89 -30.59 25.79
CA SER I 104 -29.44 -31.42 24.69
C SER I 104 -29.73 -32.90 24.91
N GLU I 105 -29.53 -33.42 26.13
CA GLU I 105 -29.86 -34.82 26.36
C GLU I 105 -31.34 -35.04 26.63
N ILE I 106 -32.06 -34.01 27.06
CA ILE I 106 -33.51 -34.08 27.02
C ILE I 106 -33.99 -34.13 25.57
N LYS I 107 -33.38 -33.32 24.70
CA LYS I 107 -33.73 -33.39 23.28
C LYS I 107 -33.26 -34.69 22.65
N HIS I 108 -32.09 -35.20 23.07
CA HIS I 108 -31.59 -36.47 22.54
C HIS I 108 -32.46 -37.63 22.99
N GLY I 109 -32.94 -37.59 24.23
CA GLY I 109 -33.73 -38.71 24.74
C GLY I 109 -35.13 -38.74 24.18
N ARG I 110 -35.81 -37.59 24.19
CA ARG I 110 -37.20 -37.53 23.74
C ARG I 110 -37.33 -37.67 22.22
N ILE I 111 -36.25 -37.51 21.48
CA ILE I 111 -36.25 -37.91 20.07
C ILE I 111 -36.04 -39.41 19.95
N ALA I 112 -35.17 -39.97 20.80
CA ALA I 112 -34.89 -41.39 20.75
C ALA I 112 -36.08 -42.22 21.23
N MET I 113 -36.79 -41.73 22.25
CA MET I 113 -38.04 -42.37 22.65
C MET I 113 -39.10 -42.23 21.57
N PHE I 114 -39.08 -41.10 20.84
CA PHE I 114 -39.96 -40.93 19.69
C PHE I 114 -39.54 -41.81 18.52
N ALA I 115 -38.28 -42.25 18.48
CA ALA I 115 -37.82 -43.16 17.44
C ALA I 115 -37.88 -44.61 17.88
N PHE I 116 -37.92 -44.88 19.18
CA PHE I 116 -37.99 -46.25 19.65
C PHE I 116 -39.38 -46.85 19.42
N VAL I 117 -40.42 -46.03 19.57
CA VAL I 117 -41.75 -46.45 19.12
C VAL I 117 -41.93 -46.23 17.63
N GLY I 118 -41.05 -45.47 16.99
CA GLY I 118 -41.04 -45.37 15.55
C GLY I 118 -40.27 -46.47 14.87
N TYR I 119 -39.75 -47.42 15.64
CA TYR I 119 -39.05 -48.57 15.10
C TYR I 119 -39.76 -49.89 15.38
N ILE I 120 -40.77 -49.88 16.25
CA ILE I 120 -41.48 -51.10 16.60
C ILE I 120 -42.85 -51.20 15.93
N VAL I 121 -43.41 -50.09 15.44
CA VAL I 121 -44.65 -50.13 14.70
C VAL I 121 -44.47 -49.80 13.23
N GLN I 122 -43.38 -49.12 12.84
CA GLN I 122 -43.10 -48.88 11.44
C GLN I 122 -42.57 -50.13 10.75
N SER I 123 -42.16 -51.13 11.52
CA SER I 123 -41.88 -52.43 10.94
C SER I 123 -43.16 -53.19 10.64
N ASN I 124 -44.11 -53.18 11.58
CA ASN I 124 -45.21 -54.13 11.56
C ASN I 124 -46.52 -53.58 10.98
N PHE I 125 -46.71 -52.26 10.94
CA PHE I 125 -48.02 -51.73 10.56
C PHE I 125 -47.87 -50.35 9.95
N VAL I 126 -48.28 -50.19 8.69
CA VAL I 126 -48.28 -48.90 8.02
C VAL I 126 -49.72 -48.57 7.64
N PHE I 127 -49.98 -47.26 7.46
CA PHE I 127 -51.23 -46.94 6.78
C PHE I 127 -51.02 -46.98 5.27
N PRO I 128 -51.95 -47.55 4.50
CA PRO I 128 -51.66 -47.90 3.11
C PRO I 128 -52.12 -46.95 2.02
N TRP I 129 -52.72 -45.81 2.35
CA TRP I 129 -53.61 -45.11 1.40
C TRP I 129 -52.99 -44.56 0.12
N ALA I 130 -52.24 -43.45 0.20
CA ALA I 130 -51.81 -42.81 -1.04
C ALA I 130 -50.31 -42.57 -1.17
N GLN I 131 -49.75 -41.85 -0.19
CA GLN I 131 -48.34 -41.53 0.02
C GLN I 131 -47.75 -40.53 -0.99
N THR I 132 -48.44 -40.27 -2.11
CA THR I 132 -48.01 -39.33 -3.16
C THR I 132 -49.12 -39.22 -4.20
N LEU I 133 -49.00 -38.20 -5.04
CA LEU I 133 -49.83 -38.04 -6.23
C LEU I 133 -49.12 -38.59 -7.49
N ALA I 134 -48.60 -39.81 -7.41
CA ALA I 134 -48.00 -40.43 -8.58
C ALA I 134 -48.21 -41.94 -8.67
N GLY I 135 -49.03 -42.53 -7.79
CA GLY I 135 -49.13 -43.98 -7.75
C GLY I 135 -47.98 -44.58 -6.96
N ALA I 136 -47.85 -45.91 -7.10
CA ALA I 136 -46.96 -46.73 -6.29
C ALA I 136 -47.15 -46.43 -4.80
N PRO I 137 -48.31 -46.74 -4.25
CA PRO I 137 -48.82 -45.91 -3.15
C PRO I 137 -48.32 -46.26 -1.75
N HIS I 138 -47.01 -46.56 -1.60
CA HIS I 138 -46.17 -46.53 -0.39
C HIS I 138 -44.73 -46.90 -0.75
N PRO I 139 -43.76 -46.68 0.16
CA PRO I 139 -42.42 -47.27 -0.04
C PRO I 139 -42.34 -48.79 0.03
N SER I 140 -43.45 -49.50 0.25
CA SER I 140 -43.58 -50.96 0.07
C SER I 140 -42.62 -51.72 0.99
N ALA I 141 -42.94 -51.66 2.28
CA ALA I 141 -42.19 -52.34 3.34
C ALA I 141 -42.01 -53.83 3.05
N ASP I 142 -40.76 -54.36 2.95
CA ASP I 142 -39.42 -53.91 3.45
C ASP I 142 -39.46 -53.51 4.93
N LEU I 143 -39.73 -54.50 5.78
CA LEU I 143 -40.09 -54.27 7.17
C LEU I 143 -38.94 -53.74 8.02
N SER I 144 -37.73 -53.68 7.50
CA SER I 144 -36.64 -53.00 8.18
C SER I 144 -36.90 -51.49 8.13
N PRO I 145 -37.06 -50.81 9.28
CA PRO I 145 -37.54 -49.43 9.27
C PRO I 145 -36.51 -48.40 8.81
N GLU I 146 -35.24 -48.66 9.07
CA GLU I 146 -34.20 -47.67 8.76
C GLU I 146 -33.78 -47.70 7.30
N ALA I 147 -34.36 -48.58 6.49
CA ALA I 147 -34.20 -48.56 5.04
C ALA I 147 -35.41 -47.98 4.33
N GLN I 148 -36.51 -47.75 5.04
CA GLN I 148 -37.72 -47.17 4.47
C GLN I 148 -37.62 -45.66 4.30
N TRP I 149 -36.55 -45.04 4.79
CA TRP I 149 -36.45 -43.59 4.81
C TRP I 149 -36.06 -43.02 3.45
N ASP I 150 -35.31 -43.79 2.65
CA ASP I 150 -34.73 -43.25 1.42
C ASP I 150 -35.78 -43.04 0.34
N ALA I 151 -36.64 -44.02 0.09
CA ALA I 151 -37.55 -44.02 -1.05
C ALA I 151 -38.86 -43.31 -0.75
N ILE I 152 -38.87 -42.37 0.19
CA ILE I 152 -40.10 -41.86 0.80
C ILE I 152 -40.92 -40.90 -0.08
N PRO I 153 -40.37 -40.08 -1.02
CA PRO I 153 -39.08 -39.61 -1.56
C PRO I 153 -38.61 -38.24 -1.08
N LEU I 154 -37.62 -37.69 -1.78
CA LEU I 154 -36.90 -36.47 -1.38
C LEU I 154 -37.82 -35.27 -1.21
N GLY I 155 -38.93 -35.21 -1.95
CA GLY I 155 -39.87 -34.12 -1.78
C GLY I 155 -40.60 -34.18 -0.45
N ALA I 156 -40.75 -35.37 0.12
CA ALA I 156 -41.35 -35.52 1.44
C ALA I 156 -40.36 -35.25 2.55
N LYS I 157 -39.06 -35.51 2.31
CA LYS I 157 -38.06 -35.27 3.33
C LYS I 157 -37.84 -33.78 3.56
N TRP I 158 -38.04 -32.96 2.53
CA TRP I 158 -37.89 -31.51 2.71
C TRP I 158 -39.05 -30.93 3.50
N GLN I 159 -40.25 -31.51 3.37
CA GLN I 159 -41.38 -31.05 4.16
C GLN I 159 -41.22 -31.44 5.63
N ILE I 160 -40.61 -32.59 5.89
CA ILE I 160 -40.31 -32.97 7.27
C ILE I 160 -39.22 -32.06 7.84
N PHE I 161 -38.19 -31.79 7.04
CA PHE I 161 -37.13 -30.89 7.46
C PHE I 161 -37.53 -29.42 7.43
N ALA I 162 -38.75 -29.09 6.99
CA ALA I 162 -39.21 -27.70 7.09
C ALA I 162 -39.95 -27.47 8.40
N VAL I 163 -40.74 -28.44 8.86
CA VAL I 163 -41.51 -28.26 10.08
C VAL I 163 -40.61 -28.38 11.31
N ILE I 164 -39.70 -29.35 11.31
CA ILE I 164 -38.74 -29.49 12.40
C ILE I 164 -37.78 -28.29 12.43
N SER I 165 -37.47 -27.71 11.27
CA SER I 165 -36.73 -26.46 11.26
C SER I 165 -37.55 -25.32 11.85
N ALA I 166 -38.87 -25.36 11.68
CA ALA I 166 -39.74 -24.36 12.28
C ALA I 166 -40.11 -24.69 13.72
N LEU I 167 -40.19 -25.98 14.06
CA LEU I 167 -40.53 -26.36 15.43
C LEU I 167 -39.38 -26.06 16.38
N GLU I 168 -38.16 -26.39 15.98
CA GLU I 168 -36.99 -26.02 16.77
C GLU I 168 -36.65 -24.54 16.65
N LEU I 169 -37.21 -23.85 15.66
CA LEU I 169 -37.15 -22.39 15.63
C LEU I 169 -37.98 -21.81 16.77
N TRP I 170 -39.16 -22.38 17.01
CA TRP I 170 -40.06 -21.92 18.05
C TRP I 170 -39.55 -22.26 19.45
N ASP I 171 -38.72 -23.29 19.58
CA ASP I 171 -38.21 -23.69 20.89
C ASP I 171 -37.17 -22.70 21.38
N GLU I 172 -36.19 -22.35 20.54
CA GLU I 172 -35.16 -21.40 20.92
C GLU I 172 -35.65 -19.96 20.87
N CYS I 173 -36.76 -19.70 20.19
CA CYS I 173 -37.38 -18.37 20.22
C CYS I 173 -37.93 -18.07 21.60
N GLY I 174 -38.52 -19.07 22.26
CA GLY I 174 -39.23 -18.85 23.50
C GLY I 174 -40.68 -18.50 23.33
N GLY I 175 -41.27 -18.83 22.18
CA GLY I 175 -42.67 -18.51 21.93
C GLY I 175 -42.92 -17.04 21.63
N GLY I 176 -42.05 -16.42 20.86
CA GLY I 176 -42.16 -15.00 20.62
C GLY I 176 -41.75 -14.14 21.79
N GLY I 177 -41.03 -14.70 22.75
CA GLY I 177 -40.64 -13.99 23.93
C GLY I 177 -41.53 -14.21 25.14
N VAL I 178 -42.49 -15.14 25.05
CA VAL I 178 -43.32 -15.47 26.20
C VAL I 178 -42.48 -16.11 27.30
N LEU I 179 -41.81 -17.14 26.96
CA LEU I 179 -40.90 -17.83 27.85
C LEU I 179 -39.51 -17.22 27.74
N PRO I 180 -38.71 -17.27 28.81
CA PRO I 180 -37.29 -16.89 28.68
C PRO I 180 -36.51 -17.97 27.97
N HIS I 181 -35.19 -17.82 27.90
CA HIS I 181 -34.43 -18.86 27.22
C HIS I 181 -33.86 -19.83 28.24
N TYR I 182 -33.53 -21.04 27.77
CA TYR I 182 -33.14 -22.09 28.71
C TYR I 182 -31.74 -21.85 29.27
N THR I 183 -30.86 -21.21 28.50
CA THR I 183 -29.56 -20.81 29.05
C THR I 183 -29.70 -19.67 30.05
N LYS I 184 -30.80 -18.92 30.00
CA LYS I 184 -31.01 -17.80 30.89
C LYS I 184 -32.28 -17.94 31.73
N GLY I 185 -32.61 -19.16 32.15
CA GLY I 185 -33.59 -19.28 33.21
C GLY I 185 -34.70 -20.32 33.11
N ARG I 186 -35.18 -20.63 31.91
CA ARG I 186 -36.37 -21.45 31.83
C ARG I 186 -36.03 -22.93 32.08
N LYS I 187 -37.05 -23.68 32.47
CA LYS I 187 -36.89 -25.10 32.71
C LYS I 187 -36.58 -25.82 31.40
N PRO I 188 -35.59 -26.71 31.36
CA PRO I 188 -35.01 -27.11 30.07
C PRO I 188 -35.90 -28.00 29.21
N GLY I 189 -36.74 -28.82 29.82
CA GLY I 189 -37.58 -29.64 28.98
C GLY I 189 -38.80 -28.97 28.40
N GLN I 190 -39.03 -27.70 28.73
CA GLN I 190 -40.31 -27.04 28.47
C GLN I 190 -40.32 -26.43 27.08
N TYR I 191 -41.22 -26.92 26.23
CA TYR I 191 -41.46 -26.31 24.94
C TYR I 191 -42.42 -25.12 25.11
N PRO I 192 -42.11 -23.98 24.48
CA PRO I 192 -42.99 -22.82 24.60
C PRO I 192 -44.29 -23.04 23.84
N PRO I 193 -45.43 -22.69 24.44
CA PRO I 193 -46.71 -22.99 23.80
C PRO I 193 -46.96 -22.09 22.60
N PHE I 194 -47.90 -22.53 21.77
CA PHE I 194 -48.27 -21.82 20.55
C PHE I 194 -49.33 -20.76 20.79
N THR I 195 -49.46 -20.27 22.04
CA THR I 195 -50.55 -19.38 22.41
C THR I 195 -50.43 -17.99 21.80
N LEU I 196 -49.25 -17.60 21.34
CA LEU I 196 -49.10 -16.31 20.71
C LEU I 196 -49.19 -16.42 19.19
N PHE I 197 -48.99 -17.60 18.62
CA PHE I 197 -49.34 -17.81 17.22
C PHE I 197 -50.83 -18.06 17.06
N ARG I 198 -51.43 -18.76 18.02
CA ARG I 198 -52.87 -19.05 17.97
C ARG I 198 -53.70 -17.79 18.16
N ASP I 199 -53.15 -16.79 18.84
CA ASP I 199 -53.84 -15.54 19.06
C ASP I 199 -53.89 -14.66 17.83
N ASN I 200 -53.10 -14.93 16.80
CA ASN I 200 -52.94 -14.00 15.68
C ASN I 200 -53.34 -14.59 14.35
N VAL I 201 -52.87 -15.78 13.99
CA VAL I 201 -53.02 -16.22 12.60
C VAL I 201 -54.20 -17.16 12.42
N HIS I 202 -54.12 -18.37 12.99
CA HIS I 202 -55.22 -19.32 12.95
C HIS I 202 -55.00 -20.32 14.07
N PHE I 203 -56.03 -21.13 14.32
CA PHE I 203 -56.01 -22.10 15.40
C PHE I 203 -55.06 -23.23 15.07
N VAL I 204 -53.91 -23.26 15.74
CA VAL I 204 -52.97 -24.36 15.64
C VAL I 204 -52.98 -25.09 16.97
N LEU I 205 -52.76 -26.40 16.92
CA LEU I 205 -52.74 -27.19 18.14
C LEU I 205 -51.38 -27.09 18.82
N ASP I 206 -51.39 -27.19 20.15
CA ASP I 206 -50.17 -27.11 20.94
C ASP I 206 -49.30 -28.34 20.69
N LEU I 207 -48.00 -28.18 20.89
CA LEU I 207 -47.08 -29.28 20.59
C LEU I 207 -47.12 -30.35 21.67
N TYR I 208 -47.02 -29.96 22.93
CA TYR I 208 -46.93 -30.95 24.00
C TYR I 208 -48.28 -31.60 24.26
N ASP I 209 -49.23 -30.86 24.81
CA ASP I 209 -50.56 -31.42 25.07
C ASP I 209 -51.57 -30.52 24.36
N PRO I 210 -51.96 -30.88 23.13
CA PRO I 210 -52.85 -30.02 22.35
C PRO I 210 -54.28 -29.99 22.86
N PHE I 211 -54.67 -30.92 23.72
CA PHE I 211 -56.07 -31.03 24.12
C PHE I 211 -56.33 -30.58 25.55
N GLY I 212 -55.30 -30.45 26.37
CA GLY I 212 -55.50 -30.07 27.76
C GLY I 212 -55.81 -31.24 28.66
N PHE I 213 -55.17 -32.40 28.45
CA PHE I 213 -55.41 -33.54 29.31
C PHE I 213 -54.76 -33.34 30.67
N ASN I 214 -53.48 -32.97 30.69
CA ASN I 214 -52.80 -32.66 31.94
C ASN I 214 -53.07 -31.20 32.31
N LYS I 215 -52.29 -30.69 33.27
CA LYS I 215 -52.53 -29.56 34.21
C LYS I 215 -53.52 -29.97 35.28
N ASN I 216 -53.80 -31.28 35.41
CA ASN I 216 -54.55 -31.82 36.52
C ASN I 216 -53.65 -32.32 37.64
N MET I 217 -52.34 -32.30 37.43
CA MET I 217 -51.40 -32.94 38.33
C MET I 217 -51.09 -32.05 39.52
N SER I 218 -50.61 -32.67 40.59
CA SER I 218 -49.95 -31.92 41.64
C SER I 218 -48.56 -31.50 41.15
N GLU I 219 -47.97 -30.52 41.83
CA GLU I 219 -46.68 -30.01 41.38
C GLU I 219 -45.57 -31.01 41.66
N GLU I 220 -45.65 -31.75 42.77
CA GLU I 220 -44.61 -32.69 43.13
C GLU I 220 -44.59 -33.95 42.26
N THR I 221 -45.57 -34.13 41.39
CA THR I 221 -45.61 -35.31 40.52
C THR I 221 -44.81 -35.14 39.24
N LYS I 222 -44.61 -33.91 38.77
CA LYS I 222 -43.93 -33.70 37.50
C LYS I 222 -42.42 -33.71 37.63
N GLU I 223 -41.85 -33.27 38.77
CA GLU I 223 -40.44 -33.53 39.01
C GLU I 223 -40.18 -35.01 39.25
N ARG I 224 -41.17 -35.75 39.76
CA ARG I 224 -41.08 -37.21 39.80
C ARG I 224 -41.16 -37.81 38.41
N ARG I 225 -41.79 -37.09 37.46
CA ARG I 225 -41.91 -37.54 36.09
C ARG I 225 -40.85 -36.93 35.17
N LEU I 226 -40.27 -35.78 35.53
CA LEU I 226 -39.08 -35.30 34.83
C LEU I 226 -37.92 -36.27 35.02
N VAL I 227 -37.72 -36.76 36.23
CA VAL I 227 -36.61 -37.67 36.48
C VAL I 227 -36.91 -39.05 35.88
N SER I 228 -38.19 -39.38 35.67
CA SER I 228 -38.53 -40.58 34.94
C SER I 228 -38.35 -40.40 33.44
N GLU I 229 -38.38 -39.15 32.97
CA GLU I 229 -38.36 -38.91 31.53
C GLU I 229 -36.96 -39.07 30.96
N LEU I 230 -35.97 -38.41 31.55
CA LEU I 230 -34.62 -38.51 31.02
C LEU I 230 -33.98 -39.84 31.39
N ASN I 231 -34.46 -40.50 32.45
CA ASN I 231 -34.03 -41.86 32.73
C ASN I 231 -34.57 -42.83 31.70
N ASN I 232 -35.83 -42.65 31.29
CA ASN I 232 -36.33 -43.38 30.13
C ASN I 232 -35.72 -42.88 28.83
N GLY I 233 -35.26 -41.63 28.81
CA GLY I 233 -34.68 -41.06 27.61
C GLY I 233 -33.33 -41.63 27.25
N ARG I 234 -32.42 -41.70 28.21
CA ARG I 234 -31.06 -42.14 27.92
C ARG I 234 -30.96 -43.65 27.72
N LEU I 235 -31.91 -44.43 28.23
CA LEU I 235 -31.93 -45.85 27.91
C LEU I 235 -32.38 -46.07 26.48
N ALA I 236 -33.37 -45.29 26.02
CA ALA I 236 -33.79 -45.38 24.62
C ALA I 236 -32.81 -44.71 23.67
N MET I 237 -31.86 -43.93 24.18
CA MET I 237 -30.81 -43.37 23.33
C MET I 237 -29.90 -44.47 22.80
N LEU I 238 -29.42 -45.33 23.68
CA LEU I 238 -28.69 -46.53 23.28
C LEU I 238 -29.61 -47.69 22.95
N GLY I 239 -30.89 -47.60 23.34
CA GLY I 239 -31.85 -48.61 22.92
C GLY I 239 -32.15 -48.53 21.44
N ILE I 240 -32.35 -47.32 20.92
CA ILE I 240 -32.52 -47.16 19.49
C ILE I 240 -31.19 -47.34 18.76
N PHE I 241 -30.07 -47.15 19.46
CA PHE I 241 -28.76 -47.43 18.90
C PHE I 241 -28.33 -48.88 19.11
N GLY I 242 -29.25 -49.73 19.56
CA GLY I 242 -29.10 -51.16 19.48
C GLY I 242 -29.79 -51.77 18.29
N PHE I 243 -30.31 -50.93 17.39
CA PHE I 243 -31.04 -51.38 16.20
C PHE I 243 -30.30 -51.04 14.91
N LEU I 244 -29.95 -49.77 14.70
CA LEU I 244 -29.20 -49.42 13.49
C LEU I 244 -27.73 -49.80 13.59
N CYS I 245 -27.20 -49.93 14.80
CA CYS I 245 -25.91 -50.58 15.00
C CYS I 245 -26.00 -52.09 14.89
N ALA I 246 -27.21 -52.66 14.95
CA ALA I 246 -27.42 -54.08 14.73
C ALA I 246 -27.60 -54.43 13.26
N ASP I 247 -27.21 -53.54 12.35
CA ASP I 247 -27.35 -53.77 10.93
C ASP I 247 -26.04 -53.61 10.16
N THR I 248 -24.96 -53.18 10.80
CA THR I 248 -23.66 -53.03 10.14
C THR I 248 -22.60 -53.58 11.10
N ILE I 249 -22.22 -54.84 10.87
CA ILE I 249 -21.42 -55.69 11.77
C ILE I 249 -22.10 -55.65 13.13
N PRO I 250 -23.22 -56.37 13.31
CA PRO I 250 -24.22 -55.98 14.31
C PRO I 250 -23.80 -55.96 15.78
N GLY I 251 -23.56 -57.13 16.37
CA GLY I 251 -22.98 -57.21 17.71
C GLY I 251 -24.06 -57.07 18.77
N SER I 252 -24.57 -58.20 19.26
CA SER I 252 -25.60 -58.32 20.28
C SER I 252 -25.82 -59.82 20.46
N VAL I 253 -26.66 -60.16 21.44
CA VAL I 253 -27.22 -61.52 21.50
C VAL I 253 -28.47 -61.69 20.64
N PRO I 254 -29.47 -60.73 20.54
CA PRO I 254 -30.45 -60.85 19.45
C PRO I 254 -30.16 -60.01 18.19
N LEU I 255 -30.14 -60.53 16.94
CA LEU I 255 -30.12 -61.94 16.44
C LEU I 255 -31.29 -62.86 16.85
N LEU I 256 -32.49 -62.63 16.31
CA LEU I 256 -32.69 -61.91 15.04
C LEU I 256 -33.74 -60.82 15.11
N ASN I 257 -33.38 -59.62 14.66
CA ASN I 257 -34.34 -58.53 14.53
C ASN I 257 -34.39 -57.91 13.15
N ASP I 258 -33.25 -57.66 12.51
CA ASP I 258 -33.22 -56.78 11.35
C ASP I 258 -31.91 -56.94 10.58
N ILE I 259 -31.94 -56.51 9.31
CA ILE I 259 -30.75 -56.33 8.49
C ILE I 259 -31.06 -55.34 7.37
N ALA I 260 -30.09 -54.46 7.08
CA ALA I 260 -30.04 -53.46 6.00
C ALA I 260 -28.70 -52.77 6.08
N ILE I 261 -28.32 -52.09 4.98
CA ILE I 261 -27.08 -51.30 4.97
C ILE I 261 -27.16 -49.93 4.29
N PRO I 262 -27.96 -48.96 4.75
CA PRO I 262 -27.64 -47.55 4.46
C PRO I 262 -26.77 -46.89 5.53
N TYR I 263 -26.84 -47.40 6.75
CA TYR I 263 -26.00 -47.26 7.95
C TYR I 263 -25.99 -45.90 8.65
N SER I 264 -26.32 -44.79 7.95
CA SER I 264 -26.46 -43.44 8.51
C SER I 264 -26.78 -42.36 7.48
N GLY I 265 -27.09 -41.17 7.98
CA GLY I 265 -26.54 -39.93 7.48
C GLY I 265 -26.75 -39.34 6.10
N GLN I 266 -27.93 -38.82 5.75
CA GLN I 266 -29.24 -39.18 6.29
C GLN I 266 -30.15 -39.15 5.08
N VAL I 267 -29.61 -38.55 4.02
CA VAL I 267 -30.26 -38.48 2.71
C VAL I 267 -29.45 -39.41 1.82
N MET I 268 -29.94 -39.65 0.61
CA MET I 268 -29.36 -40.59 -0.34
C MET I 268 -29.49 -40.02 -1.74
N GLN I 269 -29.51 -40.92 -2.73
CA GLN I 269 -28.91 -40.88 -4.07
C GLN I 269 -28.81 -39.50 -4.74
N PRO I 270 -29.88 -38.64 -4.86
CA PRO I 270 -29.59 -37.27 -5.28
C PRO I 270 -29.31 -36.31 -4.14
N PHE I 271 -28.03 -35.94 -3.93
CA PHE I 271 -27.53 -34.69 -3.33
C PHE I 271 -26.00 -34.62 -3.37
N GLU I 272 -25.48 -33.43 -3.67
CA GLU I 272 -24.07 -33.04 -3.49
C GLU I 272 -23.03 -33.96 -4.13
N LYS J 45 9.90 -26.47 43.83
CA LYS J 45 8.65 -26.70 43.11
C LYS J 45 8.42 -28.18 42.91
N VAL J 46 9.49 -28.97 42.97
CA VAL J 46 9.40 -30.41 42.71
C VAL J 46 8.63 -31.14 43.81
N ASP J 47 8.54 -30.57 45.00
CA ASP J 47 7.60 -31.06 46.00
C ASP J 47 6.16 -30.71 45.70
N GLU J 48 5.93 -29.52 45.13
CA GLU J 48 4.59 -29.01 44.87
C GLU J 48 4.12 -29.30 43.45
N MET J 49 4.26 -30.54 42.98
CA MET J 49 3.87 -30.87 41.61
C MET J 49 3.57 -32.36 41.53
N PRO J 50 2.70 -32.77 40.61
CA PRO J 50 2.40 -34.19 40.47
C PRO J 50 3.57 -34.98 39.90
N GLY J 51 3.44 -36.30 39.99
CA GLY J 51 4.50 -37.21 39.61
C GLY J 51 5.09 -37.98 40.78
N ALA J 52 4.84 -37.52 42.00
CA ALA J 52 5.31 -38.22 43.19
C ALA J 52 4.37 -39.36 43.54
N THR J 53 4.86 -40.59 43.50
CA THR J 53 4.04 -41.76 43.79
C THR J 53 4.61 -42.52 44.99
N ALA J 54 3.94 -43.62 45.31
CA ALA J 54 4.24 -44.47 46.46
C ALA J 54 5.43 -45.44 46.33
N PRO J 55 5.72 -46.08 45.18
CA PRO J 55 6.95 -46.90 45.14
C PRO J 55 8.23 -46.09 45.27
N LEU J 56 8.41 -45.08 44.44
CA LEU J 56 9.52 -44.14 44.56
C LEU J 56 8.91 -42.77 44.83
N GLY J 57 9.26 -42.18 45.98
CA GLY J 57 8.64 -40.94 46.42
C GLY J 57 8.88 -39.76 45.52
N LYS J 58 10.12 -39.26 45.46
CA LYS J 58 10.51 -38.24 44.50
C LYS J 58 11.78 -38.78 43.84
N PHE J 59 11.59 -39.57 42.78
CA PHE J 59 12.71 -40.26 42.14
C PHE J 59 13.51 -39.27 41.32
N ASP J 60 14.65 -38.84 41.87
CA ASP J 60 15.60 -38.01 41.14
C ASP J 60 16.99 -38.32 41.66
N PRO J 61 17.61 -39.40 41.17
CA PRO J 61 18.95 -39.75 41.66
C PRO J 61 20.05 -38.85 41.13
N LEU J 62 19.79 -38.08 40.08
CA LEU J 62 20.77 -37.17 39.51
C LEU J 62 20.51 -35.72 39.86
N ASN J 63 19.42 -35.45 40.60
CA ASN J 63 19.05 -34.12 41.10
C ASN J 63 18.87 -33.11 39.98
N LEU J 64 18.29 -33.53 38.87
CA LEU J 64 18.10 -32.67 37.72
C LEU J 64 16.90 -31.75 37.85
N ALA J 65 16.12 -31.87 38.92
CA ALA J 65 15.03 -30.93 39.17
C ALA J 65 15.58 -29.60 39.67
N THR J 66 16.49 -29.65 40.63
CA THR J 66 17.11 -28.47 41.20
C THR J 66 18.40 -28.09 40.49
N LEU J 67 18.68 -28.68 39.32
CA LEU J 67 19.87 -28.34 38.58
C LEU J 67 19.75 -26.95 37.96
N GLY J 68 18.63 -26.68 37.30
CA GLY J 68 18.35 -25.40 36.74
C GLY J 68 17.41 -24.58 37.61
N SER J 69 16.68 -23.69 36.97
CA SER J 69 15.76 -22.81 37.67
C SER J 69 14.38 -23.46 37.75
N GLU J 70 13.38 -22.67 38.13
CA GLU J 70 11.99 -23.10 38.03
C GLU J 70 11.60 -23.30 36.58
N SER J 71 12.13 -22.48 35.68
CA SER J 71 11.81 -22.57 34.26
C SER J 71 12.37 -23.84 33.64
N THR J 72 13.52 -24.31 34.14
CA THR J 72 14.10 -25.53 33.62
C THR J 72 13.29 -26.75 34.02
N LEU J 73 12.78 -26.76 35.26
CA LEU J 73 11.91 -27.84 35.70
C LEU J 73 10.56 -27.78 35.00
N ALA J 74 10.06 -26.56 34.77
CA ALA J 74 8.80 -26.40 34.04
C ALA J 74 8.95 -26.82 32.58
N TRP J 75 10.15 -26.69 32.02
CA TRP J 75 10.40 -27.29 30.72
C TRP J 75 10.46 -28.81 30.81
N PHE J 76 10.95 -29.34 31.92
CA PHE J 76 11.08 -30.78 32.07
C PHE J 76 9.73 -31.45 32.26
N ARG J 77 8.83 -30.81 33.02
CA ARG J 77 7.50 -31.37 33.20
C ARG J 77 6.69 -31.26 31.92
N ALA J 78 6.87 -30.19 31.17
CA ALA J 78 6.23 -30.07 29.87
C ALA J 78 6.82 -31.03 28.85
N ALA J 79 8.05 -31.47 29.06
CA ALA J 79 8.65 -32.46 28.17
C ALA J 79 8.41 -33.88 28.62
N GLU J 80 8.18 -34.11 29.93
CA GLU J 80 7.77 -35.45 30.34
C GLU J 80 6.33 -35.71 29.92
N LEU J 81 5.47 -34.71 30.06
CA LEU J 81 4.06 -34.88 29.70
C LEU J 81 3.87 -34.97 28.19
N LYS J 82 4.67 -34.23 27.42
CA LYS J 82 4.55 -34.34 25.97
C LYS J 82 5.11 -35.66 25.48
N HIS J 83 6.21 -36.13 26.07
CA HIS J 83 6.69 -37.47 25.77
C HIS J 83 5.73 -38.54 26.27
N SER J 84 4.98 -38.24 27.35
CA SER J 84 3.98 -39.18 27.84
C SER J 84 2.84 -39.33 26.85
N ARG J 85 2.30 -38.20 26.40
CA ARG J 85 1.12 -38.22 25.53
C ARG J 85 1.44 -38.74 24.14
N VAL J 86 2.66 -38.54 23.65
CA VAL J 86 3.06 -39.16 22.39
C VAL J 86 3.18 -40.66 22.57
N ALA J 87 3.86 -41.11 23.64
CA ALA J 87 4.11 -42.53 23.82
C ALA J 87 2.86 -43.30 24.20
N MET J 88 1.88 -42.64 24.82
CA MET J 88 0.61 -43.32 25.08
C MET J 88 -0.18 -43.51 23.81
N LEU J 89 -0.16 -42.51 22.92
CA LEU J 89 -0.73 -42.70 21.59
C LEU J 89 0.10 -43.65 20.75
N ALA J 90 1.38 -43.79 21.06
CA ALA J 90 2.27 -44.69 20.35
C ALA J 90 2.10 -46.14 20.78
N THR J 91 1.92 -46.39 22.07
CA THR J 91 1.70 -47.74 22.55
C THR J 91 0.33 -48.25 22.11
N THR J 92 -0.68 -47.37 22.16
CA THR J 92 -2.00 -47.73 21.64
C THR J 92 -1.96 -47.92 20.14
N GLY J 93 -1.31 -47.02 19.42
CA GLY J 93 -1.24 -47.10 17.97
C GLY J 93 -0.40 -48.23 17.44
N TYR J 94 0.47 -48.81 18.26
CA TYR J 94 1.17 -50.02 17.84
C TYR J 94 0.33 -51.26 18.08
N LEU J 95 -0.41 -51.29 19.20
CA LEU J 95 -1.17 -52.49 19.55
C LEU J 95 -2.40 -52.66 18.68
N VAL J 96 -3.12 -51.57 18.40
CA VAL J 96 -4.31 -51.67 17.55
C VAL J 96 -3.97 -51.72 16.08
N GLN J 97 -2.72 -51.50 15.70
CA GLN J 97 -2.28 -51.76 14.34
C GLN J 97 -1.55 -53.08 14.20
N ALA J 98 -1.15 -53.69 15.31
CA ALA J 98 -0.70 -55.07 15.29
C ALA J 98 -1.83 -56.06 15.49
N ALA J 99 -2.95 -55.62 16.07
CA ALA J 99 -4.12 -56.47 16.21
C ALA J 99 -4.88 -56.64 14.91
N GLY J 100 -4.55 -55.88 13.88
CA GLY J 100 -5.17 -56.03 12.58
C GLY J 100 -6.41 -55.18 12.36
N ILE J 101 -6.95 -54.56 13.39
CA ILE J 101 -8.13 -53.73 13.23
C ILE J 101 -7.75 -52.41 12.58
N HIS J 102 -8.58 -51.94 11.67
CA HIS J 102 -8.24 -50.81 10.82
C HIS J 102 -9.53 -50.13 10.36
N PHE J 103 -9.35 -48.96 9.77
CA PHE J 103 -10.46 -48.19 9.22
C PHE J 103 -10.92 -48.76 7.88
N PRO J 104 -12.18 -48.59 7.53
CA PRO J 104 -12.59 -48.83 6.14
C PRO J 104 -12.58 -47.56 5.31
N GLY J 105 -12.21 -47.64 4.03
CA GLY J 105 -11.56 -48.80 3.44
C GLY J 105 -10.32 -48.41 2.66
N MET J 106 -10.28 -47.17 2.19
CA MET J 106 -9.19 -46.66 1.37
C MET J 106 -8.62 -45.41 2.01
N LEU J 107 -7.32 -45.44 2.33
CA LEU J 107 -6.66 -44.27 2.89
C LEU J 107 -6.46 -43.20 1.84
N SER J 108 -5.88 -43.55 0.70
CA SER J 108 -5.74 -42.65 -0.41
C SER J 108 -6.58 -43.16 -1.58
N SER J 109 -6.44 -42.50 -2.73
CA SER J 109 -7.03 -43.04 -3.95
C SER J 109 -6.26 -44.26 -4.45
N ASP J 110 -5.02 -44.44 -4.02
CA ASP J 110 -4.21 -45.58 -4.42
C ASP J 110 -3.89 -46.52 -3.26
N VAL J 111 -3.89 -46.03 -2.03
CA VAL J 111 -3.45 -46.79 -0.86
C VAL J 111 -4.66 -47.10 0.01
N SER J 112 -4.92 -48.39 0.21
CA SER J 112 -5.99 -48.82 1.10
C SER J 112 -5.51 -48.84 2.54
N PHE J 113 -6.47 -48.84 3.47
CA PHE J 113 -6.12 -49.07 4.87
C PHE J 113 -5.70 -50.51 5.12
N GLU J 114 -6.26 -51.46 4.38
CA GLU J 114 -5.96 -52.87 4.60
C GLU J 114 -4.57 -53.25 4.12
N SER J 115 -3.99 -52.48 3.19
CA SER J 115 -2.61 -52.74 2.78
C SER J 115 -1.62 -52.42 3.89
N LEU J 116 -1.93 -51.42 4.71
CA LEU J 116 -1.05 -51.06 5.81
C LEU J 116 -1.31 -51.91 7.05
N SER J 117 -2.46 -52.57 7.13
CA SER J 117 -2.76 -53.41 8.28
C SER J 117 -2.06 -54.77 8.20
N ALA J 118 -1.53 -55.14 7.03
CA ALA J 118 -0.82 -56.40 6.90
C ALA J 118 0.61 -56.30 7.38
N MET J 119 1.29 -55.20 7.08
CA MET J 119 2.68 -55.03 7.48
C MET J 119 2.75 -54.58 8.93
N LYS J 120 3.97 -54.49 9.44
CA LYS J 120 4.19 -54.00 10.79
C LYS J 120 3.92 -52.50 10.85
N PRO J 121 3.48 -51.99 12.00
CA PRO J 121 3.13 -50.56 12.08
C PRO J 121 4.33 -49.63 11.94
N LEU J 122 5.53 -50.06 12.29
CA LEU J 122 6.70 -49.24 12.05
C LEU J 122 7.07 -49.22 10.57
N ASP J 123 6.67 -50.23 9.81
CA ASP J 123 6.89 -50.24 8.37
C ASP J 123 5.70 -49.70 7.61
N ALA J 124 4.54 -49.53 8.25
CA ALA J 124 3.37 -48.97 7.58
C ALA J 124 3.51 -47.48 7.35
N TRP J 125 4.30 -46.79 8.17
CA TRP J 125 4.51 -45.36 8.01
C TRP J 125 5.29 -45.05 6.74
N ASP J 126 6.12 -45.98 6.28
CA ASP J 126 6.84 -45.79 5.03
C ASP J 126 5.92 -45.87 3.82
N ALA J 127 4.75 -46.49 3.96
CA ALA J 127 3.81 -46.64 2.86
C ALA J 127 2.66 -45.65 2.91
N VAL J 128 2.59 -44.82 3.94
CA VAL J 128 1.67 -43.67 3.95
C VAL J 128 2.09 -42.70 2.85
N PRO J 129 1.17 -42.15 2.06
CA PRO J 129 1.57 -41.25 0.98
C PRO J 129 2.19 -39.96 1.49
N GLU J 130 3.01 -39.35 0.63
CA GLU J 130 3.75 -38.16 1.02
C GLU J 130 2.82 -36.96 1.20
N GLY J 131 1.68 -36.95 0.52
CA GLY J 131 0.70 -35.91 0.77
C GLY J 131 -0.04 -36.12 2.07
N GLY J 132 -0.10 -37.35 2.54
CA GLY J 132 -0.77 -37.65 3.79
C GLY J 132 0.10 -37.35 4.99
N LYS J 133 1.40 -37.66 4.87
CA LYS J 133 2.34 -37.31 5.93
C LYS J 133 2.52 -35.80 6.03
N ASN J 134 2.38 -35.08 4.91
CA ASN J 134 2.41 -33.62 4.96
C ASN J 134 1.18 -33.05 5.62
N GLN J 135 0.04 -33.74 5.52
CA GLN J 135 -1.15 -33.33 6.27
C GLN J 135 -0.96 -33.56 7.75
N ILE J 136 -0.25 -34.63 8.11
CA ILE J 136 0.00 -34.91 9.52
C ILE J 136 1.01 -33.92 10.08
N TYR J 137 2.10 -33.68 9.36
CA TYR J 137 3.14 -32.76 9.82
C TYR J 137 2.67 -31.32 9.86
N PHE J 138 1.61 -30.97 9.15
CA PHE J 138 1.10 -29.60 9.21
C PHE J 138 0.22 -29.38 10.44
N THR J 139 -0.64 -30.35 10.77
CA THR J 139 -1.50 -30.20 11.94
C THR J 139 -0.72 -30.39 13.23
N ILE J 140 0.34 -31.19 13.20
CA ILE J 140 1.22 -31.29 14.36
C ILE J 140 1.97 -29.98 14.57
N PHE J 141 2.48 -29.39 13.48
CA PHE J 141 3.16 -28.10 13.57
C PHE J 141 2.22 -27.00 14.04
N LEU J 142 0.98 -27.00 13.54
CA LEU J 142 0.03 -25.98 13.92
C LEU J 142 -0.43 -26.15 15.36
N ALA J 143 -0.35 -27.37 15.90
CA ALA J 143 -0.64 -27.56 17.30
C ALA J 143 0.53 -27.15 18.18
N GLU J 144 1.76 -27.42 17.72
CA GLU J 144 2.94 -27.01 18.48
C GLU J 144 3.14 -25.51 18.42
N PHE J 145 2.79 -24.88 17.30
CA PHE J 145 2.87 -23.43 17.19
C PHE J 145 1.85 -22.75 18.07
N ILE J 146 0.68 -23.36 18.28
CA ILE J 146 -0.35 -22.72 19.07
C ILE J 146 -0.07 -22.87 20.56
N THR J 147 0.35 -24.06 21.00
CA THR J 147 0.57 -24.31 22.41
C THR J 147 1.76 -23.55 22.97
N GLU J 148 2.74 -23.21 22.14
CA GLU J 148 3.87 -22.40 22.58
C GLU J 148 3.62 -20.92 22.40
N CYS J 149 2.49 -20.54 21.85
CA CYS J 149 2.17 -19.13 21.65
C CYS J 149 0.87 -18.73 22.32
N LYS J 150 0.11 -19.69 22.87
CA LYS J 150 -0.95 -19.36 23.80
C LYS J 150 -0.37 -18.66 25.02
N GLY J 151 -1.12 -17.71 25.55
CA GLY J 151 -0.56 -16.74 26.47
C GLY J 151 -0.15 -17.34 27.80
N THR J 152 0.87 -16.73 28.40
CA THR J 152 1.50 -17.15 29.66
C THR J 152 2.02 -18.58 29.55
N HIS J 153 3.10 -18.69 28.78
CA HIS J 153 3.85 -19.91 28.49
C HIS J 153 4.20 -20.77 29.71
N TYR J 154 4.37 -22.07 29.50
CA TYR J 154 4.54 -23.00 30.60
C TYR J 154 5.90 -22.86 31.27
N THR J 155 6.90 -22.34 30.57
CA THR J 155 8.20 -22.11 31.19
C THR J 155 8.17 -20.91 32.12
N LYS J 156 7.25 -19.98 31.91
CA LYS J 156 6.92 -18.95 32.88
C LYS J 156 5.89 -19.53 33.85
N GLY J 157 5.23 -18.68 34.62
CA GLY J 157 4.19 -19.17 35.50
C GLY J 157 2.88 -19.49 34.79
N GLY J 158 2.90 -20.42 33.84
CA GLY J 158 1.74 -20.70 33.03
C GLY J 158 1.36 -22.16 32.99
N PRO J 159 0.24 -22.46 32.34
CA PRO J 159 -0.26 -23.84 32.28
C PRO J 159 0.46 -24.67 31.23
N LEU J 160 0.41 -25.98 31.45
CA LEU J 160 0.95 -26.92 30.48
C LEU J 160 0.00 -27.00 29.28
N PRO J 161 0.48 -27.45 28.11
CA PRO J 161 -0.35 -27.43 26.90
C PRO J 161 -1.61 -28.28 26.98
N THR J 162 -2.73 -27.68 26.56
CA THR J 162 -4.04 -28.29 26.58
C THR J 162 -4.46 -28.66 25.15
N ILE J 163 -5.71 -29.14 25.02
CA ILE J 163 -6.24 -29.58 23.74
C ILE J 163 -6.28 -28.41 22.76
N VAL J 164 -5.71 -28.58 21.56
CA VAL J 164 -5.80 -27.40 20.68
C VAL J 164 -7.18 -27.30 20.06
N PHE J 165 -7.69 -28.38 19.46
CA PHE J 165 -9.02 -28.34 18.87
C PHE J 165 -9.78 -29.64 19.17
N PRO J 166 -10.97 -29.57 19.76
CA PRO J 166 -11.67 -28.36 20.23
C PRO J 166 -11.29 -27.98 21.67
N PRO J 167 -11.18 -26.69 21.97
CA PRO J 167 -10.66 -26.28 23.29
C PRO J 167 -11.69 -26.37 24.41
N ILE J 168 -11.63 -27.44 25.19
CA ILE J 168 -12.46 -27.61 26.38
C ILE J 168 -11.63 -28.06 27.57
N ASP J 169 -10.83 -29.11 27.36
CA ASP J 169 -9.75 -29.74 28.12
C ASP J 169 -10.22 -30.68 29.23
N PHE J 170 -11.52 -30.77 29.53
CA PHE J 170 -12.14 -31.81 30.38
C PHE J 170 -11.61 -31.86 31.81
N SER J 171 -10.97 -30.80 32.31
CA SER J 171 -10.24 -30.90 33.56
C SER J 171 -11.16 -30.75 34.77
N THR J 172 -10.92 -31.58 35.78
CA THR J 172 -11.67 -31.50 37.03
C THR J 172 -11.18 -30.30 37.84
N VAL J 173 -12.13 -29.49 38.34
CA VAL J 173 -11.75 -28.32 39.13
C VAL J 173 -11.41 -28.66 40.57
N ASN J 174 -11.67 -29.88 41.01
CA ASN J 174 -11.37 -30.32 42.36
C ASN J 174 -9.88 -30.63 42.49
N PRO J 175 -9.11 -29.87 43.26
CA PRO J 175 -7.65 -30.09 43.28
C PRO J 175 -7.22 -31.35 44.02
N GLU J 176 -8.10 -31.96 44.81
CA GLU J 176 -7.75 -33.24 45.42
C GLU J 176 -8.01 -34.40 44.46
N GLN J 177 -8.95 -34.24 43.53
CA GLN J 177 -9.20 -35.27 42.53
C GLN J 177 -8.36 -35.07 41.28
N LEU J 178 -8.10 -33.81 40.89
CA LEU J 178 -7.34 -33.54 39.67
C LEU J 178 -5.88 -33.93 39.83
N LYS J 179 -5.31 -33.71 41.02
CA LYS J 179 -3.90 -34.01 41.26
C LYS J 179 -3.61 -35.50 41.19
N THR J 180 -4.56 -36.34 41.58
CA THR J 180 -4.39 -37.78 41.39
C THR J 180 -4.56 -38.16 39.93
N ARG J 181 -5.41 -37.44 39.19
CA ARG J 181 -5.64 -37.74 37.79
C ARG J 181 -4.42 -37.43 36.93
N GLN J 182 -3.76 -36.30 37.20
CA GLN J 182 -2.54 -35.99 36.47
C GLN J 182 -1.34 -36.75 37.02
N ASN J 183 -1.45 -37.29 38.22
CA ASN J 183 -0.49 -38.27 38.68
C ASN J 183 -0.73 -39.61 37.99
N ARG J 184 -1.93 -39.84 37.47
CA ARG J 184 -2.20 -41.04 36.69
C ARG J 184 -1.80 -40.89 35.23
N GLU J 185 -1.83 -39.66 34.70
CA GLU J 185 -1.41 -39.44 33.32
C GLU J 185 0.09 -39.63 33.17
N LEU J 186 0.86 -39.27 34.20
CA LEU J 186 2.31 -39.27 34.09
C LEU J 186 2.87 -40.69 34.09
N ASN J 187 2.52 -41.49 35.08
CA ASN J 187 3.12 -42.81 35.17
C ASN J 187 2.51 -43.83 34.22
N ASN J 188 1.28 -43.60 33.75
CA ASN J 188 0.82 -44.32 32.57
C ASN J 188 1.63 -43.89 31.35
N GLY J 189 1.95 -42.61 31.26
CA GLY J 189 2.83 -42.16 30.18
C GLY J 189 4.27 -42.55 30.38
N ARG J 190 4.70 -42.72 31.63
CA ARG J 190 6.05 -43.21 31.89
C ARG J 190 6.19 -44.66 31.46
N LEU J 191 5.17 -45.48 31.72
CA LEU J 191 5.20 -46.87 31.30
C LEU J 191 5.11 -46.99 29.78
N ALA J 192 4.32 -46.12 29.16
CA ALA J 192 4.21 -46.11 27.71
C ALA J 192 5.48 -45.61 27.04
N MET J 193 6.29 -44.83 27.73
CA MET J 193 7.59 -44.45 27.18
C MET J 193 8.54 -45.63 27.14
N ILE J 194 8.53 -46.45 28.19
CA ILE J 194 9.32 -47.68 28.20
C ILE J 194 8.74 -48.70 27.22
N ALA J 195 7.42 -48.68 27.03
CA ALA J 195 6.75 -49.67 26.20
C ALA J 195 7.09 -49.48 24.73
N ILE J 196 7.04 -48.24 24.23
CA ILE J 196 7.30 -48.00 22.83
C ILE J 196 8.79 -48.16 22.51
N MET J 197 9.65 -47.98 23.51
CA MET J 197 11.05 -48.33 23.30
C MET J 197 11.26 -49.83 23.28
N SER J 198 10.37 -50.59 23.93
CA SER J 198 10.42 -52.04 23.82
C SER J 198 9.87 -52.52 22.49
N PHE J 199 8.97 -51.74 21.88
CA PHE J 199 8.43 -52.12 20.59
C PHE J 199 9.41 -51.87 19.46
N VAL J 200 10.31 -50.88 19.62
CA VAL J 200 11.34 -50.63 18.63
C VAL J 200 12.62 -51.40 18.90
N ALA J 201 12.77 -51.94 20.11
CA ALA J 201 13.86 -52.86 20.40
C ALA J 201 13.49 -54.30 20.07
N ALA J 202 12.23 -54.57 19.75
CA ALA J 202 11.81 -55.87 19.26
C ALA J 202 11.66 -55.90 17.74
N ALA J 203 11.50 -54.74 17.11
CA ALA J 203 11.40 -54.66 15.66
C ALA J 203 12.74 -54.42 14.99
N ASN J 204 13.77 -54.06 15.75
CA ASN J 204 15.11 -53.85 15.21
C ASN J 204 16.05 -55.00 15.55
N ILE J 205 16.17 -55.32 16.83
CA ILE J 205 17.00 -56.44 17.29
C ILE J 205 16.06 -57.60 17.58
N PRO J 206 16.19 -58.74 16.89
CA PRO J 206 15.35 -59.90 17.20
C PRO J 206 15.69 -60.47 18.58
N GLY J 207 14.67 -60.53 19.44
CA GLY J 207 14.89 -60.87 20.82
C GLY J 207 14.57 -59.70 21.73
N SER J 208 15.42 -59.49 22.74
CA SER J 208 15.49 -58.30 23.61
C SER J 208 14.34 -58.15 24.60
N VAL J 209 13.28 -58.93 24.44
CA VAL J 209 12.10 -58.94 25.29
C VAL J 209 11.55 -60.36 25.32
N PRO J 210 11.20 -60.89 26.49
CA PRO J 210 10.72 -62.29 26.53
C PRO J 210 9.33 -62.48 25.97
N ALA J 211 8.40 -61.58 26.28
CA ALA J 211 7.00 -61.76 25.88
C ALA J 211 6.71 -61.24 24.47
N LEU J 212 7.73 -60.82 23.74
CA LEU J 212 7.60 -60.44 22.34
C LEU J 212 8.64 -61.19 21.53
N ALA J 213 8.85 -60.74 20.28
CA ALA J 213 9.81 -61.31 19.33
C ALA J 213 9.50 -62.77 19.00
N GLY J 214 8.23 -63.13 19.03
CA GLY J 214 7.77 -64.42 18.55
C GLY J 214 6.58 -64.19 17.64
N ASN J 215 6.10 -62.96 17.63
CA ASN J 215 4.97 -62.38 16.91
C ASN J 215 5.45 -61.72 15.62
N PRO J 216 4.73 -61.88 14.51
CA PRO J 216 5.17 -61.33 13.23
C PRO J 216 4.85 -59.85 13.03
N MET J 217 4.37 -59.16 14.06
CA MET J 217 4.03 -57.75 13.96
C MET J 217 4.95 -56.84 14.77
N PHE J 218 5.49 -57.33 15.88
CA PHE J 218 6.35 -56.52 16.74
C PHE J 218 7.80 -56.59 16.27
#